data_8DB1
#
_entry.id   8DB1
#
_cell.length_a   89.644
_cell.length_b   107.211
_cell.length_c   178.984
_cell.angle_alpha   90.000
_cell.angle_beta   90.000
_cell.angle_gamma   90.000
#
_symmetry.space_group_name_H-M   'P 21 21 21'
#
loop_
_entity.id
_entity.type
_entity.pdbx_description
1 polymer 'Dimethylallyltryptophan synthase 1'
2 non-polymer TRYPTOPHAN
3 water water
#
_entity_poly.entity_id   1
_entity_poly.type   'polypeptide(L)'
_entity_poly.pdbx_seq_one_letter_code
;MLLQASQATQSVWKTLNKWLPPLSRDKDWWWKTLGPQINTLLTEADYDLNERYEALLLLYRWVVPEMGPRPRSSVAPSKS
FMTDDHSPIEYSWKWISGNKKPEIRYAVELVSPLAGSKQDPFNQIPTRNLVYNLAKIIPELDLTWFEHFWHELLGPGSPT
TSTSGVLTKGSTVFAALEMLHGHLSVKVYFIPVETPDFSAWHQIKHAIEASGCPNLEALNHVDAYLSSHDDGRQLRPFML
AIDLVEPAASRLKIYARSNQTSFRFVRDVMTIGGLRTDLDRSIEKFSDLWKRALGLDPDTPPEDELPKVDHLTSGAVFNF
DVAPKSQIPEVKAYIPVRHYANNDLQAALGLIGYLEDHGHGGYSQSYLRGLDMLAPSGQLDQATGVQTYFAVACQGEDLS
LTSYLNPQFYAAFQEPERT
;
_entity_poly.pdbx_strand_id   A,B,C,D
#
# COMPACT_ATOMS: atom_id res chain seq x y z
N SER A 11 -1.06 1.13 -26.21
CA SER A 11 -0.55 -0.13 -26.74
C SER A 11 0.80 -0.52 -26.14
N VAL A 12 0.90 -1.77 -25.66
CA VAL A 12 2.14 -2.22 -25.03
C VAL A 12 3.28 -2.19 -26.03
N TRP A 13 3.02 -2.65 -27.26
CA TRP A 13 4.06 -2.60 -28.27
C TRP A 13 4.45 -1.16 -28.59
N LYS A 14 3.47 -0.26 -28.69
CA LYS A 14 3.80 1.14 -29.00
C LYS A 14 4.68 1.75 -27.91
N THR A 15 4.37 1.47 -26.65
CA THR A 15 5.21 1.98 -25.56
C THR A 15 6.61 1.40 -25.63
N LEU A 16 6.72 0.07 -25.70
CA LEU A 16 8.03 -0.57 -25.74
C LEU A 16 8.84 -0.10 -26.95
N ASN A 17 8.18 0.09 -28.09
CA ASN A 17 8.87 0.57 -29.28
C ASN A 17 9.32 2.01 -29.12
N LYS A 18 8.53 2.83 -28.41
CA LYS A 18 8.97 4.20 -28.16
C LYS A 18 10.24 4.20 -27.31
N TRP A 19 10.36 3.27 -26.36
CA TRP A 19 11.44 3.38 -25.38
C TRP A 19 12.57 2.37 -25.50
N LEU A 20 12.38 1.23 -26.15
CA LEU A 20 13.51 0.32 -26.30
C LEU A 20 14.46 0.83 -27.37
N PRO A 21 15.75 0.48 -27.30
CA PRO A 21 16.71 0.98 -28.29
C PRO A 21 16.39 0.49 -29.69
N PRO A 22 16.57 1.35 -30.69
CA PRO A 22 16.19 0.96 -32.05
C PRO A 22 17.10 -0.13 -32.60
N LEU A 23 16.52 -0.97 -33.45
CA LEU A 23 17.17 -2.12 -34.04
C LEU A 23 17.55 -1.85 -35.48
N SER A 24 18.43 -2.70 -36.00
CA SER A 24 18.80 -2.60 -37.40
C SER A 24 17.63 -3.02 -38.29
N ARG A 25 17.82 -2.86 -39.60
CA ARG A 25 16.70 -2.96 -40.54
C ARG A 25 15.93 -4.26 -40.40
N ASP A 26 16.63 -5.39 -40.47
CA ASP A 26 15.96 -6.69 -40.41
C ASP A 26 15.28 -6.92 -39.06
N LYS A 27 16.05 -6.73 -37.98
CA LYS A 27 15.48 -6.96 -36.65
C LYS A 27 14.32 -6.02 -36.38
N ASP A 28 14.43 -4.77 -36.84
CA ASP A 28 13.34 -3.82 -36.66
C ASP A 28 12.10 -4.21 -37.45
N TRP A 29 12.25 -4.70 -38.68
CA TRP A 29 11.09 -5.18 -39.41
C TRP A 29 10.40 -6.29 -38.64
N TRP A 30 11.17 -7.26 -38.16
CA TRP A 30 10.58 -8.36 -37.43
C TRP A 30 9.90 -7.85 -36.16
N TRP A 31 10.51 -6.88 -35.48
CA TRP A 31 9.92 -6.33 -34.28
C TRP A 31 8.59 -5.63 -34.60
N LYS A 32 8.59 -4.73 -35.59
CA LYS A 32 7.41 -3.96 -35.89
C LYS A 32 6.33 -4.80 -36.57
N THR A 33 6.63 -6.04 -36.96
CA THR A 33 5.62 -6.97 -37.44
C THR A 33 5.13 -7.95 -36.37
N LEU A 34 6.04 -8.61 -35.65
CA LEU A 34 5.63 -9.62 -34.68
C LEU A 34 5.06 -9.00 -33.41
N GLY A 35 5.63 -7.89 -32.95
CA GLY A 35 5.15 -7.24 -31.75
C GLY A 35 3.68 -6.88 -31.82
N PRO A 36 3.29 -6.11 -32.84
CA PRO A 36 1.86 -5.78 -32.97
C PRO A 36 0.98 -7.02 -33.08
N GLN A 37 1.43 -8.07 -33.76
CA GLN A 37 0.60 -9.27 -33.91
C GLN A 37 0.41 -9.98 -32.58
N ILE A 38 1.51 -10.28 -31.87
CA ILE A 38 1.41 -10.96 -30.58
C ILE A 38 0.65 -10.10 -29.56
N ASN A 39 0.90 -8.79 -29.57
CA ASN A 39 0.18 -7.92 -28.65
C ASN A 39 -1.32 -7.90 -28.96
N THR A 40 -1.70 -7.85 -30.25
CA THR A 40 -3.12 -7.86 -30.61
C THR A 40 -3.80 -9.15 -30.17
N LEU A 41 -3.14 -10.29 -30.39
CA LEU A 41 -3.72 -11.56 -29.99
C LEU A 41 -3.91 -11.63 -28.49
N LEU A 42 -2.86 -11.23 -27.73
CA LEU A 42 -2.96 -11.27 -26.27
C LEU A 42 -4.02 -10.31 -25.74
N THR A 43 -4.19 -9.16 -26.41
CA THR A 43 -5.19 -8.22 -25.98
C THR A 43 -6.59 -8.75 -26.24
N GLU A 44 -6.79 -9.38 -27.41
CA GLU A 44 -8.09 -9.98 -27.69
C GLU A 44 -8.37 -11.18 -26.79
N ALA A 45 -7.32 -11.87 -26.31
CA ALA A 45 -7.49 -12.95 -25.35
C ALA A 45 -7.59 -12.44 -23.92
N ASP A 46 -7.58 -11.12 -23.72
CA ASP A 46 -7.78 -10.47 -22.42
C ASP A 46 -6.68 -10.84 -21.43
N TYR A 47 -5.44 -10.94 -21.92
CA TYR A 47 -4.31 -11.12 -21.02
C TYR A 47 -4.05 -9.84 -20.22
N ASP A 48 -3.57 -10.02 -18.99
CA ASP A 48 -3.22 -8.88 -18.16
C ASP A 48 -2.07 -8.09 -18.78
N LEU A 49 -2.04 -6.79 -18.47
CA LEU A 49 -1.05 -5.89 -19.08
C LEU A 49 0.38 -6.40 -18.85
N ASN A 50 0.70 -6.76 -17.61
CA ASN A 50 2.05 -7.22 -17.30
C ASN A 50 2.46 -8.38 -18.20
N GLU A 51 1.55 -9.31 -18.45
CA GLU A 51 1.90 -10.46 -19.26
C GLU A 51 2.19 -10.05 -20.69
N ARG A 52 1.45 -9.06 -21.18
CA ARG A 52 1.74 -8.50 -22.50
C ARG A 52 3.13 -7.90 -22.55
N TYR A 53 3.52 -7.16 -21.50
CA TYR A 53 4.86 -6.58 -21.45
C TYR A 53 5.93 -7.66 -21.46
N GLU A 54 5.75 -8.70 -20.63
CA GLU A 54 6.71 -9.80 -20.58
C GLU A 54 6.83 -10.49 -21.93
N ALA A 55 5.70 -10.77 -22.57
CA ALA A 55 5.72 -11.45 -23.86
C ALA A 55 6.53 -10.65 -24.88
N LEU A 56 6.28 -9.33 -24.95
CA LEU A 56 6.98 -8.53 -25.94
C LEU A 56 8.45 -8.30 -25.56
N LEU A 57 8.78 -8.25 -24.27
CA LEU A 57 10.20 -8.11 -23.91
C LEU A 57 10.98 -9.38 -24.23
N LEU A 58 10.39 -10.55 -24.00
CA LEU A 58 11.00 -11.79 -24.48
C LEU A 58 11.18 -11.73 -25.99
N LEU A 59 10.11 -11.36 -26.70
CA LEU A 59 10.19 -11.25 -28.15
C LEU A 59 11.32 -10.34 -28.59
N TYR A 60 11.48 -9.21 -27.92
CA TYR A 60 12.50 -8.24 -28.31
C TYR A 60 13.91 -8.76 -28.04
N ARG A 61 14.12 -9.44 -26.92
CA ARG A 61 15.48 -9.84 -26.57
C ARG A 61 15.93 -11.14 -27.23
N TRP A 62 15.07 -12.15 -27.32
CA TRP A 62 15.51 -13.49 -27.71
C TRP A 62 14.99 -13.98 -29.06
N VAL A 63 13.84 -13.50 -29.52
CA VAL A 63 13.28 -14.00 -30.76
C VAL A 63 13.62 -13.09 -31.94
N VAL A 64 13.35 -11.79 -31.80
CA VAL A 64 13.60 -10.86 -32.90
C VAL A 64 15.03 -10.91 -33.42
N PRO A 65 16.08 -10.93 -32.58
CA PRO A 65 17.44 -10.93 -33.13
C PRO A 65 17.79 -12.15 -33.97
N GLU A 66 17.04 -13.24 -33.85
CA GLU A 66 17.40 -14.51 -34.49
C GLU A 66 16.42 -14.94 -35.58
N MET A 67 15.66 -14.01 -36.17
CA MET A 67 14.70 -14.33 -37.22
C MET A 67 15.31 -14.29 -38.61
N GLY A 68 16.54 -13.83 -38.75
CA GLY A 68 17.17 -13.76 -40.05
C GLY A 68 16.74 -12.53 -40.83
N PRO A 69 17.03 -12.52 -42.12
CA PRO A 69 16.67 -11.35 -42.94
C PRO A 69 15.15 -11.19 -43.02
N ARG A 70 14.72 -9.94 -43.19
CA ARG A 70 13.31 -9.64 -43.28
C ARG A 70 12.73 -10.13 -44.61
N PRO A 71 11.45 -10.47 -44.64
CA PRO A 71 10.79 -10.78 -45.91
C PRO A 71 10.93 -9.61 -46.86
N ARG A 72 11.26 -9.93 -48.10
CA ARG A 72 11.36 -8.89 -49.11
C ARG A 72 10.71 -9.30 -50.41
N SER A 73 10.09 -10.47 -50.48
CA SER A 73 9.42 -10.94 -51.68
C SER A 73 8.43 -12.02 -51.27
N SER A 74 7.61 -12.43 -52.24
CA SER A 74 6.78 -13.62 -52.06
C SER A 74 7.60 -14.91 -52.03
N VAL A 75 8.93 -14.79 -52.06
CA VAL A 75 9.84 -15.93 -52.12
C VAL A 75 10.54 -16.03 -50.77
N ALA A 76 10.36 -17.17 -50.11
CA ALA A 76 10.96 -17.34 -48.80
C ALA A 76 12.41 -17.79 -48.93
N PRO A 77 13.32 -17.41 -47.96
CA PRO A 77 14.72 -17.78 -48.03
C PRO A 77 14.99 -19.19 -47.51
N SER A 78 13.95 -19.97 -47.33
CA SER A 78 14.09 -21.33 -46.78
C SER A 78 12.87 -22.14 -47.17
N LYS A 79 12.90 -23.42 -46.85
CA LYS A 79 11.74 -24.29 -47.07
C LYS A 79 11.32 -24.74 -45.68
N SER A 80 11.23 -23.79 -44.75
CA SER A 80 10.94 -24.14 -43.37
C SER A 80 9.64 -24.93 -43.25
N PHE A 81 9.63 -25.93 -42.37
CA PHE A 81 8.48 -26.81 -42.19
C PHE A 81 7.39 -26.22 -41.30
N MET A 82 7.62 -25.02 -40.75
CA MET A 82 6.67 -24.42 -39.82
C MET A 82 5.31 -24.17 -40.49
N THR A 83 5.31 -23.58 -41.68
CA THR A 83 4.06 -23.29 -42.39
C THR A 83 4.23 -23.62 -43.86
N ASP A 84 3.10 -23.70 -44.57
CA ASP A 84 3.15 -24.12 -45.98
C ASP A 84 3.88 -23.10 -46.86
N ASP A 85 3.75 -21.80 -46.56
CA ASP A 85 4.51 -20.80 -47.31
C ASP A 85 5.90 -20.57 -46.74
N HIS A 86 6.25 -21.31 -45.69
CA HIS A 86 7.53 -21.30 -44.98
C HIS A 86 7.68 -20.05 -44.13
N SER A 87 6.59 -19.53 -43.59
CA SER A 87 6.68 -18.52 -42.57
C SER A 87 7.28 -19.17 -41.33
N PRO A 88 8.26 -18.58 -40.70
CA PRO A 88 8.90 -19.21 -39.55
C PRO A 88 8.19 -18.94 -38.23
N ILE A 89 6.93 -18.50 -38.28
CA ILE A 89 6.13 -18.25 -37.08
C ILE A 89 4.76 -18.88 -37.27
N GLU A 90 4.23 -19.47 -36.21
CA GLU A 90 2.86 -19.98 -36.22
C GLU A 90 2.19 -19.65 -34.90
N TYR A 91 1.10 -18.89 -34.92
CA TYR A 91 0.39 -18.63 -33.67
C TYR A 91 -0.68 -19.70 -33.45
N SER A 92 -1.18 -19.79 -32.22
CA SER A 92 -2.30 -20.68 -31.98
C SER A 92 -3.12 -20.14 -30.83
N TRP A 93 -4.42 -20.38 -30.93
CA TRP A 93 -5.46 -19.78 -30.10
C TRP A 93 -6.27 -20.97 -29.58
N LYS A 94 -6.04 -21.34 -28.33
CA LYS A 94 -6.71 -22.49 -27.75
C LYS A 94 -7.98 -22.01 -27.06
N TRP A 95 -9.13 -22.59 -27.47
CA TRP A 95 -10.41 -22.25 -26.87
C TRP A 95 -10.60 -23.07 -25.59
N ILE A 96 -10.95 -22.38 -24.50
CA ILE A 96 -11.15 -23.00 -23.20
C ILE A 96 -12.63 -22.97 -22.87
N SER A 97 -13.12 -24.08 -22.32
CA SER A 97 -14.54 -24.18 -21.97
C SER A 97 -14.84 -23.32 -20.75
N GLY A 98 -16.13 -23.11 -20.52
CA GLY A 98 -16.57 -22.45 -19.29
C GLY A 98 -16.29 -20.96 -19.21
N ASN A 99 -16.44 -20.25 -20.34
CA ASN A 99 -16.33 -18.79 -20.40
C ASN A 99 -14.95 -18.27 -20.02
N LYS A 100 -13.95 -19.15 -20.03
CA LYS A 100 -12.59 -18.75 -19.69
C LYS A 100 -11.90 -18.13 -20.90
N LYS A 101 -10.77 -17.46 -20.63
CA LYS A 101 -10.01 -16.77 -21.66
C LYS A 101 -9.23 -17.76 -22.51
N PRO A 102 -9.08 -17.49 -23.80
CA PRO A 102 -8.26 -18.35 -24.65
C PRO A 102 -6.81 -18.33 -24.23
N GLU A 103 -6.08 -19.39 -24.61
CA GLU A 103 -4.65 -19.46 -24.37
C GLU A 103 -3.92 -19.17 -25.67
N ILE A 104 -2.93 -18.28 -25.62
CA ILE A 104 -2.16 -17.91 -26.79
C ILE A 104 -0.81 -18.59 -26.73
N ARG A 105 -0.41 -19.17 -27.85
CA ARG A 105 0.90 -19.78 -27.95
C ARG A 105 1.48 -19.38 -29.30
N TYR A 106 2.80 -19.38 -29.41
CA TYR A 106 3.37 -19.25 -30.74
C TYR A 106 4.64 -20.07 -30.85
N ALA A 107 4.76 -20.76 -31.99
CA ALA A 107 5.92 -21.54 -32.34
C ALA A 107 6.81 -20.74 -33.28
N VAL A 108 8.12 -20.86 -33.07
CA VAL A 108 9.12 -20.11 -33.83
C VAL A 108 10.25 -21.07 -34.20
N GLU A 109 10.74 -20.92 -35.43
CA GLU A 109 11.97 -21.57 -35.88
C GLU A 109 12.99 -20.45 -36.12
N LEU A 110 13.89 -20.24 -35.17
CA LEU A 110 14.94 -19.25 -35.34
C LEU A 110 15.97 -19.74 -36.35
N VAL A 111 16.75 -18.79 -36.88
CA VAL A 111 17.71 -19.09 -37.94
C VAL A 111 18.97 -18.27 -37.71
N SER A 112 20.03 -18.66 -38.40
CA SER A 112 21.32 -17.97 -38.34
C SER A 112 21.98 -18.08 -39.70
N PRO A 113 22.94 -17.22 -40.01
CA PRO A 113 23.65 -17.33 -41.30
C PRO A 113 24.35 -18.66 -41.51
N LEU A 114 24.41 -19.54 -40.51
CA LEU A 114 25.03 -20.86 -40.68
C LEU A 114 24.08 -21.92 -41.22
N ALA A 115 22.78 -21.62 -41.31
CA ALA A 115 21.81 -22.60 -41.76
C ALA A 115 22.15 -23.10 -43.16
N GLY A 116 22.39 -24.40 -43.28
CA GLY A 116 22.78 -25.02 -44.51
C GLY A 116 24.26 -25.28 -44.65
N SER A 117 25.10 -24.55 -43.92
CA SER A 117 26.53 -24.81 -43.90
C SER A 117 26.82 -26.11 -43.13
N LYS A 118 28.06 -26.58 -43.24
CA LYS A 118 28.45 -27.76 -42.48
C LYS A 118 28.52 -27.51 -40.97
N GLN A 119 28.42 -26.26 -40.53
CA GLN A 119 28.40 -25.96 -39.12
C GLN A 119 27.02 -26.04 -38.51
N ASP A 120 25.97 -26.06 -39.34
CA ASP A 120 24.61 -26.24 -38.88
C ASP A 120 23.73 -26.55 -40.08
N PRO A 121 23.84 -27.77 -40.65
CA PRO A 121 23.18 -28.04 -41.94
C PRO A 121 21.66 -28.09 -41.86
N PHE A 122 21.09 -28.28 -40.68
CA PHE A 122 19.64 -28.39 -40.54
C PHE A 122 19.06 -27.32 -39.62
N ASN A 123 19.82 -26.25 -39.36
CA ASN A 123 19.34 -25.05 -38.66
C ASN A 123 18.85 -25.36 -37.24
N GLN A 124 19.76 -25.90 -36.42
CA GLN A 124 19.38 -26.35 -35.09
C GLN A 124 19.93 -25.48 -33.96
N ILE A 125 21.04 -24.80 -34.17
CA ILE A 125 21.73 -24.05 -33.11
C ILE A 125 20.91 -22.89 -32.54
N PRO A 126 20.21 -22.08 -33.35
CA PRO A 126 19.44 -20.98 -32.74
C PRO A 126 18.34 -21.46 -31.81
N THR A 127 17.63 -22.53 -32.17
CA THR A 127 16.61 -23.09 -31.28
C THR A 127 17.21 -23.56 -29.96
N ARG A 128 18.36 -24.26 -30.04
CA ARG A 128 19.07 -24.67 -28.84
C ARG A 128 19.38 -23.48 -27.94
N ASN A 129 19.94 -22.43 -28.52
CA ASN A 129 20.32 -21.25 -27.75
C ASN A 129 19.10 -20.59 -27.12
N LEU A 130 18.00 -20.50 -27.87
CA LEU A 130 16.76 -19.94 -27.33
C LEU A 130 16.32 -20.72 -26.10
N VAL A 131 16.32 -22.06 -26.21
CA VAL A 131 15.86 -22.89 -25.10
C VAL A 131 16.76 -22.67 -23.89
N TYR A 132 18.08 -22.57 -24.10
CA TYR A 132 18.98 -22.39 -22.95
C TYR A 132 18.81 -21.02 -22.31
N ASN A 133 18.58 -19.99 -23.11
CA ASN A 133 18.30 -18.67 -22.57
C ASN A 133 17.03 -18.69 -21.72
N LEU A 134 15.95 -19.27 -22.24
CA LEU A 134 14.73 -19.36 -21.46
C LEU A 134 14.95 -20.13 -20.17
N ALA A 135 15.73 -21.22 -20.24
CA ALA A 135 15.98 -22.01 -19.04
C ALA A 135 16.69 -21.21 -17.98
N LYS A 136 17.62 -20.36 -18.42
CA LYS A 136 18.36 -19.50 -17.48
C LYS A 136 17.42 -18.49 -16.85
N ILE A 137 16.39 -18.03 -17.53
CA ILE A 137 15.50 -16.97 -16.96
C ILE A 137 14.33 -17.60 -16.20
N ILE A 138 13.57 -18.50 -16.83
CA ILE A 138 12.44 -19.21 -16.16
C ILE A 138 13.01 -20.46 -15.50
N PRO A 139 12.97 -20.59 -14.17
CA PRO A 139 13.59 -21.72 -13.49
C PRO A 139 12.80 -23.03 -13.62
N GLU A 140 11.48 -22.94 -13.75
CA GLU A 140 10.59 -24.10 -13.82
C GLU A 140 10.87 -25.01 -15.03
N LEU A 141 11.65 -24.55 -16.02
CA LEU A 141 11.99 -25.37 -17.17
C LEU A 141 13.07 -26.39 -16.84
N ASP A 142 12.86 -27.63 -17.28
CA ASP A 142 13.80 -28.74 -17.12
C ASP A 142 14.29 -29.21 -18.48
N LEU A 143 15.61 -29.35 -18.63
CA LEU A 143 16.18 -29.66 -19.93
C LEU A 143 16.70 -31.09 -20.08
N THR A 144 16.39 -31.96 -19.13
CA THR A 144 16.94 -33.34 -19.16
C THR A 144 16.45 -34.08 -20.40
N TRP A 145 15.14 -34.07 -20.64
CA TRP A 145 14.56 -34.79 -21.80
C TRP A 145 14.86 -34.03 -23.08
N PHE A 146 14.97 -32.69 -23.03
CA PHE A 146 15.36 -31.92 -24.23
C PHE A 146 16.72 -32.43 -24.68
N GLU A 147 17.65 -32.54 -23.73
CA GLU A 147 19.03 -32.98 -24.06
C GLU A 147 19.01 -34.41 -24.59
N HIS A 148 18.24 -35.29 -23.96
CA HIS A 148 18.14 -36.69 -24.41
C HIS A 148 17.61 -36.74 -25.84
N PHE A 149 16.45 -36.15 -26.09
CA PHE A 149 15.87 -36.30 -27.42
C PHE A 149 16.64 -35.51 -28.46
N TRP A 150 17.18 -34.35 -28.10
CA TRP A 150 18.08 -33.66 -29.01
C TRP A 150 19.23 -34.56 -29.38
N HIS A 151 19.89 -35.13 -28.39
CA HIS A 151 21.04 -35.97 -28.64
C HIS A 151 20.69 -37.14 -29.55
N GLU A 152 19.56 -37.81 -29.29
CA GLU A 152 19.24 -39.01 -30.05
C GLU A 152 18.73 -38.71 -31.45
N LEU A 153 18.07 -37.57 -31.66
CA LEU A 153 17.39 -37.30 -32.91
C LEU A 153 18.10 -36.30 -33.82
N LEU A 154 18.93 -35.42 -33.24
CA LEU A 154 19.61 -34.36 -33.96
C LEU A 154 21.13 -34.28 -33.73
N GLY A 155 21.70 -35.07 -32.85
CA GLY A 155 23.10 -34.87 -32.53
C GLY A 155 24.07 -35.51 -33.49
N PRO A 156 25.28 -35.77 -33.01
CA PRO A 156 26.34 -36.29 -33.89
C PRO A 156 26.10 -37.67 -34.50
N GLY A 157 25.28 -38.53 -33.90
CA GLY A 157 24.90 -39.77 -34.55
C GLY A 157 23.84 -39.56 -35.63
N SER A 158 22.58 -39.40 -35.22
CA SER A 158 21.43 -39.06 -36.07
C SER A 158 21.48 -39.60 -37.50
N LEU A 167 16.69 -37.34 -46.74
CA LEU A 167 15.40 -36.68 -47.02
C LEU A 167 14.91 -35.88 -45.81
N THR A 168 14.51 -34.62 -46.05
CA THR A 168 14.19 -33.69 -44.98
C THR A 168 12.86 -32.99 -45.25
N LYS A 169 12.12 -32.72 -44.19
CA LYS A 169 10.86 -31.97 -44.25
C LYS A 169 11.06 -30.46 -44.34
N GLY A 170 12.30 -29.98 -44.46
CA GLY A 170 12.59 -28.57 -44.51
C GLY A 170 13.05 -27.98 -43.19
N SER A 171 12.86 -28.69 -42.09
CA SER A 171 13.23 -28.23 -40.76
C SER A 171 13.40 -29.45 -39.87
N THR A 172 14.23 -29.33 -38.84
CA THR A 172 14.40 -30.45 -37.93
C THR A 172 14.07 -30.12 -36.47
N VAL A 173 13.90 -28.85 -36.12
CA VAL A 173 13.60 -28.50 -34.73
C VAL A 173 12.94 -27.14 -34.69
N PHE A 174 11.97 -26.98 -33.77
CA PHE A 174 11.52 -25.64 -33.44
C PHE A 174 10.92 -25.60 -32.04
N ALA A 175 10.71 -24.38 -31.53
CA ALA A 175 10.28 -24.20 -30.15
C ALA A 175 8.93 -23.49 -30.11
N ALA A 176 8.23 -23.63 -28.99
CA ALA A 176 6.93 -23.00 -28.83
C ALA A 176 6.82 -22.40 -27.43
N LEU A 177 6.35 -21.15 -27.38
CA LEU A 177 6.07 -20.45 -26.14
C LEU A 177 4.57 -20.45 -25.88
N GLU A 178 4.18 -20.95 -24.72
CA GLU A 178 2.77 -20.99 -24.34
C GLU A 178 2.61 -20.03 -23.17
N MET A 179 1.85 -18.95 -23.40
CA MET A 179 1.57 -18.00 -22.32
C MET A 179 0.32 -18.52 -21.62
N LEU A 180 0.49 -19.12 -20.44
CA LEU A 180 -0.60 -19.82 -19.78
C LEU A 180 -1.24 -18.97 -18.68
N HIS A 181 -1.38 -17.66 -18.92
CA HIS A 181 -2.05 -16.77 -17.99
C HIS A 181 -1.46 -16.92 -16.60
N GLY A 182 -0.27 -16.36 -16.38
CA GLY A 182 0.37 -16.52 -15.09
C GLY A 182 1.81 -16.99 -15.22
N HIS A 183 2.07 -17.94 -16.10
CA HIS A 183 3.42 -18.42 -16.31
C HIS A 183 3.61 -18.79 -17.77
N LEU A 184 4.85 -19.13 -18.10
CA LEU A 184 5.24 -19.47 -19.46
C LEU A 184 5.74 -20.91 -19.50
N SER A 185 5.24 -21.68 -20.46
CA SER A 185 5.72 -23.03 -20.73
C SER A 185 6.39 -23.07 -22.09
N VAL A 186 7.32 -24.01 -22.24
CA VAL A 186 8.06 -24.18 -23.49
C VAL A 186 7.87 -25.61 -24.00
N LYS A 187 7.69 -25.73 -25.30
CA LYS A 187 7.54 -27.01 -25.97
C LYS A 187 8.58 -27.07 -27.08
N VAL A 188 9.11 -28.26 -27.33
CA VAL A 188 10.14 -28.43 -28.35
C VAL A 188 9.67 -29.52 -29.31
N TYR A 189 9.83 -29.26 -30.60
CA TYR A 189 9.45 -30.16 -31.69
C TYR A 189 10.69 -30.62 -32.43
N PHE A 190 10.87 -31.93 -32.51
CA PHE A 190 11.94 -32.56 -33.27
C PHE A 190 11.35 -33.20 -34.52
N ILE A 191 11.90 -32.85 -35.67
CA ILE A 191 11.45 -33.43 -36.94
C ILE A 191 12.63 -34.24 -37.48
N PRO A 192 12.70 -35.54 -37.19
CA PRO A 192 13.87 -36.31 -37.60
C PRO A 192 14.07 -36.26 -39.10
N VAL A 193 15.34 -36.30 -39.50
CA VAL A 193 15.72 -36.47 -40.90
C VAL A 193 15.74 -37.96 -41.22
N GLU A 194 15.06 -38.35 -42.29
CA GLU A 194 14.88 -39.75 -42.62
C GLU A 194 15.95 -40.23 -43.60
N THR A 195 16.43 -41.45 -43.39
CA THR A 195 17.34 -42.14 -44.28
C THR A 195 16.66 -43.42 -44.76
N PRO A 196 17.12 -44.00 -45.89
CA PRO A 196 16.49 -45.23 -46.38
C PRO A 196 16.47 -46.37 -45.36
N ASP A 197 17.36 -46.36 -44.37
CA ASP A 197 17.40 -47.43 -43.39
C ASP A 197 16.78 -47.06 -42.04
N PHE A 198 16.55 -45.77 -41.77
CA PHE A 198 16.03 -45.31 -40.48
C PHE A 198 14.90 -44.32 -40.68
N SER A 199 13.67 -44.81 -40.62
CA SER A 199 12.50 -43.95 -40.71
C SER A 199 12.43 -43.02 -39.51
N ALA A 200 11.62 -41.96 -39.64
CA ALA A 200 11.39 -41.06 -38.51
C ALA A 200 10.78 -41.80 -37.34
N TRP A 201 9.82 -42.69 -37.63
CA TRP A 201 9.18 -43.48 -36.58
C TRP A 201 10.19 -44.38 -35.88
N HIS A 202 11.09 -44.97 -36.64
CA HIS A 202 12.16 -45.79 -36.07
C HIS A 202 12.96 -44.98 -35.04
N GLN A 203 13.41 -43.80 -35.43
CA GLN A 203 14.22 -42.96 -34.57
C GLN A 203 13.45 -42.51 -33.33
N ILE A 204 12.19 -42.14 -33.51
CA ILE A 204 11.40 -41.66 -32.38
C ILE A 204 11.15 -42.78 -31.38
N LYS A 205 10.82 -43.99 -31.88
CA LYS A 205 10.58 -45.12 -30.98
C LYS A 205 11.84 -45.49 -30.20
N HIS A 206 12.99 -45.53 -30.87
CA HIS A 206 14.22 -45.87 -30.17
C HIS A 206 14.59 -44.79 -29.15
N ALA A 207 14.35 -43.53 -29.49
CA ALA A 207 14.62 -42.46 -28.55
C ALA A 207 13.74 -42.58 -27.31
N ILE A 208 12.43 -42.77 -27.50
CA ILE A 208 11.52 -42.84 -26.36
C ILE A 208 11.83 -44.06 -25.51
N GLU A 209 12.22 -45.17 -26.15
CA GLU A 209 12.56 -46.37 -25.40
C GLU A 209 13.85 -46.21 -24.61
N ALA A 210 14.72 -45.30 -25.06
CA ALA A 210 15.92 -44.94 -24.31
C ALA A 210 15.67 -43.85 -23.27
N SER A 211 14.54 -43.15 -23.32
CA SER A 211 14.31 -42.03 -22.40
C SER A 211 14.19 -42.44 -20.94
N GLY A 212 13.88 -43.70 -20.64
CA GLY A 212 13.74 -44.11 -19.26
C GLY A 212 12.37 -43.80 -18.70
N CYS A 213 11.32 -44.14 -19.45
CA CYS A 213 9.94 -43.92 -19.01
C CYS A 213 9.57 -44.87 -17.87
N LEU A 216 5.89 -47.92 -20.36
CA LEU A 216 5.88 -47.69 -21.80
C LEU A 216 4.74 -48.45 -22.53
N GLU A 217 3.59 -48.58 -21.87
CA GLU A 217 2.49 -49.32 -22.49
C GLU A 217 1.85 -48.53 -23.63
N ALA A 218 1.71 -47.22 -23.46
CA ALA A 218 1.07 -46.39 -24.48
C ALA A 218 1.89 -46.36 -25.76
N LEU A 219 3.22 -46.29 -25.64
CA LEU A 219 4.04 -46.34 -26.84
C LEU A 219 3.84 -47.65 -27.58
N ASN A 220 3.77 -48.76 -26.85
CA ASN A 220 3.58 -50.05 -27.50
C ASN A 220 2.22 -50.12 -28.17
N HIS A 221 1.18 -49.52 -27.57
CA HIS A 221 -0.12 -49.45 -28.23
C HIS A 221 -0.03 -48.70 -29.56
N VAL A 222 0.66 -47.56 -29.57
CA VAL A 222 0.79 -46.80 -30.81
C VAL A 222 1.56 -47.60 -31.85
N ASP A 223 2.61 -48.32 -31.41
CA ASP A 223 3.41 -49.11 -32.36
C ASP A 223 2.57 -50.23 -32.97
N ALA A 224 1.79 -50.93 -32.14
CA ALA A 224 0.89 -51.95 -32.65
C ALA A 224 -0.12 -51.37 -33.65
N TYR A 225 -0.72 -50.24 -33.30
CA TYR A 225 -1.68 -49.63 -34.21
C TYR A 225 -1.03 -49.30 -35.54
N LEU A 226 0.12 -48.61 -35.51
CA LEU A 226 0.78 -48.18 -36.73
C LEU A 226 1.28 -49.35 -37.56
N SER A 227 1.59 -50.48 -36.92
CA SER A 227 2.21 -51.57 -37.67
C SER A 227 1.22 -52.60 -38.19
N SER A 228 0.15 -52.87 -37.47
CA SER A 228 -0.69 -54.02 -37.78
C SER A 228 -2.15 -53.67 -38.05
N HIS A 229 -2.55 -52.41 -37.89
CA HIS A 229 -3.93 -52.02 -38.16
C HIS A 229 -4.04 -51.50 -39.58
N ASP A 230 -5.16 -51.85 -40.24
CA ASP A 230 -5.35 -51.50 -41.64
C ASP A 230 -5.32 -49.99 -41.83
N ASP A 231 -5.94 -49.25 -40.90
CA ASP A 231 -5.95 -47.80 -40.97
C ASP A 231 -4.76 -47.18 -40.25
N GLY A 232 -4.22 -47.87 -39.25
CA GLY A 232 -2.98 -47.41 -38.64
C GLY A 232 -1.79 -47.50 -39.58
N ARG A 233 -1.80 -48.47 -40.50
CA ARG A 233 -0.65 -48.60 -41.39
C ARG A 233 -0.58 -47.48 -42.43
N GLN A 234 -1.59 -46.63 -42.51
CA GLN A 234 -1.61 -45.53 -43.46
C GLN A 234 -1.05 -44.24 -42.88
N LEU A 235 -0.62 -44.26 -41.61
CA LEU A 235 -0.05 -43.12 -40.95
C LEU A 235 1.46 -43.19 -41.03
N ARG A 236 2.08 -42.04 -41.31
CA ARG A 236 3.54 -41.94 -41.36
C ARG A 236 3.98 -40.97 -40.29
N PRO A 237 4.50 -41.44 -39.12
CA PRO A 237 5.06 -40.54 -38.13
C PRO A 237 6.17 -39.62 -38.66
N PHE A 238 6.20 -38.38 -38.19
CA PHE A 238 7.12 -37.37 -38.74
C PHE A 238 7.64 -36.42 -37.68
N MET A 239 7.04 -36.40 -36.50
CA MET A 239 7.43 -35.37 -35.51
C MET A 239 7.25 -35.83 -34.08
N LEU A 240 8.11 -35.35 -33.20
CA LEU A 240 7.98 -35.61 -31.77
C LEU A 240 8.04 -34.30 -30.99
N ALA A 241 7.11 -34.11 -30.07
CA ALA A 241 7.06 -32.90 -29.26
C ALA A 241 7.11 -33.26 -27.78
N ILE A 242 7.86 -32.46 -27.03
CA ILE A 242 7.98 -32.61 -25.59
C ILE A 242 7.78 -31.27 -24.94
N ASP A 243 7.47 -31.29 -23.64
CA ASP A 243 7.44 -30.10 -22.80
C ASP A 243 8.71 -30.04 -21.95
N LEU A 244 9.18 -28.82 -21.72
CA LEU A 244 10.39 -28.60 -20.93
C LEU A 244 10.05 -28.51 -19.45
N VAL A 245 9.45 -29.59 -18.94
CA VAL A 245 9.21 -29.75 -17.52
C VAL A 245 9.90 -31.03 -17.06
N GLU A 246 9.77 -31.35 -15.78
CA GLU A 246 10.29 -32.61 -15.26
C GLU A 246 9.76 -33.77 -16.10
N PRO A 247 10.61 -34.75 -16.46
CA PRO A 247 10.18 -35.77 -17.42
C PRO A 247 8.94 -36.55 -16.99
N ALA A 248 8.70 -36.69 -15.69
CA ALA A 248 7.48 -37.37 -15.25
C ALA A 248 6.23 -36.58 -15.60
N ALA A 249 6.33 -35.27 -15.78
CA ALA A 249 5.17 -34.43 -16.05
C ALA A 249 5.08 -34.00 -17.52
N SER A 250 6.07 -34.34 -18.33
CA SER A 250 6.08 -33.92 -19.73
C SER A 250 5.23 -34.85 -20.59
N ARG A 251 4.63 -34.29 -21.63
CA ARG A 251 3.93 -35.08 -22.63
C ARG A 251 4.90 -35.52 -23.71
N LEU A 252 4.61 -36.68 -24.30
CA LEU A 252 5.35 -37.20 -25.45
C LEU A 252 4.38 -37.30 -26.61
N LYS A 253 4.38 -36.33 -27.51
CA LYS A 253 3.42 -36.31 -28.60
C LYS A 253 4.11 -36.74 -29.89
N ILE A 254 3.60 -37.79 -30.53
CA ILE A 254 4.11 -38.25 -31.81
C ILE A 254 3.09 -37.88 -32.88
N TYR A 255 3.53 -37.11 -33.87
CA TYR A 255 2.67 -36.62 -34.95
C TYR A 255 2.76 -37.54 -36.15
N ALA A 256 1.60 -37.86 -36.74
CA ALA A 256 1.51 -38.78 -37.85
C ALA A 256 0.52 -38.27 -38.90
N ARG A 257 0.91 -38.38 -40.17
CA ARG A 257 0.14 -37.91 -41.31
C ARG A 257 -0.35 -39.09 -42.15
N SER A 258 -1.45 -38.88 -42.86
CA SER A 258 -1.98 -39.90 -43.75
C SER A 258 -2.60 -39.25 -44.97
N ASN A 259 -2.59 -39.99 -46.09
CA ASN A 259 -3.26 -39.54 -47.30
C ASN A 259 -4.78 -39.67 -47.21
N GLN A 260 -5.28 -40.39 -46.20
CA GLN A 260 -6.71 -40.62 -46.08
C GLN A 260 -7.37 -39.37 -45.50
N THR A 261 -8.60 -39.12 -45.93
CA THR A 261 -9.33 -37.98 -45.42
C THR A 261 -10.78 -38.27 -45.08
N SER A 262 -11.24 -39.51 -45.25
CA SER A 262 -12.60 -39.85 -44.83
C SER A 262 -12.74 -39.62 -43.33
N PHE A 263 -13.92 -39.17 -42.92
CA PHE A 263 -14.14 -39.03 -41.48
C PHE A 263 -14.23 -40.40 -40.80
N ARG A 264 -14.60 -41.45 -41.55
CA ARG A 264 -14.56 -42.80 -40.99
C ARG A 264 -13.13 -43.13 -40.55
N PHE A 265 -12.15 -42.76 -41.37
CA PHE A 265 -10.74 -42.95 -41.03
C PHE A 265 -10.32 -42.06 -39.86
N VAL A 266 -10.70 -40.79 -39.89
CA VAL A 266 -10.34 -39.89 -38.79
C VAL A 266 -10.92 -40.40 -37.47
N ARG A 267 -12.16 -40.89 -37.50
CA ARG A 267 -12.79 -41.41 -36.29
C ARG A 267 -12.08 -42.65 -35.79
N ASP A 268 -11.68 -43.54 -36.70
CA ASP A 268 -10.99 -44.75 -36.27
C ASP A 268 -9.64 -44.41 -35.65
N VAL A 269 -8.93 -43.43 -36.22
CA VAL A 269 -7.66 -43.04 -35.65
C VAL A 269 -7.87 -42.38 -34.29
N MET A 270 -8.94 -41.58 -34.15
CA MET A 270 -9.25 -41.00 -32.85
C MET A 270 -9.52 -42.07 -31.81
N THR A 271 -10.10 -43.19 -32.22
CA THR A 271 -10.36 -44.28 -31.29
C THR A 271 -9.20 -45.27 -31.18
N ILE A 272 -8.14 -45.08 -31.98
CA ILE A 272 -7.02 -46.01 -32.08
C ILE A 272 -7.56 -47.40 -32.38
N GLY A 273 -8.43 -47.49 -33.39
CA GLY A 273 -9.01 -48.75 -33.76
C GLY A 273 -9.94 -49.36 -32.74
N GLY A 274 -10.34 -48.61 -31.72
CA GLY A 274 -11.20 -49.12 -30.67
C GLY A 274 -10.54 -49.32 -29.31
N LEU A 275 -9.23 -49.08 -29.20
CA LEU A 275 -8.57 -49.14 -27.88
C LEU A 275 -9.22 -48.17 -26.91
N ARG A 276 -9.75 -47.09 -27.46
CA ARG A 276 -10.41 -46.06 -26.64
C ARG A 276 -11.91 -46.16 -26.86
N THR A 277 -12.65 -46.46 -25.81
CA THR A 277 -14.12 -46.51 -25.89
C THR A 277 -14.66 -45.32 -25.07
N ASP A 278 -15.98 -45.26 -24.89
CA ASP A 278 -16.61 -44.13 -24.17
C ASP A 278 -16.29 -42.83 -24.88
N LEU A 279 -16.34 -42.85 -26.20
CA LEU A 279 -16.07 -41.63 -26.97
C LEU A 279 -17.17 -41.35 -28.00
N ASP A 280 -18.36 -41.95 -27.84
CA ASP A 280 -19.37 -41.88 -28.91
C ASP A 280 -19.95 -40.49 -29.03
N ARG A 281 -20.34 -39.87 -27.91
CA ARG A 281 -20.94 -38.53 -27.97
C ARG A 281 -19.94 -37.49 -28.46
N SER A 282 -18.70 -37.52 -27.96
CA SER A 282 -17.74 -36.54 -28.44
C SER A 282 -17.41 -36.76 -29.91
N ILE A 283 -17.41 -38.00 -30.39
CA ILE A 283 -17.11 -38.19 -31.80
C ILE A 283 -18.29 -37.79 -32.69
N GLU A 284 -19.53 -37.89 -32.19
CA GLU A 284 -20.65 -37.28 -32.91
C GLU A 284 -20.46 -35.77 -33.03
N LYS A 285 -20.10 -35.14 -31.91
CA LYS A 285 -19.81 -33.71 -31.93
C LYS A 285 -18.66 -33.40 -32.89
N PHE A 286 -17.66 -34.27 -32.93
CA PHE A 286 -16.53 -34.09 -33.82
C PHE A 286 -16.96 -34.16 -35.29
N SER A 287 -17.82 -35.11 -35.64
CA SER A 287 -18.31 -35.18 -37.01
C SER A 287 -19.06 -33.91 -37.38
N ASP A 288 -19.87 -33.40 -36.46
CA ASP A 288 -20.55 -32.14 -36.71
C ASP A 288 -19.54 -31.04 -37.01
N LEU A 289 -18.57 -30.85 -36.12
CA LEU A 289 -17.59 -29.77 -36.31
C LEU A 289 -16.80 -29.96 -37.60
N TRP A 290 -16.45 -31.21 -37.92
CA TRP A 290 -15.67 -31.50 -39.13
C TRP A 290 -16.39 -31.01 -40.37
N LYS A 291 -17.68 -31.38 -40.50
CA LYS A 291 -18.41 -30.93 -41.68
C LYS A 291 -18.66 -29.43 -41.65
N ARG A 292 -18.80 -28.85 -40.46
CA ARG A 292 -19.07 -27.42 -40.34
C ARG A 292 -17.86 -26.59 -40.75
N ALA A 293 -16.68 -26.99 -40.27
CA ALA A 293 -15.46 -26.22 -40.51
C ALA A 293 -14.99 -26.40 -41.94
N LEU A 294 -15.06 -27.63 -42.47
CA LEU A 294 -14.61 -27.89 -43.83
C LEU A 294 -15.61 -27.42 -44.88
N GLY A 295 -16.81 -27.00 -44.50
CA GLY A 295 -17.78 -26.56 -45.49
C GLY A 295 -18.44 -27.69 -46.25
N LEU A 296 -18.43 -28.89 -45.71
CA LEU A 296 -18.99 -30.07 -46.36
C LEU A 296 -20.52 -30.03 -46.34
N ASP A 297 -21.11 -30.89 -47.16
CA ASP A 297 -22.56 -31.08 -47.17
C ASP A 297 -22.96 -31.82 -45.89
N PRO A 298 -23.98 -31.36 -45.16
CA PRO A 298 -24.33 -32.01 -43.89
C PRO A 298 -24.64 -33.50 -43.99
N ASP A 299 -25.09 -33.98 -45.14
CA ASP A 299 -25.38 -35.40 -45.33
C ASP A 299 -24.21 -36.15 -45.97
N THR A 300 -23.01 -35.57 -45.95
CA THR A 300 -21.82 -36.22 -46.49
C THR A 300 -21.59 -37.54 -45.77
N PRO A 301 -21.50 -38.66 -46.48
CA PRO A 301 -21.25 -39.94 -45.82
C PRO A 301 -19.86 -39.96 -45.21
N PRO A 302 -19.73 -40.48 -43.98
CA PRO A 302 -18.39 -40.55 -43.37
C PRO A 302 -17.40 -41.41 -44.13
N GLU A 303 -17.86 -42.28 -45.03
CA GLU A 303 -16.95 -43.09 -45.82
C GLU A 303 -16.26 -42.30 -46.92
N ASP A 304 -16.84 -41.18 -47.34
CA ASP A 304 -16.34 -40.43 -48.48
C ASP A 304 -15.05 -39.68 -48.13
N GLU A 305 -14.15 -39.64 -49.11
CA GLU A 305 -12.90 -38.88 -48.99
C GLU A 305 -13.14 -37.41 -49.31
N LEU A 306 -12.31 -36.56 -48.74
CA LEU A 306 -12.27 -35.17 -49.18
C LEU A 306 -11.66 -35.11 -50.59
N PRO A 307 -12.09 -34.15 -51.41
CA PRO A 307 -11.53 -34.04 -52.76
C PRO A 307 -10.02 -33.88 -52.71
N LYS A 308 -9.32 -34.62 -53.57
CA LYS A 308 -7.88 -34.79 -53.45
C LYS A 308 -7.14 -33.45 -53.52
N VAL A 309 -6.17 -33.29 -52.63
CA VAL A 309 -5.25 -32.16 -52.62
C VAL A 309 -3.86 -32.73 -52.44
N ASP A 310 -2.99 -32.53 -53.44
CA ASP A 310 -1.63 -33.05 -53.36
C ASP A 310 -0.72 -31.97 -52.75
N HIS A 311 -0.17 -32.25 -51.58
CA HIS A 311 0.70 -31.31 -50.88
C HIS A 311 1.47 -32.06 -49.79
N LEU A 312 2.71 -31.59 -49.53
CA LEU A 312 3.53 -32.12 -48.45
C LEU A 312 2.80 -32.25 -47.11
N THR A 313 1.83 -31.38 -46.85
CA THR A 313 1.15 -31.40 -45.56
C THR A 313 -0.35 -31.69 -45.68
N SER A 314 -0.79 -32.21 -46.83
CA SER A 314 -2.20 -32.53 -46.99
C SER A 314 -2.51 -33.85 -46.30
N GLY A 315 -3.79 -34.24 -46.31
CA GLY A 315 -4.16 -35.45 -45.62
C GLY A 315 -4.56 -35.17 -44.20
N ALA A 316 -4.93 -36.22 -43.49
CA ALA A 316 -5.31 -36.05 -42.09
C ALA A 316 -4.06 -36.16 -41.24
N VAL A 317 -3.96 -35.29 -40.22
CA VAL A 317 -2.83 -35.30 -39.32
C VAL A 317 -3.34 -35.56 -37.91
N PHE A 318 -2.57 -36.34 -37.16
CA PHE A 318 -2.96 -36.68 -35.78
C PHE A 318 -1.72 -36.64 -34.87
N ASN A 319 -1.93 -36.49 -33.57
CA ASN A 319 -0.82 -36.59 -32.60
C ASN A 319 -1.23 -37.65 -31.59
N PHE A 320 -0.26 -38.41 -31.09
CA PHE A 320 -0.55 -39.46 -30.09
C PHE A 320 0.25 -39.17 -28.83
N ASP A 321 -0.41 -38.69 -27.77
CA ASP A 321 0.30 -38.51 -26.51
C ASP A 321 0.51 -39.88 -25.90
N VAL A 322 1.77 -40.30 -25.83
CA VAL A 322 2.20 -41.60 -25.35
C VAL A 322 3.06 -41.38 -24.12
N ALA A 323 2.49 -40.68 -23.09
CA ALA A 323 3.25 -40.39 -21.88
C ALA A 323 2.98 -41.46 -20.84
N PRO A 324 3.97 -41.76 -19.98
CA PRO A 324 3.83 -42.91 -19.05
C PRO A 324 2.63 -42.80 -18.12
N LYS A 325 2.17 -41.59 -17.81
CA LYS A 325 1.03 -41.41 -16.91
C LYS A 325 -0.26 -42.01 -17.46
N SER A 326 -0.32 -42.34 -18.75
CA SER A 326 -1.58 -42.47 -19.46
C SER A 326 -2.10 -43.89 -19.60
N GLN A 327 -1.21 -44.90 -19.68
CA GLN A 327 -1.60 -46.30 -19.91
C GLN A 327 -2.18 -46.50 -21.31
N ILE A 328 -3.25 -45.80 -21.66
CA ILE A 328 -3.74 -45.77 -23.03
C ILE A 328 -3.38 -44.43 -23.65
N PRO A 329 -2.88 -44.39 -24.89
CA PRO A 329 -2.47 -43.10 -25.48
C PRO A 329 -3.68 -42.25 -25.84
N GLU A 330 -3.44 -40.93 -25.89
CA GLU A 330 -4.49 -39.99 -26.23
C GLU A 330 -4.25 -39.43 -27.62
N VAL A 331 -5.31 -39.05 -28.32
CA VAL A 331 -5.21 -38.68 -29.72
C VAL A 331 -5.78 -37.27 -29.90
N LYS A 332 -5.09 -36.48 -30.71
CA LYS A 332 -5.56 -35.17 -31.15
C LYS A 332 -5.57 -35.16 -32.66
N ALA A 333 -6.70 -34.78 -33.25
CA ALA A 333 -6.87 -34.75 -34.70
C ALA A 333 -6.84 -33.31 -35.21
N TYR A 334 -6.19 -33.07 -36.34
CA TYR A 334 -6.07 -31.72 -36.89
C TYR A 334 -6.89 -31.61 -38.18
N ILE A 335 -7.97 -30.83 -38.14
CA ILE A 335 -8.77 -30.55 -39.33
C ILE A 335 -7.93 -29.59 -40.15
N PRO A 336 -7.53 -29.98 -41.40
CA PRO A 336 -6.69 -29.15 -42.26
C PRO A 336 -7.52 -28.18 -43.07
N VAL A 337 -7.81 -27.02 -42.49
CA VAL A 337 -8.72 -26.03 -43.15
C VAL A 337 -8.03 -25.36 -44.34
N ARG A 338 -6.71 -25.26 -44.33
CA ARG A 338 -6.02 -24.54 -45.41
C ARG A 338 -6.06 -25.32 -46.70
N HIS A 339 -6.47 -26.57 -46.64
CA HIS A 339 -6.38 -27.41 -47.83
C HIS A 339 -7.72 -27.92 -48.28
N TYR A 340 -8.71 -27.96 -47.42
CA TYR A 340 -9.98 -28.59 -47.73
C TYR A 340 -11.19 -27.70 -47.52
N ALA A 341 -11.05 -26.56 -46.85
CA ALA A 341 -12.14 -25.62 -46.67
C ALA A 341 -12.15 -24.62 -47.82
N ASN A 342 -13.19 -23.79 -47.87
CA ASN A 342 -13.31 -22.87 -49.00
C ASN A 342 -12.60 -21.53 -48.76
N ASN A 343 -12.71 -20.95 -47.57
CA ASN A 343 -11.99 -19.73 -47.24
C ASN A 343 -11.96 -19.58 -45.72
N ASP A 344 -11.05 -18.74 -45.26
CA ASP A 344 -10.85 -18.57 -43.83
C ASP A 344 -12.10 -18.03 -43.13
N LEU A 345 -12.84 -17.12 -43.78
CA LEU A 345 -14.04 -16.59 -43.13
C LEU A 345 -15.09 -17.69 -42.97
N GLN A 346 -15.29 -18.51 -44.02
CA GLN A 346 -16.23 -19.62 -43.92
C GLN A 346 -15.82 -20.60 -42.83
N ALA A 347 -14.53 -20.94 -42.79
CA ALA A 347 -14.05 -21.88 -41.79
C ALA A 347 -14.21 -21.34 -40.39
N ALA A 348 -13.83 -20.07 -40.19
CA ALA A 348 -13.92 -19.47 -38.87
C ALA A 348 -15.37 -19.38 -38.41
N LEU A 349 -16.27 -18.99 -39.30
CA LEU A 349 -17.68 -18.91 -38.92
C LEU A 349 -18.25 -20.29 -38.63
N GLY A 350 -17.79 -21.33 -39.36
CA GLY A 350 -18.26 -22.67 -39.05
C GLY A 350 -17.80 -23.13 -37.67
N LEU A 351 -16.52 -22.96 -37.38
CA LEU A 351 -16.00 -23.30 -36.06
C LEU A 351 -16.72 -22.52 -34.96
N ILE A 352 -16.98 -21.23 -35.19
CA ILE A 352 -17.64 -20.41 -34.18
C ILE A 352 -19.09 -20.81 -34.02
N GLY A 353 -19.74 -21.25 -35.10
CA GLY A 353 -21.09 -21.78 -34.96
C GLY A 353 -21.11 -23.00 -34.08
N TYR A 354 -20.18 -23.93 -34.30
CA TYR A 354 -20.09 -25.09 -33.41
C TYR A 354 -19.88 -24.65 -31.96
N LEU A 355 -18.88 -23.79 -31.71
CA LEU A 355 -18.55 -23.38 -30.36
C LEU A 355 -19.74 -22.72 -29.66
N GLU A 356 -20.42 -21.81 -30.36
CA GLU A 356 -21.56 -21.12 -29.75
C GLU A 356 -22.75 -22.04 -29.61
N ASP A 357 -22.85 -23.09 -30.44
CA ASP A 357 -23.89 -24.08 -30.21
C ASP A 357 -23.64 -24.86 -28.92
N HIS A 358 -22.41 -24.86 -28.40
CA HIS A 358 -22.08 -25.56 -27.17
C HIS A 358 -21.71 -24.63 -26.02
N GLY A 359 -22.08 -23.36 -26.09
CA GLY A 359 -21.85 -22.44 -24.99
C GLY A 359 -20.40 -22.07 -24.77
N HIS A 360 -19.57 -22.15 -25.80
CA HIS A 360 -18.14 -21.89 -25.64
C HIS A 360 -17.65 -20.77 -26.55
N GLY A 361 -18.51 -19.79 -26.85
CA GLY A 361 -18.15 -18.76 -27.81
C GLY A 361 -18.05 -17.36 -27.27
N GLY A 362 -17.54 -17.20 -26.05
CA GLY A 362 -17.42 -15.86 -25.48
C GLY A 362 -16.42 -14.98 -26.21
N TYR A 363 -15.44 -15.58 -26.90
CA TYR A 363 -14.35 -14.85 -27.53
C TYR A 363 -14.36 -15.02 -29.05
N SER A 364 -15.55 -15.17 -29.63
CA SER A 364 -15.67 -15.37 -31.08
C SER A 364 -15.27 -14.13 -31.85
N GLN A 365 -15.79 -12.97 -31.45
CA GLN A 365 -15.44 -11.72 -32.13
C GLN A 365 -13.99 -11.34 -31.89
N SER A 366 -13.44 -11.68 -30.71
CA SER A 366 -12.01 -11.46 -30.50
C SER A 366 -11.18 -12.28 -31.47
N TYR A 367 -11.59 -13.54 -31.68
CA TYR A 367 -10.92 -14.39 -32.65
C TYR A 367 -11.02 -13.80 -34.05
N LEU A 368 -12.19 -13.28 -34.42
CA LEU A 368 -12.34 -12.71 -35.75
C LEU A 368 -11.47 -11.47 -35.93
N ARG A 369 -11.35 -10.64 -34.88
CA ARG A 369 -10.46 -9.48 -34.97
C ARG A 369 -9.00 -9.91 -35.11
N GLY A 370 -8.62 -10.98 -34.40
CA GLY A 370 -7.28 -11.52 -34.59
C GLY A 370 -7.06 -12.02 -36.01
N LEU A 371 -8.07 -12.69 -36.57
CA LEU A 371 -7.99 -13.16 -37.95
C LEU A 371 -7.82 -12.00 -38.91
N ASP A 372 -8.62 -10.95 -38.72
CA ASP A 372 -8.54 -9.79 -39.60
C ASP A 372 -7.17 -9.13 -39.49
N MET A 373 -6.59 -9.10 -38.29
CA MET A 373 -5.25 -8.56 -38.11
C MET A 373 -4.21 -9.41 -38.86
N LEU A 374 -4.32 -10.74 -38.78
CA LEU A 374 -3.36 -11.62 -39.43
C LEU A 374 -3.58 -11.74 -40.93
N ALA A 375 -4.79 -11.47 -41.41
CA ALA A 375 -5.14 -11.84 -42.77
C ALA A 375 -4.47 -10.91 -43.77
N PRO A 376 -4.05 -11.43 -44.93
CA PRO A 376 -3.64 -10.57 -46.04
C PRO A 376 -4.77 -9.60 -46.37
N SER A 377 -4.39 -8.39 -46.75
CA SER A 377 -5.38 -7.34 -47.00
C SER A 377 -6.44 -7.84 -47.97
N GLY A 378 -7.64 -8.05 -47.45
CA GLY A 378 -8.80 -8.44 -48.23
C GLY A 378 -8.78 -9.83 -48.80
N GLN A 379 -8.46 -10.84 -47.98
CA GLN A 379 -8.43 -12.21 -48.47
C GLN A 379 -9.11 -13.23 -47.56
N LEU A 380 -9.72 -12.81 -46.44
CA LEU A 380 -10.40 -13.78 -45.59
C LEU A 380 -11.51 -14.49 -46.34
N ASP A 381 -12.24 -13.76 -47.16
CA ASP A 381 -13.39 -14.27 -47.89
C ASP A 381 -13.02 -15.03 -49.17
N GLN A 382 -11.82 -14.84 -49.71
CA GLN A 382 -11.46 -15.38 -51.01
C GLN A 382 -10.55 -16.59 -50.94
N ALA A 383 -9.86 -16.80 -49.84
CA ALA A 383 -8.80 -17.79 -49.83
C ALA A 383 -8.70 -18.43 -48.47
N THR A 384 -7.98 -19.54 -48.44
CA THR A 384 -7.55 -20.14 -47.19
C THR A 384 -6.11 -19.70 -46.95
N GLY A 385 -5.56 -20.09 -45.81
CA GLY A 385 -4.18 -19.73 -45.53
C GLY A 385 -3.95 -19.16 -44.15
N VAL A 386 -4.87 -18.33 -43.65
CA VAL A 386 -4.69 -17.77 -42.32
C VAL A 386 -4.79 -18.86 -41.27
N GLN A 387 -5.89 -19.59 -41.27
CA GLN A 387 -6.05 -20.74 -40.39
C GLN A 387 -5.43 -21.98 -41.03
N THR A 388 -4.46 -22.59 -40.34
CA THR A 388 -3.82 -23.80 -40.85
C THR A 388 -4.52 -25.07 -40.37
N TYR A 389 -4.87 -25.15 -39.09
CA TYR A 389 -5.50 -26.34 -38.52
C TYR A 389 -6.50 -25.94 -37.45
N PHE A 390 -7.60 -26.69 -37.37
CA PHE A 390 -8.42 -26.71 -36.17
C PHE A 390 -8.13 -28.05 -35.49
N ALA A 391 -7.44 -28.02 -34.36
CA ALA A 391 -7.12 -29.23 -33.62
C ALA A 391 -8.26 -29.56 -32.66
N VAL A 392 -8.61 -30.85 -32.61
CA VAL A 392 -9.73 -31.39 -31.86
C VAL A 392 -9.21 -32.49 -30.95
N ALA A 393 -9.62 -32.46 -29.69
CA ALA A 393 -9.35 -33.52 -28.71
C ALA A 393 -10.66 -33.88 -28.03
N CYS A 394 -10.84 -35.17 -27.71
CA CYS A 394 -12.09 -35.65 -27.12
C CYS A 394 -11.93 -35.76 -25.61
N GLN A 395 -12.42 -34.76 -24.89
CA GLN A 395 -12.34 -34.74 -23.42
C GLN A 395 -13.69 -35.19 -22.87
N GLY A 396 -13.78 -36.47 -22.50
CA GLY A 396 -15.01 -37.03 -21.97
C GLY A 396 -16.13 -37.03 -22.98
N GLU A 397 -17.08 -36.11 -22.83
CA GLU A 397 -18.18 -35.97 -23.76
C GLU A 397 -18.06 -34.70 -24.62
N ASP A 398 -17.03 -33.88 -24.41
CA ASP A 398 -16.89 -32.60 -25.09
C ASP A 398 -15.63 -32.55 -25.95
N LEU A 399 -15.48 -31.46 -26.71
CA LEU A 399 -14.31 -31.24 -27.53
C LEU A 399 -13.42 -30.15 -26.96
N SER A 400 -12.13 -30.29 -27.19
CA SER A 400 -11.14 -29.26 -26.90
C SER A 400 -10.55 -28.81 -28.24
N LEU A 401 -10.69 -27.51 -28.55
CA LEU A 401 -10.36 -26.98 -29.88
C LEU A 401 -9.23 -25.96 -29.81
N THR A 402 -8.40 -25.98 -30.85
CA THR A 402 -7.29 -25.05 -30.97
C THR A 402 -7.20 -24.58 -32.41
N SER A 403 -7.14 -23.28 -32.62
CA SER A 403 -6.97 -22.75 -33.96
C SER A 403 -5.50 -22.42 -34.16
N TYR A 404 -4.93 -22.90 -35.27
CA TYR A 404 -3.53 -22.64 -35.61
C TYR A 404 -3.48 -21.66 -36.78
N LEU A 405 -2.74 -20.57 -36.61
CA LEU A 405 -2.79 -19.40 -37.48
C LEU A 405 -1.41 -19.14 -38.11
N ASN A 406 -1.42 -18.83 -39.41
CA ASN A 406 -0.21 -18.54 -40.15
C ASN A 406 -0.22 -17.08 -40.57
N PRO A 407 0.79 -16.30 -40.20
CA PRO A 407 0.83 -14.89 -40.60
C PRO A 407 1.14 -14.68 -42.08
N GLN A 408 1.63 -15.70 -42.78
CA GLN A 408 1.81 -15.67 -44.23
C GLN A 408 2.66 -14.47 -44.66
N PHE A 409 3.91 -14.45 -44.19
CA PHE A 409 4.80 -13.35 -44.52
C PHE A 409 5.22 -13.37 -45.98
N TYR A 410 5.15 -14.52 -46.63
CA TYR A 410 5.59 -14.67 -48.01
C TYR A 410 4.46 -14.97 -48.98
N ALA A 411 3.49 -15.81 -48.58
CA ALA A 411 2.32 -16.03 -49.43
C ALA A 411 1.58 -14.73 -49.69
N ALA A 412 1.68 -13.78 -48.76
CA ALA A 412 0.94 -12.55 -48.84
C ALA A 412 1.85 -11.39 -48.49
N PHE A 413 2.87 -11.16 -49.31
CA PHE A 413 3.89 -10.19 -48.96
C PHE A 413 3.31 -8.78 -49.06
N GLN A 414 3.20 -8.10 -47.93
CA GLN A 414 2.71 -6.72 -47.88
C GLN A 414 3.87 -5.74 -47.93
N SER B 11 -15.92 7.22 20.88
CA SER B 11 -15.24 7.97 21.92
C SER B 11 -13.96 7.28 22.39
N VAL B 12 -12.87 8.05 22.46
CA VAL B 12 -11.58 7.48 22.84
C VAL B 12 -11.62 6.97 24.28
N TRP B 13 -12.16 7.77 25.19
CA TRP B 13 -12.22 7.32 26.58
C TRP B 13 -13.10 6.09 26.73
N LYS B 14 -14.24 6.03 26.03
CA LYS B 14 -15.10 4.87 26.15
C LYS B 14 -14.39 3.60 25.69
N THR B 15 -13.63 3.69 24.59
CA THR B 15 -12.86 2.55 24.11
C THR B 15 -11.81 2.12 25.14
N LEU B 16 -10.99 3.06 25.59
CA LEU B 16 -9.94 2.75 26.54
C LEU B 16 -10.51 2.14 27.82
N ASN B 17 -11.64 2.66 28.28
CA ASN B 17 -12.24 2.13 29.51
C ASN B 17 -12.78 0.73 29.27
N LYS B 18 -13.29 0.48 28.07
CA LYS B 18 -13.78 -0.86 27.74
C LYS B 18 -12.66 -1.87 27.73
N TRP B 19 -11.46 -1.49 27.23
CA TRP B 19 -10.42 -2.49 26.99
C TRP B 19 -9.20 -2.43 27.92
N LEU B 20 -8.96 -1.32 28.59
CA LEU B 20 -7.84 -1.29 29.52
C LEU B 20 -8.18 -2.09 30.77
N PRO B 21 -7.20 -2.66 31.46
CA PRO B 21 -7.49 -3.44 32.66
C PRO B 21 -8.10 -2.54 33.72
N PRO B 22 -9.11 -3.04 34.43
CA PRO B 22 -9.85 -2.18 35.35
C PRO B 22 -8.99 -1.77 36.54
N LEU B 23 -9.30 -0.60 37.07
CA LEU B 23 -8.59 -0.05 38.20
C LEU B 23 -9.48 -0.18 39.43
N SER B 24 -8.84 -0.07 40.59
CA SER B 24 -9.54 -0.10 41.87
C SER B 24 -10.35 1.18 42.07
N ARG B 25 -11.16 1.21 43.14
CA ARG B 25 -12.22 2.22 43.26
C ARG B 25 -11.71 3.65 43.16
N ASP B 26 -10.71 4.02 43.95
CA ASP B 26 -10.24 5.41 43.90
C ASP B 26 -9.62 5.72 42.54
N LYS B 27 -8.69 4.89 42.07
CA LYS B 27 -8.06 5.16 40.78
C LYS B 27 -9.09 5.12 39.66
N ASP B 28 -10.04 4.19 39.73
CA ASP B 28 -11.06 4.12 38.69
C ASP B 28 -11.97 5.35 38.72
N TRP B 29 -12.30 5.84 39.92
CA TRP B 29 -13.09 7.05 40.05
C TRP B 29 -12.39 8.22 39.38
N TRP B 30 -11.10 8.40 39.70
CA TRP B 30 -10.36 9.48 39.06
C TRP B 30 -10.30 9.28 37.57
N TRP B 31 -10.15 8.04 37.12
CA TRP B 31 -10.13 7.74 35.70
C TRP B 31 -11.46 8.13 35.05
N LYS B 32 -12.58 7.67 35.60
CA LYS B 32 -13.89 7.93 35.01
C LYS B 32 -14.37 9.37 35.24
N THR B 33 -13.65 10.17 36.03
CA THR B 33 -13.93 11.60 36.14
C THR B 33 -13.03 12.44 35.23
N LEU B 34 -11.71 12.23 35.29
CA LEU B 34 -10.77 13.04 34.52
C LEU B 34 -10.75 12.66 33.05
N GLY B 35 -10.89 11.36 32.72
CA GLY B 35 -10.86 10.89 31.36
C GLY B 35 -11.89 11.56 30.47
N PRO B 36 -13.17 11.50 30.84
CA PRO B 36 -14.17 12.20 30.03
C PRO B 36 -13.91 13.68 29.89
N GLN B 37 -13.38 14.34 30.93
CA GLN B 37 -13.12 15.77 30.85
C GLN B 37 -12.02 16.08 29.84
N ILE B 38 -10.86 15.42 29.99
CA ILE B 38 -9.75 15.64 29.07
C ILE B 38 -10.12 15.21 27.66
N ASN B 39 -10.88 14.12 27.53
CA ASN B 39 -11.31 13.68 26.21
C ASN B 39 -12.20 14.72 25.55
N THR B 40 -13.16 15.28 26.30
CA THR B 40 -14.05 16.27 25.74
C THR B 40 -13.31 17.53 25.35
N LEU B 41 -12.34 17.96 26.18
CA LEU B 41 -11.57 19.15 25.85
C LEU B 41 -10.77 18.96 24.58
N LEU B 42 -10.08 17.81 24.45
CA LEU B 42 -9.29 17.54 23.25
C LEU B 42 -10.17 17.33 22.01
N THR B 43 -11.35 16.72 22.18
CA THR B 43 -12.26 16.51 21.07
C THR B 43 -12.85 17.82 20.57
N GLU B 44 -13.23 18.70 21.50
CA GLU B 44 -13.75 20.01 21.12
C GLU B 44 -12.66 20.89 20.54
N ALA B 45 -11.41 20.69 20.92
CA ALA B 45 -10.29 21.42 20.33
C ALA B 45 -9.79 20.77 19.04
N ASP B 46 -10.45 19.71 18.57
CA ASP B 46 -10.16 19.08 17.27
C ASP B 46 -8.76 18.46 17.25
N TYR B 47 -8.35 17.86 18.36
CA TYR B 47 -7.11 17.08 18.34
C TYR B 47 -7.33 15.79 17.55
N ASP B 48 -6.32 15.36 16.80
CA ASP B 48 -6.46 14.11 16.08
C ASP B 48 -6.52 12.92 17.06
N LEU B 49 -7.13 11.82 16.59
CA LEU B 49 -7.42 10.68 17.45
C LEU B 49 -6.17 10.14 18.16
N ASN B 50 -5.04 10.09 17.46
CA ASN B 50 -3.86 9.47 18.06
C ASN B 50 -3.38 10.26 19.27
N GLU B 51 -3.45 11.60 19.20
CA GLU B 51 -3.04 12.42 20.34
C GLU B 51 -3.99 12.26 21.52
N ARG B 52 -5.27 12.11 21.25
CA ARG B 52 -6.23 11.82 22.31
C ARG B 52 -5.92 10.51 22.99
N TYR B 53 -5.56 9.47 22.21
CA TYR B 53 -5.18 8.20 22.82
C TYR B 53 -3.96 8.38 23.70
N GLU B 54 -2.94 9.10 23.20
CA GLU B 54 -1.75 9.34 24.02
C GLU B 54 -2.08 10.09 25.30
N ALA B 55 -2.89 11.15 25.20
CA ALA B 55 -3.24 11.93 26.37
C ALA B 55 -3.91 11.07 27.43
N LEU B 56 -4.91 10.28 27.02
CA LEU B 56 -5.65 9.45 27.96
C LEU B 56 -4.85 8.24 28.46
N LEU B 57 -3.93 7.70 27.65
CA LEU B 57 -3.07 6.63 28.14
C LEU B 57 -2.10 7.15 29.17
N LEU B 58 -1.57 8.36 28.95
CA LEU B 58 -0.76 9.00 29.97
C LEU B 58 -1.56 9.19 31.24
N LEU B 59 -2.77 9.76 31.12
CA LEU B 59 -3.62 9.94 32.28
C LEU B 59 -3.83 8.64 33.03
N TYR B 60 -4.08 7.55 32.29
CA TYR B 60 -4.37 6.27 32.91
C TYR B 60 -3.15 5.71 33.64
N ARG B 61 -1.97 5.82 33.04
CA ARG B 61 -0.86 5.14 33.67
C ARG B 61 -0.17 5.98 34.74
N TRP B 62 0.01 7.28 34.52
CA TRP B 62 0.87 8.06 35.44
C TRP B 62 0.18 9.12 36.30
N VAL B 63 -0.98 9.61 35.93
CA VAL B 63 -1.56 10.72 36.72
C VAL B 63 -2.58 10.15 37.68
N VAL B 64 -3.53 9.38 37.18
CA VAL B 64 -4.62 8.82 38.02
C VAL B 64 -4.11 8.00 39.20
N PRO B 65 -3.06 7.14 39.11
CA PRO B 65 -2.61 6.40 40.29
C PRO B 65 -2.17 7.28 41.46
N GLU B 66 -1.83 8.54 41.21
CA GLU B 66 -1.26 9.43 42.24
C GLU B 66 -2.19 10.59 42.60
N MET B 67 -3.49 10.47 42.34
CA MET B 67 -4.44 11.52 42.64
C MET B 67 -5.00 11.42 44.06
N GLY B 68 -4.70 10.34 44.77
CA GLY B 68 -5.16 10.19 46.13
C GLY B 68 -6.59 9.71 46.19
N PRO B 69 -7.18 9.77 47.37
CA PRO B 69 -8.59 9.35 47.53
C PRO B 69 -9.52 10.31 46.78
N ARG B 70 -10.69 9.77 46.42
CA ARG B 70 -11.71 10.57 45.76
C ARG B 70 -12.31 11.57 46.75
N PRO B 71 -12.81 12.72 46.25
CA PRO B 71 -13.47 13.72 47.10
C PRO B 71 -14.62 13.16 47.96
N SER B 87 -9.67 21.84 43.89
CA SER B 87 -9.49 20.72 42.93
C SER B 87 -8.00 20.59 42.56
N PRO B 88 -7.45 19.37 42.51
CA PRO B 88 -6.04 19.14 42.18
C PRO B 88 -5.77 19.19 40.68
N ILE B 89 -6.79 19.50 39.88
CA ILE B 89 -6.57 19.68 38.42
C ILE B 89 -7.12 21.02 37.99
N GLU B 90 -6.35 21.69 37.14
CA GLU B 90 -6.77 22.98 36.57
C GLU B 90 -6.43 22.89 35.09
N TYR B 91 -7.44 23.03 34.27
CA TYR B 91 -7.27 22.97 32.81
C TYR B 91 -7.07 24.38 32.28
N SER B 92 -6.52 24.47 31.10
CA SER B 92 -6.40 25.76 30.46
C SER B 92 -6.52 25.55 28.96
N TRP B 93 -7.12 26.55 28.33
CA TRP B 93 -7.57 26.52 26.94
C TRP B 93 -7.00 27.78 26.31
N LYS B 94 -5.94 27.62 25.51
CA LYS B 94 -5.28 28.76 24.92
C LYS B 94 -5.87 29.01 23.53
N TRP B 95 -6.36 30.23 23.34
CA TRP B 95 -6.93 30.64 22.07
C TRP B 95 -5.81 31.05 21.12
N ILE B 96 -5.85 30.52 19.91
CA ILE B 96 -4.83 30.78 18.91
C ILE B 96 -5.43 31.63 17.81
N SER B 97 -4.66 32.60 17.33
CA SER B 97 -5.16 33.49 16.29
C SER B 97 -5.24 32.74 14.95
N GLY B 98 -5.99 33.34 14.03
CA GLY B 98 -6.03 32.89 12.65
C GLY B 98 -6.72 31.56 12.43
N ASN B 99 -7.80 31.30 13.17
CA ASN B 99 -8.63 30.12 12.97
C ASN B 99 -7.90 28.81 13.27
N LYS B 100 -6.81 28.86 14.02
CA LYS B 100 -6.11 27.65 14.39
C LYS B 100 -6.76 27.00 15.61
N LYS B 101 -6.41 25.74 15.85
CA LYS B 101 -7.03 24.99 16.93
C LYS B 101 -6.51 25.46 18.28
N PRO B 102 -7.36 25.44 19.31
CA PRO B 102 -6.90 25.81 20.66
C PRO B 102 -5.90 24.81 21.19
N GLU B 103 -5.11 25.25 22.17
CA GLU B 103 -4.16 24.36 22.85
C GLU B 103 -4.70 24.03 24.23
N ILE B 104 -4.68 22.74 24.58
CA ILE B 104 -5.16 22.27 25.88
C ILE B 104 -3.97 21.93 26.76
N ARG B 105 -4.02 22.41 27.99
CA ARG B 105 -3.02 22.11 29.00
C ARG B 105 -3.74 21.78 30.28
N TYR B 106 -3.12 20.99 31.15
CA TYR B 106 -3.67 20.85 32.48
C TYR B 106 -2.55 20.74 33.51
N ALA B 107 -2.72 21.49 34.59
CA ALA B 107 -1.82 21.45 35.71
C ALA B 107 -2.40 20.52 36.76
N VAL B 108 -1.53 19.74 37.38
CA VAL B 108 -1.97 18.71 38.35
C VAL B 108 -1.20 18.77 39.66
N GLU B 109 -1.92 18.72 40.78
CA GLU B 109 -1.28 18.63 42.11
C GLU B 109 -1.44 17.20 42.61
N LEU B 110 -0.39 16.41 42.45
CA LEU B 110 -0.42 15.00 42.88
C LEU B 110 -0.19 14.91 44.38
N VAL B 111 -0.67 13.85 45.02
CA VAL B 111 -0.65 13.72 46.47
C VAL B 111 -0.37 12.28 46.86
N SER B 112 0.00 12.08 48.13
CA SER B 112 0.29 10.77 48.69
C SER B 112 -0.09 10.81 50.16
N PRO B 113 -0.30 9.65 50.79
CA PRO B 113 -0.64 9.63 52.23
C PRO B 113 0.44 10.23 53.15
N LEU B 114 1.62 10.54 52.63
CA LEU B 114 2.67 11.15 53.45
C LEU B 114 2.62 12.68 53.48
N ALA B 115 1.82 13.28 52.61
CA ALA B 115 1.77 14.75 52.48
C ALA B 115 1.38 15.42 53.79
N GLY B 116 2.28 16.27 54.30
CA GLY B 116 2.07 16.97 55.54
C GLY B 116 2.80 16.38 56.73
N SER B 117 3.13 15.09 56.68
CA SER B 117 3.92 14.47 57.74
C SER B 117 5.34 15.00 57.73
N LYS B 118 6.10 14.62 58.76
CA LYS B 118 7.52 14.97 58.74
C LYS B 118 8.29 14.20 57.68
N GLN B 119 7.67 13.19 57.05
CA GLN B 119 8.29 12.38 56.01
C GLN B 119 8.16 12.98 54.61
N ASP B 120 7.24 13.95 54.43
CA ASP B 120 7.12 14.72 53.20
C ASP B 120 6.22 15.92 53.45
N PRO B 121 6.71 16.93 54.18
CA PRO B 121 5.82 18.01 54.63
C PRO B 121 5.31 18.89 53.52
N PHE B 122 5.94 18.92 52.35
CA PHE B 122 5.51 19.84 51.31
C PHE B 122 5.00 19.14 50.07
N ASN B 123 4.75 17.83 50.17
CA ASN B 123 4.06 17.06 49.13
C ASN B 123 4.80 17.13 47.79
N GLN B 124 6.07 16.73 47.82
CA GLN B 124 6.95 16.88 46.67
C GLN B 124 7.25 15.57 45.94
N ILE B 125 7.12 14.43 46.63
CA ILE B 125 7.50 13.16 46.00
C ILE B 125 6.65 12.80 44.80
N PRO B 126 5.31 12.96 44.80
CA PRO B 126 4.55 12.55 43.62
C PRO B 126 4.87 13.33 42.36
N THR B 127 5.05 14.65 42.46
CA THR B 127 5.41 15.46 41.31
C THR B 127 6.78 15.05 40.77
N ARG B 128 7.75 14.88 41.66
CA ARG B 128 9.06 14.42 41.24
C ARG B 128 8.94 13.13 40.45
N ASN B 129 8.20 12.15 41.00
CA ASN B 129 8.05 10.87 40.32
C ASN B 129 7.38 11.02 38.96
N LEU B 130 6.30 11.81 38.88
CA LEU B 130 5.63 12.02 37.60
C LEU B 130 6.61 12.56 36.57
N VAL B 131 7.39 13.58 36.96
CA VAL B 131 8.35 14.19 36.05
C VAL B 131 9.39 13.18 35.60
N TYR B 132 9.82 12.30 36.51
CA TYR B 132 10.84 11.32 36.11
C TYR B 132 10.25 10.28 35.15
N ASN B 133 8.99 9.86 35.39
CA ASN B 133 8.32 8.93 34.50
C ASN B 133 8.11 9.53 33.12
N LEU B 134 7.62 10.75 33.06
CA LEU B 134 7.47 11.42 31.78
C LEU B 134 8.81 11.56 31.07
N ALA B 135 9.87 11.93 31.83
CA ALA B 135 11.18 12.10 31.23
C ALA B 135 11.70 10.79 30.65
N LYS B 136 11.38 9.66 31.29
CA LYS B 136 11.71 8.36 30.72
C LYS B 136 10.96 8.14 29.42
N ILE B 137 9.66 8.50 29.41
CA ILE B 137 8.84 8.16 28.26
C ILE B 137 9.02 9.17 27.13
N ILE B 138 9.26 10.44 27.45
CA ILE B 138 9.43 11.46 26.41
C ILE B 138 10.87 11.95 26.43
N PRO B 139 11.72 11.50 25.50
CA PRO B 139 13.15 11.85 25.61
C PRO B 139 13.44 13.32 25.29
N GLU B 140 12.59 14.00 24.51
CA GLU B 140 12.80 15.40 24.18
C GLU B 140 12.75 16.33 25.39
N LEU B 141 12.27 15.84 26.54
CA LEU B 141 12.25 16.63 27.77
C LEU B 141 13.65 16.72 28.37
N ASP B 142 14.02 17.92 28.79
CA ASP B 142 15.32 18.16 29.41
C ASP B 142 15.08 18.53 30.88
N LEU B 143 15.82 17.89 31.79
CA LEU B 143 15.60 18.08 33.21
C LEU B 143 16.63 19.02 33.84
N THR B 144 17.43 19.72 33.03
CA THR B 144 18.52 20.53 33.57
C THR B 144 17.99 21.63 34.47
N TRP B 145 17.13 22.49 33.93
CA TRP B 145 16.59 23.56 34.75
C TRP B 145 15.70 23.01 35.85
N PHE B 146 15.01 21.90 35.59
CA PHE B 146 14.21 21.27 36.64
C PHE B 146 15.09 20.94 37.84
N GLU B 147 16.22 20.27 37.59
CA GLU B 147 17.07 19.87 38.71
C GLU B 147 17.70 21.08 39.38
N HIS B 148 18.13 22.07 38.59
CA HIS B 148 18.71 23.28 39.17
C HIS B 148 17.73 23.98 40.09
N PHE B 149 16.53 24.29 39.58
CA PHE B 149 15.59 25.07 40.35
C PHE B 149 14.99 24.26 41.49
N TRP B 150 14.83 22.95 41.33
CA TRP B 150 14.42 22.13 42.46
C TRP B 150 15.44 22.26 43.59
N HIS B 151 16.72 22.05 43.28
CA HIS B 151 17.73 22.14 44.33
C HIS B 151 17.73 23.53 44.97
N GLU B 152 17.62 24.59 44.17
CA GLU B 152 17.78 25.93 44.72
C GLU B 152 16.54 26.41 45.48
N LEU B 153 15.34 25.97 45.10
CA LEU B 153 14.11 26.50 45.67
C LEU B 153 13.42 25.57 46.67
N LEU B 154 13.61 24.26 46.57
CA LEU B 154 12.96 23.30 47.45
C LEU B 154 13.91 22.35 48.14
N GLY B 155 15.15 22.26 47.70
CA GLY B 155 16.07 21.29 48.24
C GLY B 155 16.86 21.83 49.42
N PRO B 156 18.10 21.33 49.55
CA PRO B 156 19.00 21.80 50.63
C PRO B 156 19.33 23.28 50.56
N GLY B 157 19.08 23.95 49.42
CA GLY B 157 19.21 25.39 49.33
C GLY B 157 18.54 26.10 50.49
N SER B 158 17.23 25.96 50.61
CA SER B 158 16.47 26.43 51.78
C SER B 158 15.14 25.69 51.86
N GLY B 170 0.95 26.17 50.02
CA GLY B 170 0.58 24.83 50.52
C GLY B 170 1.50 23.80 49.92
N SER B 171 1.35 23.54 48.64
CA SER B 171 2.34 22.68 47.98
C SER B 171 3.46 23.61 47.51
N THR B 172 4.60 23.04 47.21
CA THR B 172 5.76 23.84 46.80
C THR B 172 6.04 23.60 45.34
N VAL B 173 5.36 22.62 44.75
CA VAL B 173 5.71 22.27 43.38
C VAL B 173 4.53 21.54 42.75
N PHE B 174 4.29 21.81 41.48
CA PHE B 174 3.36 20.99 40.73
C PHE B 174 3.66 21.04 39.24
N ALA B 175 3.04 20.12 38.49
CA ALA B 175 3.44 19.97 37.10
C ALA B 175 2.26 20.28 36.20
N ALA B 176 2.56 20.58 34.95
CA ALA B 176 1.50 20.82 33.98
C ALA B 176 1.88 20.14 32.68
N LEU B 177 0.93 19.40 32.11
CA LEU B 177 1.10 18.75 30.82
C LEU B 177 0.45 19.60 29.74
N GLU B 178 1.22 19.94 28.72
CA GLU B 178 0.78 20.77 27.61
C GLU B 178 0.71 19.90 26.35
N MET B 179 -0.49 19.68 25.82
CA MET B 179 -0.64 18.92 24.58
C MET B 179 -0.55 19.92 23.45
N LEU B 180 0.58 19.93 22.73
CA LEU B 180 0.82 20.98 21.74
C LEU B 180 0.56 20.52 20.31
N HIS B 181 -0.45 19.70 20.07
CA HIS B 181 -0.79 19.28 18.71
C HIS B 181 0.42 18.71 17.97
N GLY B 182 0.80 17.48 18.27
CA GLY B 182 1.98 16.92 17.63
C GLY B 182 2.95 16.34 18.63
N HIS B 183 3.13 17.02 19.75
CA HIS B 183 3.99 16.53 20.82
C HIS B 183 3.44 17.01 22.17
N LEU B 184 4.09 16.54 23.22
CA LEU B 184 3.73 16.89 24.60
C LEU B 184 4.90 17.63 25.22
N SER B 185 4.60 18.74 25.87
CA SER B 185 5.58 19.47 26.64
C SER B 185 5.19 19.42 28.12
N VAL B 186 6.17 19.53 29.00
CA VAL B 186 5.91 19.50 30.43
C VAL B 186 6.40 20.81 31.03
N LYS B 187 5.65 21.33 32.00
CA LYS B 187 5.91 22.60 32.67
C LYS B 187 5.97 22.34 34.17
N VAL B 188 6.83 23.06 34.88
CA VAL B 188 6.95 22.85 36.31
C VAL B 188 6.82 24.20 37.03
N TYR B 189 6.03 24.22 38.11
CA TYR B 189 5.78 25.40 38.92
C TYR B 189 6.36 25.19 40.32
N PHE B 190 7.22 26.11 40.75
CA PHE B 190 7.82 26.13 42.08
C PHE B 190 7.26 27.29 42.89
N ILE B 191 6.76 26.98 44.09
CA ILE B 191 6.26 28.02 44.99
C ILE B 191 7.14 28.07 46.23
N PRO B 192 8.17 28.93 46.26
CA PRO B 192 9.11 28.92 47.39
C PRO B 192 8.42 29.19 48.71
N VAL B 193 8.94 28.54 49.75
CA VAL B 193 8.51 28.83 51.11
C VAL B 193 9.28 30.05 51.62
N GLU B 194 8.56 31.04 52.11
CA GLU B 194 9.14 32.32 52.47
C GLU B 194 9.50 32.40 53.95
N THR B 195 10.63 33.04 54.22
CA THR B 195 11.13 33.37 55.54
C THR B 195 11.27 34.88 55.64
N PRO B 196 11.21 35.49 56.86
CA PRO B 196 11.44 36.93 57.00
C PRO B 196 12.80 37.40 56.48
N ASP B 197 13.73 36.48 56.29
CA ASP B 197 15.10 36.83 55.83
C ASP B 197 15.28 36.48 54.34
N PHE B 198 14.37 35.69 53.77
CA PHE B 198 14.50 35.23 52.37
C PHE B 198 13.12 35.18 51.73
N SER B 199 12.75 36.25 51.07
CA SER B 199 11.47 36.36 50.40
C SER B 199 11.43 35.46 49.18
N ALA B 200 10.21 35.21 48.69
CA ALA B 200 10.07 34.43 47.46
C ALA B 200 10.80 35.10 46.30
N TRP B 201 10.70 36.44 46.22
CA TRP B 201 11.39 37.13 45.13
C TRP B 201 12.89 36.98 45.25
N HIS B 202 13.42 37.11 46.48
CA HIS B 202 14.85 36.91 46.71
C HIS B 202 15.29 35.54 46.23
N GLN B 203 14.56 34.48 46.63
CA GLN B 203 14.93 33.13 46.23
C GLN B 203 14.85 32.95 44.72
N ILE B 204 13.80 33.46 44.10
CA ILE B 204 13.63 33.27 42.66
C ILE B 204 14.71 34.02 41.89
N LYS B 205 15.00 35.26 42.27
CA LYS B 205 16.04 36.05 41.60
C LYS B 205 17.41 35.41 41.78
N HIS B 206 17.74 34.95 42.99
CA HIS B 206 19.04 34.33 43.22
C HIS B 206 19.15 33.00 42.46
N ALA B 207 18.07 32.22 42.39
CA ALA B 207 18.06 31.00 41.61
C ALA B 207 18.27 31.27 40.12
N ILE B 208 17.55 32.26 39.57
CA ILE B 208 17.73 32.58 38.14
C ILE B 208 19.14 33.05 37.87
N GLU B 209 19.72 33.83 38.79
CA GLU B 209 21.08 34.29 38.60
C GLU B 209 22.09 33.16 38.77
N ALA B 210 21.73 32.14 39.53
CA ALA B 210 22.62 30.98 39.68
C ALA B 210 22.51 29.99 38.54
N SER B 211 21.45 30.07 37.75
CA SER B 211 21.27 29.12 36.66
C SER B 211 22.31 29.29 35.56
N GLY B 212 22.94 30.46 35.46
CA GLY B 212 23.89 30.73 34.41
C GLY B 212 23.25 31.20 33.11
N LEU B 216 21.39 38.65 31.10
CA LEU B 216 20.43 38.65 32.21
C LEU B 216 19.75 40.01 32.36
N GLU B 217 19.52 40.69 31.22
CA GLU B 217 18.98 42.03 31.29
C GLU B 217 17.50 42.04 31.68
N ALA B 218 16.71 41.09 31.17
CA ALA B 218 15.28 41.12 31.46
C ALA B 218 15.00 40.93 32.94
N LEU B 219 15.77 40.06 33.60
CA LEU B 219 15.60 39.88 35.03
C LEU B 219 15.88 41.18 35.78
N ASN B 220 16.92 41.90 35.37
CA ASN B 220 17.23 43.16 36.04
C ASN B 220 16.13 44.19 35.79
N HIS B 221 15.55 44.18 34.59
CA HIS B 221 14.42 45.08 34.32
C HIS B 221 13.27 44.82 35.28
N VAL B 222 12.92 43.53 35.46
CA VAL B 222 11.84 43.17 36.37
C VAL B 222 12.20 43.54 37.79
N ASP B 223 13.47 43.35 38.17
CA ASP B 223 13.91 43.68 39.52
C ASP B 223 13.80 45.18 39.79
N ALA B 224 14.30 45.99 38.86
CA ALA B 224 14.17 47.43 38.99
C ALA B 224 12.71 47.85 39.05
N TYR B 225 11.87 47.26 38.21
CA TYR B 225 10.45 47.60 38.24
C TYR B 225 9.87 47.30 39.62
N LEU B 226 10.12 46.11 40.14
CA LEU B 226 9.48 45.70 41.39
C LEU B 226 10.01 46.46 42.59
N SER B 227 11.18 47.08 42.47
CA SER B 227 11.81 47.70 43.66
C SER B 227 11.78 49.23 43.62
N SER B 228 11.67 49.83 42.44
CA SER B 228 11.78 51.30 42.36
C SER B 228 10.60 51.92 41.61
N HIS B 229 9.65 51.13 41.13
CA HIS B 229 8.50 51.74 40.48
C HIS B 229 7.28 51.75 41.40
N ASP B 230 6.48 52.82 41.27
CA ASP B 230 5.29 52.99 42.11
C ASP B 230 4.32 51.82 41.93
N ASP B 231 4.17 51.32 40.71
CA ASP B 231 3.28 50.20 40.48
C ASP B 231 4.00 48.86 40.60
N GLY B 232 5.29 48.82 40.30
CA GLY B 232 6.05 47.61 40.55
C GLY B 232 6.16 47.28 42.02
N ARG B 233 6.16 48.30 42.88
CA ARG B 233 6.26 48.07 44.32
C ARG B 233 4.97 47.48 44.89
N GLN B 234 3.92 47.36 44.09
CA GLN B 234 2.65 46.81 44.54
C GLN B 234 2.51 45.32 44.22
N LEU B 235 3.49 44.73 43.53
CA LEU B 235 3.46 43.33 43.15
C LEU B 235 4.29 42.48 44.10
N ARG B 236 3.78 41.31 44.47
CA ARG B 236 4.51 40.38 45.34
C ARG B 236 4.79 39.10 44.57
N PRO B 237 6.03 38.85 44.09
CA PRO B 237 6.35 37.58 43.49
C PRO B 237 6.16 36.38 44.42
N PHE B 238 5.72 35.24 43.87
CA PHE B 238 5.38 34.06 44.69
C PHE B 238 5.62 32.75 43.96
N MET B 239 5.86 32.77 42.66
CA MET B 239 5.93 31.51 41.91
C MET B 239 6.82 31.62 40.68
N LEU B 240 7.50 30.54 40.37
CA LEU B 240 8.38 30.45 39.21
C LEU B 240 8.00 29.25 38.36
N ALA B 241 7.90 29.45 37.05
CA ALA B 241 7.53 28.39 36.13
C ALA B 241 8.61 28.24 35.06
N ILE B 242 8.90 26.98 34.73
CA ILE B 242 9.86 26.63 33.69
C ILE B 242 9.26 25.57 32.78
N ASP B 243 9.82 25.45 31.58
CA ASP B 243 9.51 24.36 30.66
C ASP B 243 10.64 23.35 30.68
N LEU B 244 10.30 22.07 30.59
CA LEU B 244 11.33 21.03 30.61
C LEU B 244 11.88 20.79 29.21
N VAL B 245 12.42 21.85 28.62
CA VAL B 245 13.10 21.75 27.33
C VAL B 245 14.52 22.25 27.53
N GLU B 246 15.32 22.27 26.47
CA GLU B 246 16.65 22.83 26.56
C GLU B 246 16.57 24.24 27.15
N PRO B 247 17.40 24.58 28.14
CA PRO B 247 17.20 25.84 28.88
C PRO B 247 17.24 27.09 28.01
N ALA B 248 17.96 27.07 26.90
CA ALA B 248 17.95 28.22 26.01
C ALA B 248 16.58 28.46 25.38
N ALA B 249 15.75 27.44 25.28
CA ALA B 249 14.44 27.53 24.67
C ALA B 249 13.32 27.58 25.70
N SER B 250 13.64 27.42 26.98
CA SER B 250 12.61 27.42 28.00
C SER B 250 12.26 28.83 28.43
N ARG B 251 11.01 29.02 28.78
CA ARG B 251 10.59 30.30 29.35
C ARG B 251 10.82 30.29 30.86
N LEU B 252 11.09 31.46 31.41
CA LEU B 252 11.20 31.65 32.86
C LEU B 252 10.09 32.60 33.26
N LYS B 253 9.02 32.09 33.83
CA LYS B 253 7.87 32.93 34.16
C LYS B 253 7.85 33.20 35.66
N ILE B 254 7.80 34.48 36.04
CA ILE B 254 7.71 34.89 37.44
C ILE B 254 6.29 35.37 37.70
N TYR B 255 5.59 34.71 38.62
CA TYR B 255 4.22 35.05 38.98
C TYR B 255 4.21 35.90 40.25
N ALA B 256 3.43 36.97 40.21
CA ALA B 256 3.30 37.97 41.26
C ALA B 256 1.82 38.34 41.43
N ARG B 257 1.42 38.52 42.68
CA ARG B 257 0.04 38.82 43.02
C ARG B 257 -0.09 40.28 43.45
N SER B 258 -1.28 40.84 43.27
CA SER B 258 -1.54 42.21 43.70
C SER B 258 -2.98 42.37 44.17
N ASN B 259 -3.17 43.27 45.15
CA ASN B 259 -4.48 43.65 45.68
C ASN B 259 -5.21 44.65 44.79
N GLN B 260 -4.53 45.21 43.80
CA GLN B 260 -5.13 46.22 42.95
C GLN B 260 -5.96 45.59 41.85
N THR B 261 -7.03 46.29 41.45
CA THR B 261 -7.90 45.82 40.38
C THR B 261 -8.31 46.90 39.37
N SER B 262 -7.87 48.16 39.52
CA SER B 262 -8.15 49.15 38.50
C SER B 262 -7.48 48.75 37.19
N PHE B 263 -8.13 49.06 36.06
CA PHE B 263 -7.49 48.78 34.78
C PHE B 263 -6.29 49.66 34.51
N ARG B 264 -6.22 50.85 35.13
CA ARG B 264 -5.02 51.67 34.98
C ARG B 264 -3.79 50.94 35.50
N PHE B 265 -3.92 50.28 36.65
CA PHE B 265 -2.81 49.51 37.21
C PHE B 265 -2.46 48.33 36.30
N VAL B 266 -3.48 47.62 35.81
CA VAL B 266 -3.22 46.49 34.94
C VAL B 266 -2.49 46.96 33.68
N ARG B 267 -2.89 48.11 33.13
CA ARG B 267 -2.24 48.64 31.93
C ARG B 267 -0.79 49.01 32.21
N ASP B 268 -0.54 49.67 33.33
CA ASP B 268 0.82 50.11 33.63
C ASP B 268 1.74 48.93 33.87
N VAL B 269 1.26 47.88 34.55
CA VAL B 269 2.12 46.72 34.71
C VAL B 269 2.33 46.02 33.37
N MET B 270 1.29 46.02 32.51
CA MET B 270 1.47 45.49 31.16
C MET B 270 2.55 46.25 30.40
N THR B 271 2.73 47.53 30.70
CA THR B 271 3.81 48.29 30.06
C THR B 271 5.12 48.23 30.86
N ILE B 272 5.11 47.61 32.04
CA ILE B 272 6.27 47.56 32.93
C ILE B 272 6.79 48.96 33.17
N GLY B 273 5.91 49.87 33.61
CA GLY B 273 6.30 51.22 33.90
C GLY B 273 6.72 52.05 32.70
N GLY B 274 6.47 51.56 31.49
CA GLY B 274 6.85 52.27 30.28
C GLY B 274 8.02 51.68 29.54
N LEU B 275 8.68 50.64 30.06
CA LEU B 275 9.78 50.03 29.33
C LEU B 275 9.32 49.53 27.96
N ARG B 276 8.08 49.04 27.86
CA ARG B 276 7.51 48.61 26.59
C ARG B 276 6.58 49.69 26.06
N THR B 277 6.81 50.09 24.82
CA THR B 277 5.92 51.02 24.13
C THR B 277 5.35 50.36 22.88
N ASP B 278 4.60 51.13 22.11
CA ASP B 278 3.89 50.63 20.93
C ASP B 278 2.98 49.45 21.27
N LEU B 279 2.23 49.61 22.37
CA LEU B 279 1.20 48.64 22.80
C LEU B 279 -0.16 49.28 22.94
N ASP B 280 -0.40 50.45 22.34
CA ASP B 280 -1.63 51.19 22.63
C ASP B 280 -2.86 50.52 22.03
N ARG B 281 -2.77 50.02 20.78
CA ARG B 281 -3.91 49.34 20.18
C ARG B 281 -4.26 48.06 20.96
N SER B 282 -3.24 47.31 21.38
CA SER B 282 -3.51 46.12 22.18
C SER B 282 -4.12 46.49 23.51
N ILE B 283 -3.74 47.63 24.08
CA ILE B 283 -4.30 48.01 25.37
C ILE B 283 -5.73 48.54 25.22
N GLU B 284 -6.07 49.17 24.10
CA GLU B 284 -7.47 49.49 23.85
C GLU B 284 -8.31 48.22 23.76
N LYS B 285 -7.83 47.24 22.97
CA LYS B 285 -8.53 45.96 22.91
C LYS B 285 -8.64 45.32 24.28
N PHE B 286 -7.58 45.44 25.09
CA PHE B 286 -7.61 44.87 26.43
C PHE B 286 -8.65 45.54 27.31
N SER B 287 -8.77 46.86 27.26
CA SER B 287 -9.80 47.52 28.06
C SER B 287 -11.18 47.03 27.65
N ASP B 288 -11.40 46.89 26.34
CA ASP B 288 -12.68 46.34 25.86
C ASP B 288 -12.94 44.96 26.46
N LEU B 289 -11.98 44.04 26.30
CA LEU B 289 -12.15 42.68 26.80
C LEU B 289 -12.34 42.67 28.32
N TRP B 290 -11.60 43.52 29.03
CA TRP B 290 -11.68 43.61 30.49
C TRP B 290 -13.08 43.94 30.93
N LYS B 291 -13.67 44.99 30.34
CA LYS B 291 -15.03 45.35 30.74
C LYS B 291 -16.04 44.30 30.28
N ARG B 292 -15.80 43.64 29.15
CA ARG B 292 -16.77 42.65 28.67
C ARG B 292 -16.78 41.40 29.55
N ALA B 293 -15.59 40.91 29.92
CA ALA B 293 -15.49 39.69 30.70
C ALA B 293 -15.92 39.92 32.14
N LEU B 294 -15.50 41.05 32.74
CA LEU B 294 -15.90 41.33 34.11
C LEU B 294 -17.34 41.83 34.24
N GLY B 295 -18.03 42.09 33.13
CA GLY B 295 -19.41 42.57 33.20
C GLY B 295 -19.54 44.01 33.63
N LEU B 296 -18.46 44.78 33.51
CA LEU B 296 -18.43 46.17 33.91
C LEU B 296 -19.19 47.05 32.91
N ASP B 297 -19.64 48.19 33.39
CA ASP B 297 -20.27 49.20 32.53
C ASP B 297 -19.24 49.74 31.56
N PRO B 298 -19.55 49.86 30.25
CA PRO B 298 -18.58 50.41 29.29
C PRO B 298 -17.95 51.74 29.67
N ASP B 299 -18.62 52.49 30.56
CA ASP B 299 -18.17 53.80 31.00
C ASP B 299 -17.32 53.75 32.26
N THR B 300 -16.93 52.57 32.72
CA THR B 300 -16.16 52.44 33.96
C THR B 300 -14.81 53.14 33.81
N PRO B 301 -14.53 54.15 34.63
CA PRO B 301 -13.24 54.84 34.54
C PRO B 301 -12.10 53.90 34.89
N PRO B 302 -11.01 53.91 34.12
CA PRO B 302 -9.89 53.01 34.40
C PRO B 302 -9.20 53.28 35.73
N GLU B 303 -9.27 54.51 36.25
CA GLU B 303 -8.65 54.82 37.53
C GLU B 303 -9.39 54.17 38.69
N ASP B 304 -10.66 53.81 38.52
CA ASP B 304 -11.45 53.28 39.61
C ASP B 304 -11.21 51.78 39.80
N GLU B 305 -11.38 51.32 41.03
CA GLU B 305 -11.10 49.96 41.44
C GLU B 305 -12.37 49.13 41.54
N LEU B 306 -12.25 47.83 41.27
CA LEU B 306 -13.37 46.92 41.43
C LEU B 306 -13.84 46.91 42.89
N PRO B 307 -15.12 46.61 43.15
CA PRO B 307 -15.62 46.50 44.52
C PRO B 307 -15.00 45.36 45.32
N SER B 314 -7.42 37.60 46.58
CA SER B 314 -8.05 38.45 45.59
C SER B 314 -7.01 39.33 44.90
N GLY B 315 -7.44 40.16 43.95
CA GLY B 315 -6.53 41.00 43.21
C GLY B 315 -6.13 40.39 41.88
N ALA B 316 -5.36 41.15 41.11
CA ALA B 316 -4.90 40.70 39.81
C ALA B 316 -3.54 40.04 39.93
N VAL B 317 -3.32 39.00 39.13
CA VAL B 317 -2.06 38.27 39.13
C VAL B 317 -1.37 38.53 37.80
N PHE B 318 -0.05 38.52 37.85
CA PHE B 318 0.73 38.86 36.64
C PHE B 318 1.93 37.93 36.51
N ASN B 319 2.33 37.63 35.28
CA ASN B 319 3.56 36.83 35.07
C ASN B 319 4.54 37.67 34.25
N PHE B 320 5.83 37.45 34.46
CA PHE B 320 6.88 38.17 33.71
C PHE B 320 7.82 37.14 33.10
N ASP B 321 7.73 36.89 31.79
CA ASP B 321 8.72 36.01 31.17
C ASP B 321 10.03 36.79 31.04
N VAL B 322 11.06 36.32 31.75
CA VAL B 322 12.35 36.99 31.84
C VAL B 322 13.43 36.10 31.24
N ALA B 323 13.17 35.61 30.03
CA ALA B 323 14.14 34.71 29.35
C ALA B 323 15.21 35.57 28.68
N PRO B 324 16.46 35.08 28.50
CA PRO B 324 17.52 35.81 27.82
C PRO B 324 17.15 36.40 26.46
N LYS B 325 16.48 35.61 25.63
CA LYS B 325 16.20 36.02 24.24
C LYS B 325 15.26 37.20 24.21
N SER B 326 14.51 37.37 25.29
CA SER B 326 13.52 38.47 25.33
C SER B 326 14.26 39.81 25.38
N GLN B 327 15.34 39.92 26.16
CA GLN B 327 16.05 41.21 26.38
C GLN B 327 15.10 42.11 27.18
N ILE B 328 13.89 42.31 26.66
CA ILE B 328 12.89 43.01 27.47
C ILE B 328 11.87 41.96 27.91
N PRO B 329 11.44 41.96 29.17
CA PRO B 329 10.55 40.88 29.63
C PRO B 329 9.15 41.05 29.08
N GLU B 330 8.43 39.95 28.96
CA GLU B 330 7.06 40.01 28.46
C GLU B 330 6.10 39.73 29.61
N VAL B 331 4.91 40.31 29.54
CA VAL B 331 3.99 40.32 30.67
C VAL B 331 2.66 39.67 30.28
N LYS B 332 2.11 38.90 31.19
CA LYS B 332 0.79 38.32 31.06
C LYS B 332 -0.01 38.71 32.29
N ALA B 333 -1.21 39.25 32.07
CA ALA B 333 -2.10 39.69 33.13
C ALA B 333 -3.24 38.70 33.26
N TYR B 334 -3.66 38.41 34.48
CA TYR B 334 -4.73 37.44 34.73
C TYR B 334 -5.96 38.17 35.28
N ILE B 335 -7.00 38.25 34.46
CA ILE B 335 -8.27 38.87 34.83
C ILE B 335 -8.97 37.88 35.75
N PRO B 336 -9.28 38.27 36.99
CA PRO B 336 -9.89 37.33 37.97
C PRO B 336 -11.41 37.23 37.83
N VAL B 337 -11.84 36.37 36.91
CA VAL B 337 -13.27 36.25 36.67
C VAL B 337 -13.99 35.58 37.84
N ARG B 338 -13.32 34.67 38.55
CA ARG B 338 -13.98 33.88 39.59
C ARG B 338 -14.39 34.71 40.81
N HIS B 339 -14.04 35.99 40.85
CA HIS B 339 -14.31 36.80 42.02
C HIS B 339 -15.03 38.08 41.70
N TYR B 340 -15.00 38.53 40.45
CA TYR B 340 -15.56 39.82 40.05
C TYR B 340 -16.57 39.74 38.93
N ALA B 341 -16.75 38.59 38.30
CA ALA B 341 -17.81 38.44 37.32
C ALA B 341 -19.08 37.97 38.01
N ASN B 342 -20.17 37.99 37.27
CA ASN B 342 -21.43 37.62 37.91
C ASN B 342 -21.70 36.12 37.84
N ASN B 343 -21.40 35.50 36.70
CA ASN B 343 -21.51 34.06 36.56
C ASN B 343 -20.66 33.63 35.37
N ASP B 344 -20.36 32.34 35.32
CA ASP B 344 -19.47 31.84 34.27
C ASP B 344 -20.07 32.03 32.88
N LEU B 345 -21.39 31.88 32.73
CA LEU B 345 -21.98 32.04 31.41
C LEU B 345 -21.81 33.47 30.90
N GLN B 346 -22.03 34.45 31.79
CA GLN B 346 -21.84 35.86 31.44
C GLN B 346 -20.40 36.16 31.05
N ALA B 347 -19.43 35.64 31.80
CA ALA B 347 -18.03 35.86 31.48
C ALA B 347 -17.66 35.23 30.14
N ALA B 348 -18.12 33.99 29.92
CA ALA B 348 -17.77 33.31 28.68
C ALA B 348 -18.39 34.02 27.49
N LEU B 349 -19.64 34.47 27.62
CA LEU B 349 -20.29 35.17 26.52
C LEU B 349 -19.57 36.46 26.20
N GLY B 350 -19.09 37.18 27.22
CA GLY B 350 -18.32 38.38 26.95
C GLY B 350 -17.02 38.09 26.23
N LEU B 351 -16.28 37.10 26.74
CA LEU B 351 -15.03 36.73 26.09
C LEU B 351 -15.23 36.32 24.64
N ILE B 352 -16.23 35.48 24.36
CA ILE B 352 -16.42 35.03 22.98
C ILE B 352 -16.97 36.14 22.10
N GLY B 353 -17.75 37.06 22.67
CA GLY B 353 -18.14 38.24 21.89
C GLY B 353 -16.93 39.06 21.49
N TYR B 354 -16.00 39.27 22.42
CA TYR B 354 -14.74 39.92 22.06
C TYR B 354 -14.05 39.15 20.94
N LEU B 355 -13.89 37.84 21.12
CA LEU B 355 -13.16 37.04 20.14
C LEU B 355 -13.80 37.14 18.76
N GLU B 356 -15.13 36.97 18.69
CA GLU B 356 -15.78 37.00 17.39
C GLU B 356 -15.79 38.40 16.80
N ASP B 357 -15.77 39.44 17.64
CA ASP B 357 -15.68 40.80 17.11
C ASP B 357 -14.34 41.07 16.44
N HIS B 358 -13.32 40.28 16.77
CA HIS B 358 -12.01 40.45 16.15
C HIS B 358 -11.65 39.26 15.27
N GLY B 359 -12.65 38.46 14.89
CA GLY B 359 -12.46 37.37 13.95
C GLY B 359 -11.68 36.21 14.51
N HIS B 360 -11.67 36.00 15.83
CA HIS B 360 -10.89 34.95 16.46
C HIS B 360 -11.75 33.98 17.25
N GLY B 361 -12.99 33.77 16.81
CA GLY B 361 -13.91 32.95 17.59
C GLY B 361 -14.35 31.66 16.92
N GLY B 362 -13.44 31.00 16.20
CA GLY B 362 -13.81 29.79 15.50
C GLY B 362 -14.18 28.63 16.42
N TYR B 363 -13.63 28.60 17.64
CA TYR B 363 -13.85 27.50 18.58
C TYR B 363 -14.60 27.97 19.82
N SER B 364 -15.48 28.97 19.67
CA SER B 364 -16.24 29.52 20.80
C SER B 364 -17.28 28.52 21.30
N GLN B 365 -18.03 27.88 20.40
CA GLN B 365 -19.04 26.92 20.82
C GLN B 365 -18.40 25.67 21.41
N SER B 366 -17.23 25.29 20.92
CA SER B 366 -16.48 24.21 21.55
C SER B 366 -16.09 24.58 22.97
N TYR B 367 -15.68 25.83 23.17
CA TYR B 367 -15.36 26.30 24.50
C TYR B 367 -16.58 26.23 25.42
N LEU B 368 -17.75 26.64 24.92
CA LEU B 368 -18.94 26.59 25.75
C LEU B 368 -19.35 25.16 26.08
N ARG B 369 -19.16 24.24 25.13
CA ARG B 369 -19.42 22.83 25.41
C ARG B 369 -18.46 22.28 26.45
N GLY B 370 -17.20 22.74 26.41
CA GLY B 370 -16.27 22.37 27.46
C GLY B 370 -16.69 22.91 28.82
N LEU B 371 -17.15 24.16 28.85
CA LEU B 371 -17.65 24.74 30.11
C LEU B 371 -18.82 23.94 30.65
N ASP B 372 -19.77 23.61 29.76
CA ASP B 372 -20.96 22.88 30.17
C ASP B 372 -20.60 21.50 30.71
N MET B 373 -19.60 20.86 30.09
CA MET B 373 -19.15 19.57 30.59
C MET B 373 -18.48 19.71 31.96
N LEU B 374 -17.66 20.74 32.15
CA LEU B 374 -16.94 20.92 33.41
C LEU B 374 -17.80 21.44 34.55
N ALA B 375 -18.90 22.12 34.25
CA ALA B 375 -19.60 22.85 35.28
C ALA B 375 -20.30 21.91 36.25
N PRO B 376 -20.35 22.28 37.54
CA PRO B 376 -21.25 21.57 38.46
C PRO B 376 -22.66 21.63 37.90
N SER B 377 -23.41 20.56 38.12
CA SER B 377 -24.72 20.43 37.50
C SER B 377 -25.55 21.68 37.74
N GLY B 378 -25.71 22.50 36.70
CA GLY B 378 -26.54 23.68 36.76
C GLY B 378 -26.07 24.84 37.61
N GLN B 379 -24.83 25.28 37.42
CA GLN B 379 -24.34 26.44 38.15
C GLN B 379 -23.64 27.44 37.24
N LEU B 380 -23.58 27.18 35.93
CA LEU B 380 -22.94 28.12 35.01
C LEU B 380 -23.58 29.50 35.06
N ASP B 381 -24.92 29.56 35.17
CA ASP B 381 -25.64 30.84 35.13
C ASP B 381 -25.69 31.56 36.46
N GLN B 382 -25.51 30.86 37.58
CA GLN B 382 -25.78 31.45 38.88
C GLN B 382 -24.54 31.88 39.63
N ALA B 383 -23.38 31.36 39.26
CA ALA B 383 -22.19 31.57 40.06
C ALA B 383 -20.98 31.56 39.16
N THR B 384 -19.87 31.99 39.72
CA THR B 384 -18.57 31.83 39.11
C THR B 384 -17.90 30.61 39.73
N GLY B 385 -16.70 30.29 39.26
CA GLY B 385 -15.96 29.16 39.79
C GLY B 385 -15.31 28.29 38.75
N VAL B 386 -15.98 28.07 37.62
CA VAL B 386 -15.40 27.25 36.56
C VAL B 386 -14.24 27.98 35.91
N GLN B 387 -14.49 29.16 35.36
CA GLN B 387 -13.41 29.98 34.82
C GLN B 387 -12.78 30.74 35.97
N THR B 388 -11.50 30.48 36.22
CA THR B 388 -10.79 31.19 37.29
C THR B 388 -10.09 32.44 36.78
N TYR B 389 -9.42 32.36 35.63
CA TYR B 389 -8.67 33.49 35.12
C TYR B 389 -8.78 33.56 33.61
N PHE B 390 -8.83 34.79 33.09
CA PHE B 390 -8.55 35.08 31.69
C PHE B 390 -7.18 35.72 31.60
N ALA B 391 -6.21 35.00 31.05
CA ALA B 391 -4.87 35.54 30.88
C ALA B 391 -4.78 36.24 29.54
N VAL B 392 -4.19 37.44 29.56
CA VAL B 392 -4.08 38.31 28.40
C VAL B 392 -2.62 38.68 28.25
N ALA B 393 -2.14 38.61 27.01
CA ALA B 393 -0.81 39.10 26.66
C ALA B 393 -0.94 39.98 25.43
N CYS B 394 -0.14 41.03 25.36
CA CYS B 394 -0.22 41.98 24.27
C CYS B 394 0.86 41.65 23.24
N GLN B 395 0.47 40.92 22.20
CA GLN B 395 1.37 40.48 21.15
C GLN B 395 1.20 41.45 19.97
N GLY B 396 2.11 42.42 19.88
CA GLY B 396 2.04 43.41 18.83
C GLY B 396 0.78 44.26 18.90
N GLU B 397 -0.17 43.99 18.01
CA GLU B 397 -1.44 44.70 17.99
C GLU B 397 -2.61 43.83 18.46
N ASP B 398 -2.36 42.56 18.75
CA ASP B 398 -3.43 41.64 19.12
C ASP B 398 -3.23 41.17 20.54
N LEU B 399 -4.24 40.47 21.04
CA LEU B 399 -4.16 39.87 22.37
C LEU B 399 -4.01 38.37 22.22
N SER B 400 -3.30 37.76 23.15
CA SER B 400 -3.19 36.32 23.29
C SER B 400 -3.93 35.96 24.57
N LEU B 401 -4.96 35.11 24.45
CA LEU B 401 -5.87 34.82 25.55
C LEU B 401 -5.80 33.35 25.97
N THR B 402 -5.95 33.14 27.28
CA THR B 402 -5.94 31.80 27.84
C THR B 402 -7.01 31.72 28.91
N SER B 403 -7.90 30.74 28.81
CA SER B 403 -8.93 30.53 29.81
C SER B 403 -8.46 29.45 30.78
N TYR B 404 -8.58 29.73 32.07
CA TYR B 404 -8.20 28.77 33.09
C TYR B 404 -9.45 28.22 33.75
N LEU B 405 -9.59 26.90 33.75
CA LEU B 405 -10.83 26.23 34.09
C LEU B 405 -10.61 25.32 35.29
N ASN B 406 -11.53 25.39 36.26
CA ASN B 406 -11.49 24.58 37.46
C ASN B 406 -12.73 23.67 37.47
N PRO B 407 -12.59 22.34 37.49
CA PRO B 407 -13.79 21.49 37.50
C PRO B 407 -14.54 21.47 38.83
N GLN B 408 -13.95 21.91 39.93
CA GLN B 408 -14.64 22.03 41.23
C GLN B 408 -15.21 20.68 41.71
N PHE B 409 -14.30 19.76 42.04
CA PHE B 409 -14.73 18.47 42.56
C PHE B 409 -15.29 18.67 43.98
N SER C 11 5.63 -6.47 -9.74
CA SER C 11 6.47 -5.28 -9.71
C SER C 11 7.05 -4.99 -11.10
N VAL C 12 6.85 -3.75 -11.58
CA VAL C 12 7.31 -3.40 -12.91
C VAL C 12 8.83 -3.45 -12.99
N TRP C 13 9.51 -2.95 -11.96
CA TRP C 13 10.97 -3.01 -11.95
C TRP C 13 11.46 -4.45 -11.97
N LYS C 14 10.81 -5.33 -11.21
CA LYS C 14 11.24 -6.72 -11.19
C LYS C 14 11.08 -7.36 -12.58
N THR C 15 9.97 -7.08 -13.26
CA THR C 15 9.81 -7.60 -14.61
C THR C 15 10.92 -7.09 -15.53
N LEU C 16 11.10 -5.76 -15.57
CA LEU C 16 12.10 -5.17 -16.46
C LEU C 16 13.49 -5.73 -16.15
N ASN C 17 13.76 -5.96 -14.87
CA ASN C 17 15.05 -6.51 -14.50
C ASN C 17 15.19 -7.94 -14.96
N LYS C 18 14.08 -8.69 -14.96
CA LYS C 18 14.12 -10.07 -15.45
C LYS C 18 14.41 -10.11 -16.94
N TRP C 19 13.88 -9.15 -17.70
CA TRP C 19 13.95 -9.28 -19.16
C TRP C 19 14.90 -8.32 -19.86
N LEU C 20 15.26 -7.19 -19.25
CA LEU C 20 16.20 -6.29 -19.93
C LEU C 20 17.62 -6.87 -19.81
N PRO C 21 18.50 -6.52 -20.75
CA PRO C 21 19.86 -7.08 -20.72
C PRO C 21 20.59 -6.60 -19.47
N PRO C 22 21.36 -7.47 -18.83
CA PRO C 22 22.03 -7.08 -17.59
C PRO C 22 23.11 -6.02 -17.82
N LEU C 23 23.33 -5.20 -16.79
CA LEU C 23 24.26 -4.09 -16.83
C LEU C 23 25.54 -4.41 -16.05
N SER C 24 26.58 -3.60 -16.30
CA SER C 24 27.83 -3.72 -15.57
C SER C 24 27.64 -3.27 -14.12
N ARG C 25 28.68 -3.46 -13.30
CA ARG C 25 28.55 -3.36 -11.85
C ARG C 25 27.99 -2.00 -11.41
N ASP C 26 28.59 -0.91 -11.87
CA ASP C 26 28.15 0.42 -11.47
C ASP C 26 26.73 0.70 -11.95
N LYS C 27 26.49 0.47 -13.26
CA LYS C 27 25.16 0.68 -13.80
C LYS C 27 24.14 -0.27 -13.17
N ASP C 28 24.55 -1.50 -12.87
CA ASP C 28 23.64 -2.44 -12.23
C ASP C 28 23.25 -1.97 -10.83
N TRP C 29 24.22 -1.45 -10.08
CA TRP C 29 23.90 -0.90 -8.77
C TRP C 29 22.91 0.26 -8.88
N TRP C 30 23.18 1.19 -9.81
CA TRP C 30 22.28 2.33 -9.95
C TRP C 30 20.89 1.89 -10.38
N TRP C 31 20.81 0.91 -11.26
CA TRP C 31 19.52 0.38 -11.71
C TRP C 31 18.75 -0.25 -10.55
N LYS C 32 19.42 -1.10 -9.79
CA LYS C 32 18.78 -1.86 -8.68
C LYS C 32 18.55 -0.99 -7.44
N THR C 33 18.94 0.27 -7.50
CA THR C 33 18.70 1.20 -6.37
C THR C 33 17.64 2.22 -6.78
N LEU C 34 17.79 2.82 -7.94
CA LEU C 34 16.86 3.88 -8.40
C LEU C 34 15.56 3.26 -8.90
N GLY C 35 15.63 2.15 -9.65
CA GLY C 35 14.46 1.51 -10.18
C GLY C 35 13.45 1.16 -9.11
N PRO C 36 13.86 0.40 -8.10
CA PRO C 36 12.92 0.09 -7.02
C PRO C 36 12.37 1.34 -6.33
N GLN C 37 13.19 2.38 -6.15
CA GLN C 37 12.70 3.59 -5.50
C GLN C 37 11.67 4.30 -6.36
N ILE C 38 12.00 4.55 -7.64
CA ILE C 38 11.06 5.23 -8.53
C ILE C 38 9.79 4.40 -8.68
N ASN C 39 9.94 3.07 -8.78
CA ASN C 39 8.78 2.20 -8.92
C ASN C 39 7.89 2.27 -7.68
N THR C 40 8.49 2.25 -6.49
CA THR C 40 7.70 2.37 -5.27
C THR C 40 6.97 3.70 -5.22
N LEU C 41 7.66 4.78 -5.61
CA LEU C 41 7.02 6.09 -5.58
C LEU C 41 5.85 6.16 -6.56
N LEU C 42 6.06 5.70 -7.79
CA LEU C 42 4.97 5.75 -8.78
C LEU C 42 3.82 4.83 -8.40
N THR C 43 4.10 3.69 -7.77
CA THR C 43 3.02 2.80 -7.35
C THR C 43 2.25 3.39 -6.18
N GLU C 44 2.93 4.00 -5.22
CA GLU C 44 2.22 4.59 -4.09
C GLU C 44 1.38 5.77 -4.52
N ALA C 45 1.78 6.45 -5.59
CA ALA C 45 0.99 7.52 -6.19
C ALA C 45 -0.06 7.02 -7.17
N ASP C 46 -0.19 5.70 -7.35
CA ASP C 46 -1.23 5.08 -8.18
C ASP C 46 -1.11 5.45 -9.66
N TYR C 47 0.11 5.47 -10.17
CA TYR C 47 0.28 5.58 -11.61
C TYR C 47 -0.15 4.28 -12.29
N ASP C 48 -0.73 4.40 -13.47
CA ASP C 48 -1.09 3.19 -14.20
C ASP C 48 0.17 2.44 -14.69
N LEU C 49 0.01 1.14 -14.90
CA LEU C 49 1.14 0.27 -15.22
C LEU C 49 1.94 0.79 -16.40
N ASN C 50 1.26 1.33 -17.41
CA ASN C 50 1.96 1.78 -18.62
C ASN C 50 2.95 2.89 -18.30
N GLU C 51 2.55 3.85 -17.46
CA GLU C 51 3.44 4.96 -17.13
C GLU C 51 4.59 4.50 -16.25
N ARG C 52 4.35 3.53 -15.36
CA ARG C 52 5.46 2.97 -14.60
C ARG C 52 6.48 2.33 -15.54
N TYR C 53 5.99 1.60 -16.56
CA TYR C 53 6.91 1.02 -17.53
C TYR C 53 7.69 2.09 -18.28
N GLU C 54 6.99 3.14 -18.72
CA GLU C 54 7.69 4.22 -19.44
C GLU C 54 8.77 4.84 -18.58
N ALA C 55 8.44 5.13 -17.32
CA ALA C 55 9.40 5.75 -16.42
C ALA C 55 10.63 4.87 -16.23
N LEU C 56 10.43 3.58 -15.96
CA LEU C 56 11.58 2.72 -15.71
C LEU C 56 12.37 2.42 -16.98
N LEU C 57 11.72 2.41 -18.14
CA LEU C 57 12.48 2.24 -19.38
C LEU C 57 13.32 3.48 -19.67
N LEU C 58 12.78 4.67 -19.43
CA LEU C 58 13.59 5.88 -19.54
C LEU C 58 14.79 5.82 -18.60
N LEU C 59 14.53 5.50 -17.33
CA LEU C 59 15.60 5.38 -16.34
C LEU C 59 16.67 4.38 -16.81
N TYR C 60 16.26 3.24 -17.34
CA TYR C 60 17.21 2.21 -17.74
C TYR C 60 18.06 2.66 -18.93
N ARG C 61 17.44 3.34 -19.90
CA ARG C 61 18.19 3.66 -21.12
C ARG C 61 19.04 4.92 -20.97
N TRP C 62 18.52 5.94 -20.30
CA TRP C 62 19.11 7.27 -20.36
C TRP C 62 19.70 7.76 -19.04
N VAL C 63 19.24 7.25 -17.91
CA VAL C 63 19.69 7.79 -16.63
C VAL C 63 20.80 6.94 -16.04
N VAL C 64 20.56 5.64 -15.82
CA VAL C 64 21.58 4.80 -15.16
C VAL C 64 22.92 4.79 -15.88
N PRO C 65 23.00 4.75 -17.22
CA PRO C 65 24.34 4.73 -17.84
C PRO C 65 25.19 5.93 -17.50
N GLU C 66 24.57 7.04 -17.05
CA GLU C 66 25.29 8.29 -16.83
C GLU C 66 25.36 8.67 -15.35
N MET C 67 25.15 7.71 -14.43
CA MET C 67 25.17 7.98 -13.01
C MET C 67 26.54 7.83 -12.36
N GLY C 68 27.52 7.30 -13.09
CA GLY C 68 28.86 7.16 -12.57
C GLY C 68 29.07 5.93 -11.70
N PRO C 69 30.19 5.91 -10.97
CA PRO C 69 30.49 4.77 -10.10
C PRO C 69 29.51 4.67 -8.95
N ARG C 70 29.37 3.46 -8.41
CA ARG C 70 28.54 3.27 -7.25
C ARG C 70 29.20 3.94 -6.04
N PRO C 71 28.41 4.47 -5.11
CA PRO C 71 28.92 5.07 -3.86
C PRO C 71 29.80 4.11 -3.05
N SER C 87 24.07 13.61 -3.12
CA SER C 87 23.08 12.71 -3.78
C SER C 87 22.69 13.31 -5.13
N PRO C 88 23.00 12.64 -6.25
CA PRO C 88 22.72 13.19 -7.59
C PRO C 88 21.29 12.99 -8.05
N ILE C 89 20.43 12.55 -7.12
CA ILE C 89 18.99 12.35 -7.42
C ILE C 89 18.16 12.99 -6.31
N GLU C 90 17.10 13.72 -6.67
CA GLU C 90 16.18 14.24 -5.67
C GLU C 90 14.76 14.05 -6.16
N TYR C 91 13.96 13.30 -5.40
CA TYR C 91 12.57 13.06 -5.78
C TYR C 91 11.68 14.15 -5.22
N SER C 92 10.46 14.24 -5.75
CA SER C 92 9.49 15.18 -5.21
C SER C 92 8.08 14.65 -5.43
N TRP C 93 7.23 14.92 -4.45
CA TRP C 93 5.90 14.34 -4.31
C TRP C 93 4.96 15.51 -4.16
N LYS C 94 4.24 15.84 -5.22
CA LYS C 94 3.31 16.95 -5.23
C LYS C 94 1.92 16.46 -4.85
N TRP C 95 1.33 17.08 -3.82
CA TRP C 95 -0.03 16.77 -3.40
C TRP C 95 -1.02 17.53 -4.27
N ILE C 96 -2.04 16.85 -4.78
CA ILE C 96 -3.01 17.47 -5.68
C ILE C 96 -4.36 17.66 -4.98
N SER C 97 -5.05 18.77 -5.32
CA SER C 97 -6.35 19.08 -4.74
C SER C 97 -7.39 18.11 -5.25
N GLY C 98 -8.47 18.00 -4.48
CA GLY C 98 -9.62 17.23 -4.90
C GLY C 98 -9.52 15.70 -4.93
N ASN C 99 -8.84 15.10 -3.95
CA ASN C 99 -8.75 13.64 -3.83
C ASN C 99 -8.03 13.02 -5.02
N LYS C 100 -7.29 13.82 -5.79
CA LYS C 100 -6.59 13.34 -6.96
C LYS C 100 -5.24 12.71 -6.58
N LYS C 101 -4.64 12.01 -7.53
CA LYS C 101 -3.40 11.29 -7.29
C LYS C 101 -2.22 12.27 -7.19
N PRO C 102 -1.22 11.94 -6.37
CA PRO C 102 -0.01 12.77 -6.31
C PRO C 102 0.74 12.76 -7.63
N GLU C 103 1.58 13.76 -7.82
CA GLU C 103 2.48 13.81 -8.96
C GLU C 103 3.91 13.52 -8.50
N ILE C 104 4.56 12.54 -9.13
CA ILE C 104 5.95 12.14 -8.76
C ILE C 104 6.91 12.74 -9.79
N ARG C 105 7.91 13.46 -9.32
CA ARG C 105 8.90 14.09 -10.21
C ARG C 105 10.29 13.77 -9.69
N TYR C 106 11.31 13.78 -10.54
CA TYR C 106 12.69 13.58 -10.04
C TYR C 106 13.73 14.41 -10.81
N ALA C 107 14.62 15.07 -10.07
CA ALA C 107 15.72 15.80 -10.68
C ALA C 107 17.00 14.96 -10.61
N VAL C 108 17.77 15.02 -11.69
CA VAL C 108 19.00 14.26 -11.86
C VAL C 108 20.10 15.17 -12.41
N GLU C 109 21.31 14.96 -11.88
CA GLU C 109 22.54 15.54 -12.39
C GLU C 109 23.37 14.39 -12.97
N LEU C 110 23.34 14.26 -14.30
CA LEU C 110 24.13 13.24 -14.96
C LEU C 110 25.61 13.58 -14.94
N VAL C 111 26.44 12.55 -15.10
CA VAL C 111 27.88 12.67 -14.93
C VAL C 111 28.60 11.85 -16.00
N ASN C 123 30.03 19.49 -15.76
CA ASN C 123 29.37 18.29 -16.35
C ASN C 123 28.16 18.77 -17.14
N GLN C 124 28.40 19.45 -18.27
CA GLN C 124 27.27 19.99 -18.99
C GLN C 124 26.80 19.12 -20.15
N ILE C 125 27.70 18.37 -20.79
CA ILE C 125 27.34 17.58 -21.95
C ILE C 125 26.39 16.45 -21.56
N PRO C 126 26.49 15.80 -20.38
CA PRO C 126 25.52 14.72 -20.11
C PRO C 126 24.07 15.20 -20.07
N THR C 127 23.81 16.34 -19.43
CA THR C 127 22.43 16.87 -19.39
C THR C 127 21.94 17.22 -20.79
N ARG C 128 22.80 17.87 -21.58
CA ARG C 128 22.48 18.18 -22.98
C ARG C 128 22.13 16.92 -23.77
N ASN C 129 22.97 15.88 -23.66
CA ASN C 129 22.70 14.65 -24.39
C ASN C 129 21.37 14.03 -23.96
N LEU C 130 21.06 14.07 -22.66
CA LEU C 130 19.76 13.52 -22.24
C LEU C 130 18.63 14.28 -22.92
N VAL C 131 18.68 15.60 -22.95
CA VAL C 131 17.56 16.40 -23.50
C VAL C 131 17.41 16.06 -24.97
N TYR C 132 18.52 15.95 -25.66
CA TYR C 132 18.49 15.71 -27.11
C TYR C 132 17.93 14.32 -27.37
N ASN C 133 18.27 13.36 -26.54
CA ASN C 133 17.70 12.03 -26.73
C ASN C 133 16.20 12.06 -26.48
N LEU C 134 15.78 12.69 -25.37
CA LEU C 134 14.35 12.79 -25.08
C LEU C 134 13.63 13.55 -26.19
N ALA C 135 14.23 14.62 -26.71
CA ALA C 135 13.60 15.39 -27.78
C ALA C 135 13.39 14.54 -29.01
N LYS C 136 14.35 13.67 -29.32
CA LYS C 136 14.14 12.74 -30.43
C LYS C 136 12.98 11.80 -30.13
N ILE C 137 12.88 11.32 -28.89
CA ILE C 137 11.89 10.27 -28.61
C ILE C 137 10.49 10.85 -28.43
N ILE C 138 10.34 12.00 -27.79
CA ILE C 138 9.01 12.57 -27.62
C ILE C 138 8.95 13.91 -28.32
N PRO C 139 8.27 13.99 -29.47
CA PRO C 139 8.34 15.21 -30.29
C PRO C 139 7.65 16.42 -29.67
N GLU C 140 6.73 16.21 -28.73
CA GLU C 140 6.07 17.34 -28.09
C GLU C 140 7.04 18.22 -27.32
N LEU C 141 8.28 17.75 -27.10
CA LEU C 141 9.28 18.56 -26.41
C LEU C 141 9.79 19.63 -27.37
N ASP C 142 9.81 20.87 -26.90
CA ASP C 142 10.25 22.00 -27.70
C ASP C 142 11.52 22.56 -27.07
N LEU C 143 12.58 22.70 -27.86
CA LEU C 143 13.88 23.11 -27.27
C LEU C 143 14.29 24.49 -27.75
N THR C 144 13.34 25.34 -28.13
CA THR C 144 13.68 26.70 -28.61
C THR C 144 14.33 27.47 -27.47
N TRP C 145 13.64 27.57 -26.33
CA TRP C 145 14.15 28.32 -25.17
C TRP C 145 15.29 27.55 -24.53
N PHE C 146 15.23 26.23 -24.60
CA PHE C 146 16.37 25.45 -24.09
C PHE C 146 17.58 25.94 -24.86
N GLU C 147 17.46 26.03 -26.19
CA GLU C 147 18.66 26.40 -26.92
C GLU C 147 19.06 27.84 -26.60
N HIS C 148 18.07 28.73 -26.52
CA HIS C 148 18.35 30.14 -26.23
C HIS C 148 19.04 30.30 -24.88
N PHE C 149 18.45 29.73 -23.83
CA PHE C 149 19.03 29.93 -22.51
C PHE C 149 20.36 29.20 -22.37
N TRP C 150 20.53 28.07 -23.05
CA TRP C 150 21.84 27.44 -23.05
C TRP C 150 22.90 28.37 -23.64
N HIS C 151 22.62 28.95 -24.82
CA HIS C 151 23.58 29.86 -25.44
C HIS C 151 23.87 31.05 -24.52
N GLU C 152 22.84 31.59 -23.86
CA GLU C 152 23.02 32.79 -23.06
C GLU C 152 23.70 32.53 -21.72
N LEU C 153 23.50 31.36 -21.11
CA LEU C 153 24.00 31.13 -19.75
C LEU C 153 25.21 30.20 -19.68
N LEU C 154 25.39 29.29 -20.62
CA LEU C 154 26.51 28.37 -20.59
C LEU C 154 27.33 28.40 -21.88
N GLY C 155 26.81 29.02 -22.94
CA GLY C 155 27.45 29.10 -24.22
C GLY C 155 28.37 30.31 -24.29
N PRO C 156 28.45 30.94 -25.48
CA PRO C 156 29.30 32.11 -25.75
C PRO C 156 28.98 33.30 -24.85
N THR C 172 26.41 23.39 -13.01
CA THR C 172 25.76 24.52 -13.67
C THR C 172 24.48 24.18 -14.40
N VAL C 173 24.14 22.90 -14.58
CA VAL C 173 22.94 22.53 -15.30
C VAL C 173 22.50 21.14 -14.84
N PHE C 174 21.18 20.95 -14.69
CA PHE C 174 20.66 19.59 -14.48
C PHE C 174 19.20 19.54 -14.93
N ALA C 175 18.66 18.30 -15.01
CA ALA C 175 17.34 18.11 -15.59
C ALA C 175 16.39 17.45 -14.60
N ALA C 176 15.09 17.58 -14.85
CA ALA C 176 14.08 16.96 -14.00
C ALA C 176 12.98 16.38 -14.88
N LEU C 177 12.57 15.17 -14.56
CA LEU C 177 11.48 14.49 -15.25
C LEU C 177 10.24 14.55 -14.37
N GLU C 178 9.14 15.09 -14.92
CA GLU C 178 7.88 15.23 -14.21
C GLU C 178 6.88 14.30 -14.86
N MET C 179 6.41 13.29 -14.10
CA MET C 179 5.42 12.35 -14.61
C MET C 179 4.03 12.88 -14.28
N LEU C 180 3.32 13.41 -15.28
CA LEU C 180 2.06 14.11 -15.03
C LEU C 180 0.83 13.24 -15.30
N HIS C 181 0.86 11.94 -15.00
CA HIS C 181 -0.31 11.09 -15.18
C HIS C 181 -0.92 11.24 -16.57
N GLY C 182 -0.31 10.62 -17.56
CA GLY C 182 -0.79 10.72 -18.92
C GLY C 182 0.32 11.09 -19.89
N HIS C 183 1.17 12.01 -19.47
CA HIS C 183 2.30 12.42 -20.29
C HIS C 183 3.49 12.75 -19.39
N LEU C 184 4.61 13.02 -20.04
CA LEU C 184 5.87 13.34 -19.40
C LEU C 184 6.29 14.74 -19.77
N SER C 185 6.65 15.56 -18.78
CA SER C 185 7.23 16.86 -19.03
C SER C 185 8.67 16.88 -18.54
N VAL C 186 9.50 17.71 -19.16
CA VAL C 186 10.90 17.81 -18.80
C VAL C 186 11.18 19.25 -18.41
N LYS C 187 11.97 19.42 -17.34
CA LYS C 187 12.32 20.73 -16.83
C LYS C 187 13.84 20.82 -16.76
N VAL C 188 14.38 22.00 -17.04
CA VAL C 188 15.82 22.20 -17.06
C VAL C 188 16.18 23.35 -16.13
N TYR C 189 17.20 23.14 -15.31
CA TYR C 189 17.68 24.11 -14.34
C TYR C 189 19.07 24.55 -14.77
N PHE C 190 19.24 25.86 -14.92
CA PHE C 190 20.50 26.52 -15.25
C PHE C 190 21.02 27.22 -14.01
N ILE C 191 22.26 26.92 -13.65
CA ILE C 191 22.94 27.57 -12.53
C ILE C 191 24.12 28.36 -13.07
N PRO C 192 23.94 29.66 -13.36
CA PRO C 192 25.02 30.45 -13.95
C PRO C 192 26.23 30.51 -13.02
N VAL C 193 27.40 30.58 -13.63
CA VAL C 193 28.64 30.78 -12.89
C VAL C 193 28.79 32.26 -12.58
N GLU C 194 29.06 32.59 -11.32
CA GLU C 194 29.07 33.98 -10.90
C GLU C 194 30.48 34.54 -11.00
N THR C 195 30.59 35.77 -11.46
CA THR C 195 31.82 36.54 -11.52
C THR C 195 31.66 37.80 -10.68
N PRO C 196 32.77 38.40 -10.23
CA PRO C 196 32.64 39.65 -9.45
C PRO C 196 31.93 40.76 -10.19
N ASP C 197 31.94 40.76 -11.52
CA ASP C 197 31.34 41.83 -12.30
C ASP C 197 29.99 41.47 -12.92
N PHE C 198 29.68 40.17 -12.97
CA PHE C 198 28.38 39.70 -13.54
C PHE C 198 27.70 38.77 -12.55
N SER C 199 26.56 39.21 -12.01
CA SER C 199 25.82 38.41 -11.01
C SER C 199 24.95 37.40 -11.71
N ALA C 200 24.67 36.28 -11.04
CA ALA C 200 23.72 35.32 -11.62
C ALA C 200 22.43 36.07 -11.91
N TRP C 201 21.99 36.93 -10.99
CA TRP C 201 20.72 37.59 -11.24
C TRP C 201 20.78 38.46 -12.49
N HIS C 202 21.85 39.23 -12.68
CA HIS C 202 21.98 40.03 -13.89
C HIS C 202 21.96 39.15 -15.13
N GLN C 203 22.70 38.05 -15.12
CA GLN C 203 22.74 37.17 -16.28
C GLN C 203 21.37 36.61 -16.59
N ILE C 204 20.63 36.20 -15.56
CA ILE C 204 19.30 35.64 -15.78
C ILE C 204 18.35 36.71 -16.32
N LYS C 205 18.42 37.92 -15.77
CA LYS C 205 17.58 39.01 -16.25
C LYS C 205 17.88 39.34 -17.70
N HIS C 206 19.17 39.40 -18.06
CA HIS C 206 19.53 39.72 -19.44
C HIS C 206 19.13 38.59 -20.38
N ALA C 207 19.26 37.34 -19.96
CA ALA C 207 18.80 36.23 -20.78
C ALA C 207 17.30 36.31 -21.04
N ILE C 208 16.52 36.58 -19.99
CA ILE C 208 15.08 36.70 -20.17
C ILE C 208 14.73 37.89 -21.06
N GLU C 209 15.49 38.98 -20.93
CA GLU C 209 15.23 40.15 -21.75
C GLU C 209 15.59 39.89 -23.21
N ALA C 210 16.52 38.96 -23.46
CA ALA C 210 16.81 38.57 -24.82
C ALA C 210 15.85 37.51 -25.34
N SER C 211 15.09 36.87 -24.44
CA SER C 211 14.18 35.79 -24.83
C SER C 211 13.03 36.29 -25.70
N GLY C 212 12.71 37.59 -25.64
CA GLY C 212 11.60 38.12 -26.40
C GLY C 212 10.26 37.96 -25.72
N LEU C 216 6.71 41.23 -20.44
CA LEU C 216 7.77 40.97 -19.45
C LEU C 216 7.58 41.82 -18.18
N GLU C 217 6.34 42.07 -17.79
CA GLU C 217 6.07 42.92 -16.63
C GLU C 217 6.37 42.19 -15.32
N ALA C 218 6.08 40.89 -15.25
CA ALA C 218 6.29 40.16 -14.00
C ALA C 218 7.77 40.14 -13.61
N LEU C 219 8.65 40.00 -14.60
CA LEU C 219 10.09 40.05 -14.33
C LEU C 219 10.48 41.41 -13.76
N ASN C 220 9.92 42.49 -14.30
CA ASN C 220 10.23 43.82 -13.77
C ASN C 220 9.72 43.98 -12.35
N HIS C 221 8.55 43.42 -12.04
CA HIS C 221 8.05 43.42 -10.66
C HIS C 221 9.04 42.72 -9.73
N VAL C 222 9.52 41.55 -10.15
CA VAL C 222 10.45 40.79 -9.32
C VAL C 222 11.76 41.55 -9.14
N ASP C 223 12.24 42.19 -10.20
CA ASP C 223 13.49 42.95 -10.08
C ASP C 223 13.32 44.13 -9.13
N ALA C 224 12.20 44.84 -9.24
CA ALA C 224 11.91 45.92 -8.31
C ALA C 224 11.91 45.40 -6.87
N TYR C 225 11.24 44.27 -6.64
CA TYR C 225 11.22 43.70 -5.29
C TYR C 225 12.64 43.37 -4.82
N LEU C 226 13.42 42.67 -5.65
CA LEU C 226 14.75 42.22 -5.25
C LEU C 226 15.69 43.40 -4.98
N SER C 227 15.48 44.53 -5.65
CA SER C 227 16.40 45.66 -5.53
C SER C 227 15.98 46.69 -4.50
N SER C 228 14.67 46.87 -4.27
CA SER C 228 14.18 48.02 -3.52
C SER C 228 13.41 47.70 -2.24
N HIS C 229 13.07 46.44 -1.98
CA HIS C 229 12.37 46.07 -0.76
C HIS C 229 13.39 45.61 0.27
N ASP C 230 13.17 46.00 1.53
CA ASP C 230 14.17 45.74 2.57
C ASP C 230 14.47 44.26 2.73
N ASP C 231 13.44 43.42 2.70
CA ASP C 231 13.67 41.99 2.80
C ASP C 231 13.83 41.32 1.44
N GLY C 232 13.33 41.94 0.37
CA GLY C 232 13.65 41.43 -0.95
C GLY C 232 15.14 41.53 -1.27
N ARG C 233 15.83 42.52 -0.68
CA ARG C 233 17.25 42.72 -0.89
C ARG C 233 18.12 41.69 -0.16
N GLN C 234 17.52 40.81 0.65
CA GLN C 234 18.24 39.76 1.35
C GLN C 234 18.20 38.43 0.59
N LEU C 235 17.58 38.40 -0.58
CA LEU C 235 17.49 37.21 -1.42
C LEU C 235 18.63 37.28 -2.45
N ARG C 236 19.22 36.12 -2.73
CA ARG C 236 20.26 36.02 -3.74
C ARG C 236 19.79 35.10 -4.85
N PRO C 237 19.33 35.62 -6.02
CA PRO C 237 19.00 34.75 -7.14
C PRO C 237 20.20 33.92 -7.57
N PHE C 238 19.97 32.66 -7.94
CA PHE C 238 21.08 31.74 -8.28
C PHE C 238 20.71 30.78 -9.39
N MET C 239 19.44 30.73 -9.80
CA MET C 239 19.04 29.67 -10.73
C MET C 239 17.86 30.07 -11.60
N LEU C 240 17.76 29.44 -12.75
CA LEU C 240 16.63 29.63 -13.67
C LEU C 240 16.12 28.28 -14.15
N ALA C 241 14.80 28.08 -14.11
CA ALA C 241 14.17 26.82 -14.50
C ALA C 241 13.14 27.03 -15.61
N ILE C 242 13.15 26.13 -16.60
CA ILE C 242 12.23 26.19 -17.72
C ILE C 242 11.61 24.82 -17.97
N ASP C 243 10.48 24.84 -18.68
CA ASP C 243 9.82 23.65 -19.19
C ASP C 243 10.09 23.52 -20.69
N LEU C 244 10.23 22.27 -21.16
CA LEU C 244 10.49 22.01 -22.58
C LEU C 244 9.18 21.92 -23.37
N VAL C 245 8.42 23.01 -23.33
CA VAL C 245 7.22 23.16 -24.15
C VAL C 245 7.39 24.40 -25.01
N GLU C 246 6.39 24.70 -25.86
CA GLU C 246 6.39 25.95 -26.59
C GLU C 246 6.49 27.12 -25.60
N PRO C 247 7.34 28.12 -25.87
CA PRO C 247 7.58 29.17 -24.87
C PRO C 247 6.33 29.91 -24.40
N ALA C 248 5.27 29.96 -25.22
CA ALA C 248 4.05 30.60 -24.76
C ALA C 248 3.40 29.87 -23.61
N ALA C 249 3.66 28.56 -23.46
CA ALA C 249 3.09 27.78 -22.38
C ALA C 249 4.09 27.43 -21.28
N SER C 250 5.37 27.72 -21.47
CA SER C 250 6.38 27.36 -20.48
C SER C 250 6.49 28.42 -19.39
N ARG C 251 6.81 27.96 -18.19
CA ARG C 251 7.08 28.83 -17.06
C ARG C 251 8.56 29.21 -17.00
N LEU C 252 8.83 30.39 -16.46
CA LEU C 252 10.18 30.86 -16.18
C LEU C 252 10.30 31.04 -14.67
N LYS C 253 10.95 30.10 -14.00
CA LYS C 253 11.07 30.12 -12.55
C LYS C 253 12.46 30.60 -12.16
N ILE C 254 12.52 31.66 -11.36
CA ILE C 254 13.79 32.21 -10.87
C ILE C 254 13.95 31.83 -9.42
N TYR C 255 15.01 31.08 -9.11
CA TYR C 255 15.29 30.61 -7.76
C TYR C 255 16.32 31.51 -7.08
N ALA C 256 16.01 31.87 -5.82
CA ALA C 256 16.80 32.76 -4.98
C ALA C 256 16.83 32.23 -3.55
N ARG C 257 17.98 32.31 -2.90
CA ARG C 257 18.17 31.78 -1.55
C ARG C 257 18.30 32.92 -0.54
N SER C 258 17.97 32.61 0.72
CA SER C 258 18.07 33.60 1.78
C SER C 258 18.43 32.93 3.10
N ASN C 259 19.09 33.71 3.97
CA ASN C 259 19.39 33.31 5.33
C ASN C 259 18.19 33.39 6.26
N GLN C 260 17.06 33.92 5.78
CA GLN C 260 15.89 34.11 6.62
C GLN C 260 15.10 32.83 6.82
N THR C 261 14.45 32.74 7.99
CA THR C 261 13.56 31.64 8.33
C THR C 261 12.27 32.11 8.99
N SER C 262 12.10 33.42 9.19
CA SER C 262 10.85 33.92 9.76
C SER C 262 9.69 33.57 8.86
N PHE C 263 8.58 33.27 9.50
CA PHE C 263 7.35 33.21 8.73
C PHE C 263 6.90 34.60 8.32
N ARG C 264 7.31 35.61 9.09
CA ARG C 264 7.08 36.99 8.69
C ARG C 264 7.79 37.29 7.37
N PHE C 265 9.05 36.84 7.24
CA PHE C 265 9.80 37.05 6.01
C PHE C 265 9.21 36.24 4.84
N VAL C 266 8.91 34.97 5.10
CA VAL C 266 8.36 34.11 4.06
C VAL C 266 7.02 34.65 3.57
N ARG C 267 6.18 35.11 4.50
CA ARG C 267 4.89 35.67 4.13
C ARG C 267 5.08 36.97 3.32
N ASP C 268 6.06 37.80 3.70
CA ASP C 268 6.32 39.00 2.90
C ASP C 268 6.79 38.63 1.50
N VAL C 269 7.61 37.59 1.37
CA VAL C 269 8.07 37.21 0.04
C VAL C 269 6.92 36.67 -0.79
N MET C 270 6.03 35.89 -0.16
CA MET C 270 4.85 35.39 -0.87
C MET C 270 3.98 36.53 -1.37
N THR C 271 3.97 37.65 -0.65
CA THR C 271 3.22 38.80 -1.11
C THR C 271 4.02 39.74 -2.01
N ILE C 272 5.32 39.47 -2.21
CA ILE C 272 6.21 40.35 -2.97
C ILE C 272 6.13 41.77 -2.41
N GLY C 273 6.30 41.89 -1.10
CA GLY C 273 6.22 43.18 -0.43
C GLY C 273 4.83 43.80 -0.41
N GLY C 274 3.80 43.04 -0.74
CA GLY C 274 2.43 43.55 -0.76
C GLY C 274 1.88 43.73 -2.16
N LEU C 275 2.69 43.51 -3.20
CA LEU C 275 2.19 43.58 -4.56
C LEU C 275 1.04 42.60 -4.80
N ARG C 276 1.08 41.47 -4.09
CA ARG C 276 0.01 40.44 -4.21
C ARG C 276 -1.00 40.63 -3.07
N THR C 277 -2.30 40.62 -3.36
CA THR C 277 -3.29 40.98 -2.30
C THR C 277 -4.35 39.91 -2.01
N ASP C 278 -4.76 39.12 -3.00
CA ASP C 278 -5.87 38.15 -2.75
C ASP C 278 -5.29 36.88 -2.17
N LEU C 279 -4.58 36.99 -1.06
CA LEU C 279 -3.87 35.82 -0.55
C LEU C 279 -4.05 35.68 0.95
N ASP C 280 -5.04 36.36 1.53
CA ASP C 280 -5.14 36.39 2.99
C ASP C 280 -5.55 35.03 3.54
N ARG C 281 -6.55 34.40 2.93
CA ARG C 281 -6.97 33.08 3.38
C ARG C 281 -5.89 32.03 3.15
N SER C 282 -5.22 32.08 1.99
CA SER C 282 -4.16 31.13 1.71
C SER C 282 -2.99 31.31 2.66
N ILE C 283 -2.69 32.55 3.05
CA ILE C 283 -1.57 32.75 3.97
C ILE C 283 -1.97 32.36 5.40
N GLU C 284 -3.25 32.48 5.76
CA GLU C 284 -3.68 31.92 7.03
C GLU C 284 -3.46 30.40 7.05
N LYS C 285 -3.88 29.73 5.97
CA LYS C 285 -3.61 28.30 5.86
C LYS C 285 -2.12 28.01 5.90
N PHE C 286 -1.32 28.89 5.32
CA PHE C 286 0.13 28.72 5.31
C PHE C 286 0.70 28.81 6.73
N SER C 287 0.24 29.78 7.53
CA SER C 287 0.71 29.85 8.92
C SER C 287 0.30 28.60 9.69
N ASP C 288 -0.92 28.10 9.44
CA ASP C 288 -1.36 26.86 10.06
C ASP C 288 -0.39 25.73 9.73
N LEU C 289 -0.12 25.54 8.43
CA LEU C 289 0.81 24.51 8.02
C LEU C 289 2.19 24.71 8.62
N TRP C 290 2.64 25.96 8.66
CA TRP C 290 3.97 26.28 9.16
C TRP C 290 4.14 25.83 10.60
N LYS C 291 3.24 26.27 11.46
CA LYS C 291 3.37 25.90 12.86
C LYS C 291 3.07 24.43 13.10
N ARG C 292 2.34 23.79 12.20
CA ARG C 292 1.96 22.39 12.45
C ARG C 292 3.08 21.42 12.09
N ALA C 293 3.81 21.70 11.01
CA ALA C 293 4.82 20.74 10.54
C ALA C 293 6.21 21.13 11.02
N LEU C 294 6.52 22.43 10.96
CA LEU C 294 7.89 22.86 11.32
C LEU C 294 8.01 22.84 12.82
N GLY C 295 6.93 23.21 13.52
CA GLY C 295 6.92 23.13 14.99
C GLY C 295 6.94 24.51 15.63
N LEU C 296 7.61 25.46 15.00
CA LEU C 296 7.74 26.77 15.64
C LEU C 296 6.40 27.51 15.55
N ASP C 297 6.14 28.40 16.50
CA ASP C 297 4.83 29.12 16.53
C ASP C 297 5.04 30.56 16.08
N PRO C 298 4.22 31.10 15.14
CA PRO C 298 4.31 32.49 14.71
C PRO C 298 3.48 33.42 15.60
N SER C 314 21.88 26.91 3.50
CA SER C 314 20.79 26.99 4.47
C SER C 314 19.92 28.23 4.25
N GLY C 315 18.85 28.37 5.02
CA GLY C 315 17.93 29.48 4.80
C GLY C 315 16.75 29.04 3.96
N ALA C 316 15.83 29.98 3.75
CA ALA C 316 14.63 29.68 2.97
C ALA C 316 14.90 29.94 1.50
N VAL C 317 14.35 29.09 0.63
CA VAL C 317 14.58 29.24 -0.81
C VAL C 317 13.25 29.62 -1.46
N PHE C 318 13.33 30.36 -2.56
CA PHE C 318 12.07 30.85 -3.16
C PHE C 318 12.17 30.75 -4.67
N ASN C 319 11.03 30.72 -5.33
CA ASN C 319 11.02 30.73 -6.82
C ASN C 319 9.98 31.75 -7.25
N PHE C 320 10.27 32.40 -8.37
CA PHE C 320 9.35 33.43 -8.90
C PHE C 320 9.01 33.06 -10.34
N ASP C 321 7.74 32.73 -10.60
CA ASP C 321 7.28 32.46 -11.98
C ASP C 321 7.13 33.78 -12.72
N VAL C 322 8.14 34.18 -13.49
CA VAL C 322 8.13 35.48 -14.20
C VAL C 322 7.60 35.29 -15.60
N ALA C 323 6.39 34.77 -15.74
CA ALA C 323 5.82 34.47 -17.07
C ALA C 323 4.54 35.28 -17.27
N GLN C 327 1.12 38.14 -15.51
CA GLN C 327 1.00 39.58 -15.31
C GLN C 327 1.68 40.00 -14.00
N ILE C 328 1.23 39.42 -12.90
CA ILE C 328 1.88 39.55 -11.60
C ILE C 328 2.59 38.22 -11.34
N PRO C 329 3.83 38.22 -10.85
CA PRO C 329 4.57 36.96 -10.71
C PRO C 329 4.01 36.08 -9.60
N GLU C 330 4.26 34.78 -9.73
CA GLU C 330 3.79 33.82 -8.74
C GLU C 330 4.97 33.33 -7.90
N VAL C 331 4.71 32.99 -6.66
CA VAL C 331 5.78 32.70 -5.71
C VAL C 331 5.61 31.30 -5.15
N LYS C 332 6.73 30.58 -5.07
CA LYS C 332 6.78 29.28 -4.41
C LYS C 332 7.89 29.33 -3.37
N ALA C 333 7.58 28.98 -2.13
CA ALA C 333 8.56 29.00 -1.06
C ALA C 333 8.96 27.59 -0.65
N TYR C 334 10.27 27.37 -0.49
CA TYR C 334 10.85 26.09 -0.14
C TYR C 334 11.36 26.23 1.29
N ILE C 335 10.61 25.65 2.20
CA ILE C 335 10.94 25.67 3.64
C ILE C 335 11.88 24.54 3.92
N PRO C 336 13.08 24.79 4.45
CA PRO C 336 14.06 23.73 4.68
C PRO C 336 13.82 22.98 5.97
N VAL C 337 13.08 21.88 5.91
CA VAL C 337 12.67 21.15 7.14
C VAL C 337 13.85 20.74 8.00
N ARG C 338 15.04 20.58 7.44
CA ARG C 338 16.17 20.09 8.27
C ARG C 338 16.42 21.05 9.42
N HIS C 339 16.35 22.34 9.13
CA HIS C 339 16.65 23.36 10.16
C HIS C 339 15.60 23.36 11.25
N TYR C 340 14.35 23.51 10.88
CA TYR C 340 13.27 23.70 11.87
C TYR C 340 12.77 22.43 12.57
N ALA C 341 13.22 21.25 12.21
CA ALA C 341 12.57 20.05 12.80
C ALA C 341 13.53 19.12 13.54
N ASN C 342 12.95 18.15 14.25
CA ASN C 342 13.76 17.24 15.07
C ASN C 342 13.96 15.95 14.28
N ASN C 343 12.89 15.48 13.66
CA ASN C 343 13.00 14.24 12.92
C ASN C 343 12.02 14.28 11.76
N ASP C 344 12.30 13.45 10.75
CA ASP C 344 11.45 13.42 9.57
C ASP C 344 10.04 12.97 9.90
N LEU C 345 9.90 12.03 10.84
CA LEU C 345 8.59 11.48 11.15
C LEU C 345 7.67 12.54 11.71
N GLN C 346 8.20 13.36 12.63
CA GLN C 346 7.40 14.41 13.23
C GLN C 346 6.96 15.40 12.16
N ALA C 347 7.87 15.80 11.28
CA ALA C 347 7.54 16.73 10.22
C ALA C 347 6.49 16.14 9.28
N ALA C 348 6.65 14.88 8.92
CA ALA C 348 5.69 14.25 8.01
C ALA C 348 4.32 14.14 8.66
N LEU C 349 4.28 13.74 9.94
CA LEU C 349 2.99 13.64 10.62
C LEU C 349 2.33 15.02 10.71
N GLY C 350 3.12 16.07 10.89
CA GLY C 350 2.55 17.41 10.90
C GLY C 350 1.97 17.80 9.55
N LEU C 351 2.74 17.57 8.48
CA LEU C 351 2.25 17.86 7.14
C LEU C 351 0.98 17.10 6.83
N ILE C 352 0.92 15.83 7.24
CA ILE C 352 -0.26 15.00 6.98
C ILE C 352 -1.43 15.48 7.82
N GLY C 353 -1.16 15.99 9.03
CA GLY C 353 -2.22 16.59 9.82
C GLY C 353 -2.84 17.78 9.12
N TYR C 354 -2.01 18.66 8.56
CA TYR C 354 -2.54 19.77 7.76
C TYR C 354 -3.38 19.25 6.59
N LEU C 355 -2.81 18.32 5.81
CA LEU C 355 -3.48 17.82 4.62
C LEU C 355 -4.84 17.22 4.96
N GLU C 356 -4.90 16.38 6.00
CA GLU C 356 -6.16 15.74 6.35
C GLU C 356 -7.14 16.73 6.97
N ASP C 357 -6.63 17.77 7.64
CA ASP C 357 -7.52 18.81 8.14
C ASP C 357 -8.12 19.64 7.01
N HIS C 358 -7.53 19.60 5.82
CA HIS C 358 -8.06 20.33 4.67
C HIS C 358 -8.56 19.42 3.56
N GLY C 359 -8.93 18.18 3.89
CA GLY C 359 -9.56 17.28 2.94
C GLY C 359 -8.67 16.71 1.85
N HIS C 360 -7.36 16.60 2.09
CA HIS C 360 -6.45 16.08 1.09
C HIS C 360 -5.57 14.96 1.61
N GLY C 361 -6.17 14.11 2.44
CA GLY C 361 -5.38 13.07 3.06
C GLY C 361 -5.67 11.68 2.50
N GLY C 362 -5.89 11.56 1.19
CA GLY C 362 -6.08 10.24 0.62
C GLY C 362 -4.81 9.40 0.55
N TYR C 363 -3.65 10.04 0.45
CA TYR C 363 -2.40 9.33 0.19
C TYR C 363 -1.39 9.47 1.33
N SER C 364 -1.87 9.58 2.57
CA SER C 364 -0.98 9.75 3.70
C SER C 364 -0.14 8.51 3.95
N GLN C 365 -0.78 7.33 3.98
CA GLN C 365 -0.04 6.08 4.21
C GLN C 365 0.89 5.76 3.05
N SER C 366 0.52 6.12 1.82
CA SER C 366 1.43 5.96 0.71
C SER C 366 2.67 6.85 0.87
N TYR C 367 2.47 8.10 1.33
CA TYR C 367 3.61 8.98 1.57
C TYR C 367 4.50 8.43 2.67
N LEU C 368 3.89 7.91 3.74
CA LEU C 368 4.69 7.34 4.83
C LEU C 368 5.45 6.10 4.37
N ARG C 369 4.84 5.28 3.51
CA ARG C 369 5.55 4.12 2.97
C ARG C 369 6.71 4.56 2.08
N GLY C 370 6.51 5.62 1.30
CA GLY C 370 7.61 6.16 0.52
C GLY C 370 8.75 6.65 1.39
N LEU C 371 8.42 7.35 2.48
CA LEU C 371 9.44 7.82 3.41
C LEU C 371 10.21 6.66 4.02
N ASP C 372 9.49 5.63 4.47
CA ASP C 372 10.13 4.47 5.08
C ASP C 372 11.03 3.76 4.07
N MET C 373 10.62 3.73 2.81
CA MET C 373 11.47 3.16 1.78
C MET C 373 12.73 3.99 1.58
N LEU C 374 12.60 5.32 1.60
CA LEU C 374 13.78 6.15 1.36
C LEU C 374 14.68 6.29 2.58
N ALA C 375 14.14 6.16 3.79
CA ALA C 375 14.86 6.54 4.99
C ALA C 375 15.99 5.56 5.31
N PRO C 376 17.10 6.06 5.84
CA PRO C 376 18.12 5.17 6.41
C PRO C 376 17.54 4.28 7.49
N SER C 377 18.08 3.06 7.59
CA SER C 377 17.56 2.03 8.47
C SER C 377 17.35 2.54 9.90
N GLY C 378 16.10 2.76 10.27
CA GLY C 378 15.73 3.15 11.61
C GLY C 378 16.20 4.53 12.04
N GLN C 379 15.97 5.54 11.20
CA GLN C 379 16.35 6.90 11.53
C GLN C 379 15.27 7.94 11.27
N LEU C 380 14.06 7.53 10.86
CA LEU C 380 12.97 8.49 10.70
C LEU C 380 12.69 9.21 12.02
N ASP C 381 12.79 8.49 13.14
CA ASP C 381 12.46 9.01 14.47
C ASP C 381 13.59 9.83 15.07
N GLN C 382 14.83 9.63 14.63
CA GLN C 382 15.99 10.20 15.28
C GLN C 382 16.62 11.37 14.53
N ALA C 383 16.36 11.51 13.23
CA ALA C 383 17.08 12.51 12.46
C ALA C 383 16.22 13.02 11.31
N THR C 384 16.66 14.14 10.76
CA THR C 384 16.14 14.70 9.52
C THR C 384 17.04 14.30 8.35
N GLY C 385 16.64 14.66 7.14
CA GLY C 385 17.46 14.35 5.99
C GLY C 385 16.69 13.78 4.82
N VAL C 386 15.66 12.97 5.10
CA VAL C 386 14.85 12.40 4.03
C VAL C 386 14.02 13.50 3.37
N GLN C 387 13.24 14.23 4.16
CA GLN C 387 12.52 15.39 3.65
C GLN C 387 13.45 16.58 3.68
N THR C 388 13.76 17.14 2.51
CA THR C 388 14.64 18.30 2.42
C THR C 388 13.87 19.61 2.42
N TYR C 389 12.75 19.67 1.70
CA TYR C 389 11.97 20.89 1.60
C TYR C 389 10.48 20.59 1.61
N PHE C 390 9.71 21.47 2.24
CA PHE C 390 8.27 21.57 2.00
C PHE C 390 8.06 22.82 1.15
N ALA C 391 7.65 22.61 -0.10
CA ALA C 391 7.35 23.71 -1.00
C ALA C 391 5.88 24.06 -0.92
N VAL C 392 5.59 25.36 -0.81
CA VAL C 392 4.24 25.88 -0.66
C VAL C 392 3.99 26.94 -1.73
N ALA C 393 2.82 26.87 -2.35
CA ALA C 393 2.34 27.90 -3.27
C ALA C 393 0.90 28.26 -2.90
N CYS C 394 0.53 29.53 -3.11
CA CYS C 394 -0.80 30.03 -2.77
C CYS C 394 -1.70 30.06 -4.00
N GLN C 395 -2.54 29.02 -4.14
CA GLN C 395 -3.46 28.89 -5.26
C GLN C 395 -4.86 29.32 -4.81
N GLY C 396 -5.22 30.57 -5.11
CA GLY C 396 -6.51 31.10 -4.75
C GLY C 396 -6.76 31.18 -3.25
N GLU C 397 -7.54 30.24 -2.73
CA GLU C 397 -7.78 30.14 -1.30
C GLU C 397 -7.10 28.94 -0.66
N ASP C 398 -6.45 28.09 -1.45
CA ASP C 398 -5.84 26.87 -0.95
C ASP C 398 -4.32 26.90 -1.17
N LEU C 399 -3.65 25.89 -0.62
CA LEU C 399 -2.22 25.74 -0.78
C LEU C 399 -1.91 24.60 -1.73
N SER C 400 -0.79 24.73 -2.42
CA SER C 400 -0.21 23.67 -3.25
C SER C 400 1.07 23.23 -2.55
N LEU C 401 1.15 21.95 -2.19
CA LEU C 401 2.23 21.44 -1.36
C LEU C 401 3.05 20.39 -2.11
N THR C 402 4.35 20.42 -1.88
CA THR C 402 5.26 19.46 -2.48
C THR C 402 6.34 19.07 -1.47
N SER C 403 6.54 17.77 -1.29
CA SER C 403 7.62 17.27 -0.44
C SER C 403 8.81 16.94 -1.33
N TYR C 404 9.99 17.41 -0.96
CA TYR C 404 11.21 17.12 -1.69
C TYR C 404 12.02 16.11 -0.88
N LEU C 405 12.36 14.99 -1.50
CA LEU C 405 12.87 13.82 -0.81
C LEU C 405 14.28 13.48 -1.30
N ASN C 406 15.14 13.15 -0.34
CA ASN C 406 16.52 12.81 -0.62
C ASN C 406 16.78 11.35 -0.24
N PRO C 407 17.23 10.51 -1.17
CA PRO C 407 17.48 9.11 -0.83
C PRO C 407 18.69 8.90 0.06
N GLN C 408 19.59 9.89 0.16
CA GLN C 408 20.73 9.85 1.06
C GLN C 408 21.60 8.61 0.79
N PHE C 409 22.17 8.57 -0.42
CA PHE C 409 23.04 7.45 -0.80
C PHE C 409 24.36 7.51 -0.03
N TYR C 410 24.92 8.71 0.15
CA TYR C 410 26.20 8.90 0.81
C TYR C 410 26.05 9.21 2.31
N ALA C 411 25.07 10.05 2.67
CA ALA C 411 24.88 10.39 4.08
C ALA C 411 24.58 9.16 4.93
N ALA C 412 23.98 8.13 4.33
CA ALA C 412 23.70 6.89 5.06
C ALA C 412 24.40 5.72 4.38
N SER D 11 1.42 5.54 13.87
CA SER D 11 1.16 4.11 13.97
C SER D 11 0.52 3.78 15.34
N VAL D 12 -0.59 3.04 15.29
CA VAL D 12 -1.33 2.71 16.50
C VAL D 12 -0.50 1.84 17.43
N TRP D 13 0.18 0.83 16.86
CA TRP D 13 0.97 -0.06 17.69
C TRP D 13 2.08 0.69 18.41
N LYS D 14 2.73 1.63 17.72
CA LYS D 14 3.80 2.39 18.37
C LYS D 14 3.27 3.18 19.56
N THR D 15 2.09 3.80 19.42
CA THR D 15 1.50 4.52 20.55
C THR D 15 1.22 3.60 21.72
N LEU D 16 0.47 2.51 21.47
CA LEU D 16 0.11 1.62 22.56
C LEU D 16 1.36 1.05 23.23
N ASN D 17 2.39 0.73 22.44
CA ASN D 17 3.60 0.19 23.02
C ASN D 17 4.34 1.23 23.83
N LYS D 18 4.31 2.49 23.38
CA LYS D 18 4.95 3.57 24.12
C LYS D 18 4.31 3.81 25.47
N TRP D 19 2.99 3.63 25.58
CA TRP D 19 2.29 4.00 26.81
C TRP D 19 1.78 2.83 27.65
N LEU D 20 1.61 1.64 27.07
CA LEU D 20 1.18 0.50 27.89
C LEU D 20 2.35 -0.03 28.72
N PRO D 21 2.05 -0.69 29.85
CA PRO D 21 3.13 -1.21 30.71
C PRO D 21 3.94 -2.29 30.02
N PRO D 22 5.26 -2.31 30.26
CA PRO D 22 6.13 -3.25 29.53
C PRO D 22 5.93 -4.70 29.93
N LEU D 23 6.18 -5.59 28.97
CA LEU D 23 5.97 -7.02 29.14
C LEU D 23 7.31 -7.76 29.28
N SER D 24 7.23 -8.99 29.78
CA SER D 24 8.38 -9.88 29.90
C SER D 24 8.82 -10.38 28.52
N ARG D 25 9.98 -11.07 28.51
CA ARG D 25 10.66 -11.38 27.26
C ARG D 25 9.74 -12.12 26.29
N ASP D 26 9.11 -13.20 26.74
CA ASP D 26 8.21 -13.96 25.87
C ASP D 26 7.01 -13.11 25.47
N LYS D 27 6.32 -12.54 26.46
CA LYS D 27 5.13 -11.75 26.15
C LYS D 27 5.48 -10.54 25.30
N ASP D 28 6.62 -9.89 25.58
CA ASP D 28 7.01 -8.74 24.77
C ASP D 28 7.34 -9.16 23.34
N TRP D 29 7.95 -10.33 23.18
CA TRP D 29 8.17 -10.84 21.83
C TRP D 29 6.84 -11.01 21.10
N TRP D 30 5.87 -11.66 21.77
CA TRP D 30 4.57 -11.89 21.14
C TRP D 30 3.87 -10.57 20.83
N TRP D 31 3.97 -9.60 21.72
CA TRP D 31 3.37 -8.29 21.47
C TRP D 31 4.01 -7.62 20.27
N LYS D 32 5.34 -7.51 20.26
CA LYS D 32 6.02 -6.79 19.19
C LYS D 32 6.04 -7.56 17.88
N THR D 33 5.59 -8.81 17.85
CA THR D 33 5.40 -9.50 16.59
C THR D 33 3.96 -9.47 16.10
N LEU D 34 2.99 -9.82 16.97
CA LEU D 34 1.60 -9.91 16.54
C LEU D 34 0.97 -8.53 16.37
N GLY D 35 1.33 -7.57 17.23
CA GLY D 35 0.79 -6.23 17.14
C GLY D 35 0.99 -5.59 15.78
N PRO D 36 2.25 -5.47 15.33
CA PRO D 36 2.49 -4.90 14.01
C PRO D 36 1.79 -5.65 12.88
N GLN D 37 1.73 -6.98 12.95
CA GLN D 37 1.10 -7.74 11.87
C GLN D 37 -0.41 -7.47 11.81
N ILE D 38 -1.09 -7.61 12.93
CA ILE D 38 -2.52 -7.35 12.94
C ILE D 38 -2.80 -5.90 12.58
N ASN D 39 -1.96 -4.97 13.06
CA ASN D 39 -2.16 -3.56 12.76
C ASN D 39 -2.01 -3.29 11.26
N THR D 40 -0.99 -3.89 10.63
CA THR D 40 -0.82 -3.73 9.18
C THR D 40 -1.97 -4.36 8.41
N LEU D 41 -2.44 -5.53 8.85
CA LEU D 41 -3.59 -6.14 8.16
C LEU D 41 -4.82 -5.25 8.26
N LEU D 42 -5.09 -4.72 9.45
CA LEU D 42 -6.25 -3.85 9.63
C LEU D 42 -6.10 -2.55 8.86
N THR D 43 -4.88 -2.01 8.76
CA THR D 43 -4.68 -0.79 8.01
C THR D 43 -4.84 -1.02 6.52
N GLU D 44 -4.33 -2.15 6.01
CA GLU D 44 -4.48 -2.43 4.58
C GLU D 44 -5.92 -2.71 4.22
N ALA D 45 -6.73 -3.14 5.18
CA ALA D 45 -8.16 -3.37 4.92
C ALA D 45 -8.98 -2.13 5.27
N ASP D 46 -8.33 -1.00 5.47
CA ASP D 46 -8.99 0.31 5.73
C ASP D 46 -9.88 0.27 6.97
N TYR D 47 -9.36 -0.25 8.06
CA TYR D 47 -10.13 -0.23 9.32
C TYR D 47 -9.92 1.12 9.99
N ASP D 48 -10.92 1.58 10.71
CA ASP D 48 -10.84 2.89 11.41
C ASP D 48 -9.82 2.82 12.54
N LEU D 49 -9.14 3.93 12.82
CA LEU D 49 -8.07 3.91 13.85
C LEU D 49 -8.65 3.38 15.16
N ASN D 50 -9.89 3.74 15.46
CA ASN D 50 -10.53 3.28 16.73
C ASN D 50 -10.57 1.75 16.74
N GLU D 51 -10.88 1.13 15.61
CA GLU D 51 -10.96 -0.35 15.51
C GLU D 51 -9.56 -0.94 15.59
N ARG D 52 -8.54 -0.23 15.08
CA ARG D 52 -7.16 -0.70 15.18
C ARG D 52 -6.72 -0.58 16.63
N TYR D 53 -7.15 0.46 17.34
CA TYR D 53 -6.85 0.54 18.77
C TYR D 53 -7.54 -0.57 19.55
N GLU D 54 -8.83 -0.82 19.27
CA GLU D 54 -9.55 -1.89 19.96
C GLU D 54 -8.90 -3.24 19.70
N ALA D 55 -8.56 -3.53 18.45
CA ALA D 55 -7.95 -4.81 18.13
C ALA D 55 -6.64 -5.00 18.89
N LEU D 56 -5.76 -3.99 18.87
CA LEU D 56 -4.48 -4.19 19.52
C LEU D 56 -4.60 -4.19 21.04
N LEU D 57 -5.57 -3.47 21.62
CA LEU D 57 -5.77 -3.55 23.06
C LEU D 57 -6.29 -4.93 23.47
N LEU D 58 -7.21 -5.49 22.69
CA LEU D 58 -7.63 -6.86 22.93
C LEU D 58 -6.44 -7.82 22.86
N LEU D 59 -5.64 -7.71 21.79
CA LEU D 59 -4.46 -8.56 21.67
C LEU D 59 -3.54 -8.41 22.87
N TYR D 60 -3.32 -7.19 23.34
CA TYR D 60 -2.40 -6.95 24.44
C TYR D 60 -2.92 -7.56 25.74
N ARG D 61 -4.22 -7.44 26.00
CA ARG D 61 -4.72 -7.88 27.30
C ARG D 61 -5.00 -9.37 27.34
N TRP D 62 -5.54 -9.95 26.27
CA TRP D 62 -6.12 -11.28 26.34
C TRP D 62 -5.37 -12.34 25.54
N VAL D 63 -4.67 -11.95 24.48
CA VAL D 63 -4.02 -12.92 23.60
C VAL D 63 -2.56 -13.10 23.95
N VAL D 64 -1.80 -12.01 24.00
CA VAL D 64 -0.36 -12.03 24.25
C VAL D 64 0.00 -12.77 25.53
N PRO D 65 -0.70 -12.58 26.66
CA PRO D 65 -0.32 -13.32 27.87
C PRO D 65 -0.42 -14.82 27.73
N GLU D 66 -1.19 -15.34 26.78
CA GLU D 66 -1.44 -16.78 26.67
C GLU D 66 -0.84 -17.37 25.41
N MET D 67 0.15 -16.73 24.81
CA MET D 67 0.75 -17.26 23.59
C MET D 67 1.91 -18.20 23.86
N GLY D 68 2.35 -18.35 25.11
CA GLY D 68 3.41 -19.26 25.44
C GLY D 68 4.79 -18.72 25.17
N PRO D 69 5.80 -19.60 25.21
CA PRO D 69 7.17 -19.16 24.97
C PRO D 69 7.38 -18.70 23.54
N ARG D 70 8.35 -17.79 23.37
CA ARG D 70 8.71 -17.30 22.06
C ARG D 70 9.40 -18.41 21.27
N PRO D 71 9.28 -18.41 19.92
CA PRO D 71 10.01 -19.35 19.07
C PRO D 71 11.52 -19.32 19.30
N SER D 87 2.47 -22.98 13.94
CA SER D 87 2.23 -21.60 14.35
C SER D 87 0.88 -21.56 15.06
N PRO D 88 0.77 -20.92 16.23
CA PRO D 88 -0.49 -20.92 16.97
C PRO D 88 -1.47 -19.80 16.60
N ILE D 89 -1.22 -19.07 15.52
CA ILE D 89 -2.13 -18.03 15.04
C ILE D 89 -2.30 -18.21 13.53
N GLU D 90 -3.51 -17.96 13.04
CA GLU D 90 -3.78 -18.00 11.61
C GLU D 90 -4.64 -16.82 11.22
N TYR D 91 -4.15 -15.99 10.29
CA TYR D 91 -4.97 -14.88 9.84
C TYR D 91 -5.87 -15.29 8.69
N SER D 92 -6.88 -14.49 8.44
CA SER D 92 -7.74 -14.74 7.30
C SER D 92 -8.32 -13.42 6.80
N TRP D 93 -8.28 -13.29 5.47
CA TRP D 93 -8.74 -12.08 4.75
C TRP D 93 -9.93 -12.45 3.88
N LYS D 94 -11.12 -11.99 4.23
CA LYS D 94 -12.33 -12.28 3.48
C LYS D 94 -12.57 -11.16 2.46
N TRP D 95 -12.65 -11.53 1.19
CA TRP D 95 -12.93 -10.56 0.14
C TRP D 95 -14.42 -10.33 0.05
N ILE D 96 -14.83 -9.07 0.04
CA ILE D 96 -16.24 -8.70 0.00
C ILE D 96 -16.55 -8.08 -1.36
N SER D 97 -17.73 -8.41 -1.88
CA SER D 97 -18.14 -7.91 -3.19
C SER D 97 -18.45 -6.42 -3.15
N GLY D 98 -18.49 -5.82 -4.33
CA GLY D 98 -18.92 -4.43 -4.47
C GLY D 98 -17.96 -3.38 -3.96
N ASN D 99 -16.66 -3.58 -4.15
CA ASN D 99 -15.65 -2.58 -3.82
C ASN D 99 -15.60 -2.27 -2.32
N LYS D 100 -16.13 -3.14 -1.48
CA LYS D 100 -16.14 -2.96 -0.04
C LYS D 100 -14.81 -3.39 0.57
N LYS D 101 -14.62 -3.03 1.83
CA LYS D 101 -13.38 -3.32 2.52
C LYS D 101 -13.31 -4.81 2.85
N PRO D 102 -12.11 -5.40 2.80
CA PRO D 102 -11.96 -6.79 3.23
C PRO D 102 -12.24 -6.91 4.72
N GLU D 103 -12.61 -8.11 5.15
CA GLU D 103 -12.80 -8.39 6.57
C GLU D 103 -11.61 -9.17 7.09
N ILE D 104 -11.00 -8.68 8.15
CA ILE D 104 -9.79 -9.32 8.72
C ILE D 104 -10.19 -10.12 9.96
N ARG D 105 -9.80 -11.38 10.00
CA ARG D 105 -10.15 -12.28 11.11
C ARG D 105 -8.89 -13.02 11.55
N TYR D 106 -8.84 -13.48 12.80
CA TYR D 106 -7.68 -14.32 13.24
C TYR D 106 -8.11 -15.41 14.20
N ALA D 107 -7.67 -16.63 13.93
CA ALA D 107 -7.89 -17.73 14.86
C ALA D 107 -6.65 -17.95 15.70
N VAL D 108 -6.86 -18.25 16.98
CA VAL D 108 -5.78 -18.41 17.93
C VAL D 108 -6.03 -19.65 18.78
N GLU D 109 -4.95 -20.38 19.04
CA GLU D 109 -4.87 -21.47 19.99
C GLU D 109 -3.99 -20.96 21.13
N LEU D 110 -4.63 -20.51 22.21
CA LEU D 110 -3.90 -20.06 23.38
C LEU D 110 -3.37 -21.27 24.15
N VAL D 111 -2.32 -21.04 24.95
CA VAL D 111 -1.65 -22.13 25.65
C VAL D 111 -1.24 -21.67 27.04
N SER D 112 -0.92 -22.64 27.89
CA SER D 112 -0.53 -22.39 29.27
C SER D 112 0.45 -23.48 29.70
N PRO D 113 1.29 -23.21 30.71
CA PRO D 113 2.19 -24.25 31.20
C PRO D 113 1.49 -25.50 31.72
N LEU D 114 0.17 -25.47 31.84
CA LEU D 114 -0.60 -26.65 32.24
C LEU D 114 -0.97 -27.53 31.05
N ALA D 115 -0.74 -27.06 29.83
CA ALA D 115 -1.04 -27.87 28.65
C ALA D 115 -0.26 -29.17 28.70
N GLY D 116 -0.97 -30.29 28.77
CA GLY D 116 -0.37 -31.59 28.90
C GLY D 116 -0.35 -32.11 30.31
N SER D 117 -0.45 -31.22 31.31
CA SER D 117 -0.51 -31.62 32.70
C SER D 117 -1.82 -32.32 33.02
N LYS D 118 -1.87 -32.93 34.20
CA LYS D 118 -3.13 -33.50 34.66
C LYS D 118 -4.13 -32.42 35.05
N GLN D 119 -3.70 -31.16 35.12
CA GLN D 119 -4.60 -30.05 35.45
C GLN D 119 -5.30 -29.49 34.22
N ASP D 120 -4.83 -29.81 33.02
CA ASP D 120 -5.49 -29.44 31.77
C ASP D 120 -4.86 -30.22 30.61
N PRO D 121 -5.14 -31.52 30.48
CA PRO D 121 -4.42 -32.33 29.48
C PRO D 121 -4.71 -31.94 28.04
N PHE D 122 -5.82 -31.26 27.74
CA PHE D 122 -6.19 -30.96 26.36
C PHE D 122 -6.22 -29.47 26.08
N ASN D 123 -5.59 -28.66 26.94
CA ASN D 123 -5.35 -27.24 26.67
C ASN D 123 -6.66 -26.48 26.46
N GLN D 124 -7.52 -26.52 27.48
CA GLN D 124 -8.85 -25.92 27.36
C GLN D 124 -9.04 -24.64 28.16
N ILE D 125 -8.29 -24.44 29.24
CA ILE D 125 -8.51 -23.31 30.14
C ILE D 125 -8.26 -21.93 29.51
N PRO D 126 -7.20 -21.72 28.72
CA PRO D 126 -6.99 -20.36 28.20
C PRO D 126 -8.11 -19.90 27.28
N THR D 127 -8.60 -20.78 26.38
CA THR D 127 -9.69 -20.40 25.50
C THR D 127 -10.97 -20.11 26.27
N ARG D 128 -11.31 -20.96 27.24
CA ARG D 128 -12.50 -20.73 28.05
C ARG D 128 -12.41 -19.39 28.78
N ASN D 129 -11.25 -19.11 29.40
CA ASN D 129 -11.07 -17.86 30.12
C ASN D 129 -11.21 -16.67 29.18
N LEU D 130 -10.63 -16.77 27.98
CA LEU D 130 -10.76 -15.72 26.98
C LEU D 130 -12.23 -15.49 26.63
N VAL D 131 -12.97 -16.58 26.39
CA VAL D 131 -14.35 -16.46 25.96
C VAL D 131 -15.19 -15.79 27.04
N TYR D 132 -14.96 -16.16 28.30
CA TYR D 132 -15.79 -15.59 29.36
C TYR D 132 -15.45 -14.12 29.60
N ASN D 133 -14.17 -13.75 29.53
CA ASN D 133 -13.83 -12.33 29.63
C ASN D 133 -14.44 -11.52 28.48
N LEU D 134 -14.33 -12.03 27.26
CA LEU D 134 -14.97 -11.32 26.15
C LEU D 134 -16.47 -11.18 26.38
N ALA D 135 -17.09 -12.21 26.96
CA ALA D 135 -18.53 -12.15 27.25
C ALA D 135 -18.86 -11.04 28.25
N LYS D 136 -17.99 -10.82 29.24
CA LYS D 136 -18.23 -9.65 30.11
C LYS D 136 -18.07 -8.34 29.35
N ILE D 137 -17.03 -8.21 28.53
CA ILE D 137 -16.80 -6.89 27.97
C ILE D 137 -17.77 -6.60 26.84
N ILE D 138 -18.18 -7.62 26.08
CA ILE D 138 -19.09 -7.46 24.97
C ILE D 138 -20.41 -8.15 25.33
N PRO D 139 -21.42 -7.39 25.77
CA PRO D 139 -22.64 -8.05 26.29
C PRO D 139 -23.51 -8.67 25.20
N GLU D 140 -23.34 -8.23 23.96
CA GLU D 140 -24.16 -8.77 22.84
C GLU D 140 -23.85 -10.25 22.62
N LEU D 141 -22.69 -10.73 23.08
CA LEU D 141 -22.27 -12.14 22.89
C LEU D 141 -23.21 -13.07 23.66
N ASP D 142 -23.62 -14.18 23.02
CA ASP D 142 -24.48 -15.18 23.69
C ASP D 142 -23.69 -16.48 23.83
N LEU D 143 -23.66 -17.02 25.03
CA LEU D 143 -22.87 -18.21 25.35
C LEU D 143 -23.73 -19.45 25.54
N THR D 144 -25.01 -19.42 25.13
CA THR D 144 -25.89 -20.57 25.36
C THR D 144 -25.40 -21.80 24.60
N TRP D 145 -25.26 -21.69 23.29
CA TRP D 145 -24.75 -22.81 22.49
C TRP D 145 -23.29 -23.08 22.80
N PHE D 146 -22.51 -22.05 23.16
CA PHE D 146 -21.13 -22.29 23.54
C PHE D 146 -21.05 -23.28 24.70
N GLU D 147 -21.78 -23.01 25.78
CA GLU D 147 -21.74 -23.94 26.91
C GLU D 147 -22.42 -25.27 26.58
N HIS D 148 -23.50 -25.26 25.81
CA HIS D 148 -24.12 -26.54 25.46
C HIS D 148 -23.10 -27.44 24.78
N PHE D 149 -22.47 -26.94 23.72
CA PHE D 149 -21.54 -27.78 22.96
C PHE D 149 -20.27 -28.06 23.75
N TRP D 150 -19.83 -27.13 24.59
CA TRP D 150 -18.72 -27.42 25.47
C TRP D 150 -19.03 -28.61 26.36
N HIS D 151 -20.18 -28.58 27.04
CA HIS D 151 -20.53 -29.68 27.92
C HIS D 151 -20.67 -30.98 27.14
N GLU D 152 -21.26 -30.92 25.95
CA GLU D 152 -21.55 -32.16 25.21
C GLU D 152 -20.31 -32.77 24.57
N LEU D 153 -19.35 -31.95 24.14
CA LEU D 153 -18.21 -32.42 23.37
C LEU D 153 -16.91 -32.49 24.17
N LEU D 154 -16.75 -31.66 25.20
CA LEU D 154 -15.51 -31.65 25.96
C LEU D 154 -15.69 -31.85 27.46
N GLY D 155 -16.90 -31.69 27.99
CA GLY D 155 -17.10 -31.80 29.42
C GLY D 155 -17.45 -33.19 29.87
N PRO D 156 -18.13 -33.29 31.02
CA PRO D 156 -18.57 -34.57 31.63
C PRO D 156 -19.57 -35.38 30.80
N GLY D 170 -3.87 -32.39 18.90
CA GLY D 170 -3.22 -31.27 19.54
C GLY D 170 -4.07 -30.67 20.64
N SER D 171 -4.99 -29.78 20.25
CA SER D 171 -5.96 -29.21 21.17
C SER D 171 -7.36 -29.69 20.78
N THR D 172 -8.33 -29.34 21.63
CA THR D 172 -9.71 -29.71 21.39
C THR D 172 -10.62 -28.51 21.15
N VAL D 173 -10.14 -27.30 21.38
CA VAL D 173 -10.96 -26.10 21.23
C VAL D 173 -10.01 -24.92 20.96
N PHE D 174 -10.44 -24.03 20.07
CA PHE D 174 -9.72 -22.77 19.91
C PHE D 174 -10.69 -21.71 19.43
N ALA D 175 -10.25 -20.46 19.47
CA ALA D 175 -11.18 -19.35 19.24
C ALA D 175 -10.72 -18.52 18.05
N ALA D 176 -11.65 -17.74 17.49
CA ALA D 176 -11.34 -16.85 16.39
C ALA D 176 -12.07 -15.54 16.60
N LEU D 177 -11.35 -14.44 16.39
CA LEU D 177 -11.91 -13.11 16.45
C LEU D 177 -12.09 -12.59 15.03
N GLU D 178 -13.31 -12.19 14.69
CA GLU D 178 -13.65 -11.65 13.37
C GLU D 178 -14.01 -10.18 13.57
N MET D 179 -13.19 -9.28 13.02
CA MET D 179 -13.46 -7.85 13.11
C MET D 179 -14.37 -7.44 11.96
N LEU D 180 -15.65 -7.18 12.24
CA LEU D 180 -16.64 -6.96 11.19
C LEU D 180 -16.96 -5.50 10.94
N HIS D 181 -15.96 -4.61 10.98
CA HIS D 181 -16.17 -3.20 10.68
C HIS D 181 -17.34 -2.60 11.46
N GLY D 182 -17.11 -2.30 12.73
CA GLY D 182 -18.16 -1.77 13.58
C GLY D 182 -18.29 -2.54 14.88
N HIS D 183 -18.19 -3.86 14.80
CA HIS D 183 -18.28 -4.68 15.99
C HIS D 183 -17.36 -5.89 15.84
N LEU D 184 -17.27 -6.66 16.91
CA LEU D 184 -16.41 -7.82 16.99
C LEU D 184 -17.28 -9.04 17.15
N SER D 185 -17.04 -10.05 16.32
CA SER D 185 -17.69 -11.34 16.45
C SER D 185 -16.65 -12.35 16.87
N VAL D 186 -17.07 -13.36 17.62
CA VAL D 186 -16.16 -14.41 18.06
C VAL D 186 -16.77 -15.74 17.66
N LYS D 187 -15.92 -16.64 17.17
CA LYS D 187 -16.31 -17.97 16.75
C LYS D 187 -15.47 -18.97 17.52
N VAL D 188 -16.07 -20.10 17.86
CA VAL D 188 -15.40 -21.12 18.67
C VAL D 188 -15.42 -22.43 17.92
N TYR D 189 -14.28 -23.11 17.90
CA TYR D 189 -14.10 -24.37 17.20
C TYR D 189 -13.84 -25.45 18.23
N PHE D 190 -14.66 -26.51 18.19
CA PHE D 190 -14.57 -27.69 19.04
C PHE D 190 -14.05 -28.86 18.22
N ILE D 191 -12.95 -29.47 18.65
CA ILE D 191 -12.38 -30.65 17.97
C ILE D 191 -12.52 -31.85 18.90
N PRO D 192 -13.60 -32.64 18.80
CA PRO D 192 -13.84 -33.73 19.73
C PRO D 192 -12.76 -34.82 19.72
N VAL D 193 -12.51 -35.41 20.88
CA VAL D 193 -11.51 -36.51 20.97
C VAL D 193 -12.24 -37.79 20.58
N GLU D 194 -11.69 -38.51 19.60
CA GLU D 194 -12.38 -39.69 19.07
C GLU D 194 -11.94 -40.97 19.75
N THR D 195 -12.90 -41.77 20.19
CA THR D 195 -12.71 -43.07 20.78
C THR D 195 -13.14 -44.11 19.76
N PRO D 196 -12.64 -45.34 19.85
CA PRO D 196 -13.05 -46.36 18.86
C PRO D 196 -14.55 -46.57 18.80
N ASP D 197 -15.28 -46.26 19.87
CA ASP D 197 -16.71 -46.45 19.98
C ASP D 197 -17.51 -45.16 19.82
N PHE D 198 -16.86 -43.99 19.87
CA PHE D 198 -17.54 -42.69 19.71
C PHE D 198 -16.71 -41.80 18.78
N SER D 199 -17.03 -41.85 17.48
CA SER D 199 -16.35 -41.03 16.49
C SER D 199 -16.68 -39.56 16.69
N ALA D 200 -15.87 -38.69 16.07
CA ALA D 200 -16.13 -37.26 16.11
C ALA D 200 -17.48 -36.92 15.47
N TRP D 201 -17.80 -37.55 14.34
CA TRP D 201 -19.06 -37.28 13.67
C TRP D 201 -20.25 -37.69 14.55
N HIS D 202 -20.14 -38.85 15.19
CA HIS D 202 -21.17 -39.32 16.12
C HIS D 202 -21.43 -38.29 17.22
N GLN D 203 -20.36 -37.83 17.87
CA GLN D 203 -20.51 -36.87 18.95
C GLN D 203 -21.11 -35.56 18.46
N ILE D 204 -20.68 -35.10 17.29
CA ILE D 204 -21.19 -33.83 16.76
C ILE D 204 -22.67 -33.96 16.40
N LYS D 205 -23.06 -35.06 15.76
CA LYS D 205 -24.46 -35.25 15.39
C LYS D 205 -25.35 -35.30 16.62
N HIS D 206 -24.93 -36.04 17.65
CA HIS D 206 -25.74 -36.13 18.86
C HIS D 206 -25.77 -34.80 19.61
N ALA D 207 -24.65 -34.06 19.60
CA ALA D 207 -24.65 -32.74 20.21
C ALA D 207 -25.64 -31.80 19.53
N ILE D 208 -25.64 -31.79 18.19
CA ILE D 208 -26.58 -30.93 17.48
C ILE D 208 -28.01 -31.38 17.70
N GLU D 209 -28.23 -32.69 17.82
CA GLU D 209 -29.59 -33.17 18.05
C GLU D 209 -30.06 -32.79 19.45
N ALA D 210 -29.12 -32.61 20.38
CA ALA D 210 -29.46 -32.10 21.71
C ALA D 210 -29.53 -30.58 21.78
N SER D 211 -29.01 -29.88 20.76
CA SER D 211 -28.94 -28.42 20.82
C SER D 211 -30.32 -27.75 20.83
N GLY D 212 -31.35 -28.43 20.35
CA GLY D 212 -32.67 -27.84 20.26
C GLY D 212 -32.85 -27.03 18.97
N LEU D 216 -34.22 -29.60 11.89
CA LEU D 216 -32.92 -30.24 11.74
C LEU D 216 -32.79 -31.02 10.42
N GLU D 217 -33.42 -30.48 9.36
CA GLU D 217 -33.41 -31.16 8.07
C GLU D 217 -32.04 -31.06 7.41
N ALA D 218 -31.37 -29.91 7.52
CA ALA D 218 -30.06 -29.76 6.86
C ALA D 218 -29.05 -30.74 7.44
N LEU D 219 -29.10 -30.96 8.75
CA LEU D 219 -28.24 -31.97 9.37
C LEU D 219 -28.51 -33.36 8.82
N ASN D 220 -29.77 -33.71 8.64
CA ASN D 220 -30.10 -35.03 8.09
C ASN D 220 -29.64 -35.17 6.65
N HIS D 221 -29.73 -34.07 5.89
CA HIS D 221 -29.21 -34.08 4.52
C HIS D 221 -27.71 -34.37 4.52
N VAL D 222 -26.97 -33.72 5.42
CA VAL D 222 -25.53 -33.93 5.49
C VAL D 222 -25.22 -35.36 5.94
N ASP D 223 -25.99 -35.89 6.89
CA ASP D 223 -25.78 -37.25 7.36
C ASP D 223 -26.01 -38.25 6.24
N ALA D 224 -27.09 -38.08 5.49
CA ALA D 224 -27.35 -38.93 4.34
C ALA D 224 -26.22 -38.87 3.33
N TYR D 225 -25.74 -37.65 3.04
CA TYR D 225 -24.64 -37.50 2.09
C TYR D 225 -23.39 -38.23 2.58
N LEU D 226 -23.01 -38.00 3.84
CA LEU D 226 -21.79 -38.59 4.38
C LEU D 226 -21.87 -40.11 4.47
N SER D 227 -23.07 -40.66 4.63
CA SER D 227 -23.17 -42.11 4.84
C SER D 227 -23.44 -42.91 3.57
N SER D 228 -24.17 -42.34 2.60
CA SER D 228 -24.68 -43.13 1.48
C SER D 228 -24.24 -42.66 0.11
N HIS D 229 -23.56 -41.53 0.02
CA HIS D 229 -23.08 -41.04 -1.27
C HIS D 229 -21.63 -41.48 -1.48
N ASP D 230 -21.31 -41.84 -2.73
CA ASP D 230 -19.98 -42.36 -3.02
C ASP D 230 -18.89 -41.35 -2.66
N ASP D 231 -19.14 -40.07 -2.90
CA ASP D 231 -18.17 -39.02 -2.57
C ASP D 231 -18.36 -38.45 -1.17
N GLY D 232 -19.57 -38.50 -0.62
CA GLY D 232 -19.76 -38.14 0.77
C GLY D 232 -19.05 -39.09 1.72
N ARG D 233 -18.92 -40.36 1.33
CA ARG D 233 -18.27 -41.36 2.17
C ARG D 233 -16.76 -41.18 2.24
N GLN D 234 -16.19 -40.25 1.47
CA GLN D 234 -14.76 -39.96 1.50
C GLN D 234 -14.41 -38.82 2.44
N LEU D 235 -15.40 -38.24 3.10
CA LEU D 235 -15.18 -37.15 4.04
C LEU D 235 -15.15 -37.69 5.47
N ARG D 236 -14.22 -37.17 6.27
CA ARG D 236 -14.11 -37.54 7.68
C ARG D 236 -14.36 -36.29 8.53
N PRO D 237 -15.56 -36.10 9.13
CA PRO D 237 -15.78 -34.96 10.00
C PRO D 237 -14.87 -34.92 11.23
N PHE D 238 -14.39 -33.74 11.62
CA PHE D 238 -13.42 -33.63 12.72
C PHE D 238 -13.66 -32.40 13.60
N MET D 239 -14.51 -31.48 13.16
CA MET D 239 -14.64 -30.20 13.91
C MET D 239 -16.04 -29.63 13.84
N LEU D 240 -16.42 -28.91 14.88
CA LEU D 240 -17.68 -28.17 14.91
C LEU D 240 -17.41 -26.72 15.29
N ALA D 241 -17.97 -25.77 14.54
CA ALA D 241 -17.75 -24.35 14.78
C ALA D 241 -19.07 -23.62 14.97
N ILE D 242 -19.09 -22.70 15.93
CA ILE D 242 -20.26 -21.89 16.25
C ILE D 242 -19.84 -20.43 16.39
N ASP D 243 -20.83 -19.55 16.30
CA ASP D 243 -20.67 -18.14 16.64
C ASP D 243 -21.29 -17.87 18.01
N LEU D 244 -20.69 -16.95 18.76
CA LEU D 244 -21.20 -16.62 20.08
C LEU D 244 -22.29 -15.55 19.96
N VAL D 245 -23.35 -15.92 19.23
CA VAL D 245 -24.55 -15.10 19.13
C VAL D 245 -25.74 -15.94 19.59
N GLU D 246 -26.93 -15.35 19.57
CA GLU D 246 -28.16 -16.07 19.90
C GLU D 246 -28.29 -17.30 19.02
N PRO D 247 -28.63 -18.47 19.59
CA PRO D 247 -28.59 -19.72 18.81
C PRO D 247 -29.46 -19.69 17.56
N ALA D 248 -30.56 -18.94 17.57
CA ALA D 248 -31.40 -18.84 16.38
C ALA D 248 -30.68 -18.15 15.24
N ALA D 249 -29.69 -17.31 15.55
CA ALA D 249 -28.96 -16.55 14.53
C ALA D 249 -27.57 -17.10 14.25
N SER D 250 -27.12 -18.11 15.00
CA SER D 250 -25.79 -18.67 14.84
C SER D 250 -25.78 -19.74 13.76
N ARG D 251 -24.66 -19.82 13.05
CA ARG D 251 -24.45 -20.92 12.12
C ARG D 251 -23.79 -22.09 12.85
N LEU D 252 -24.06 -23.29 12.37
CA LEU D 252 -23.47 -24.53 12.85
C LEU D 252 -22.64 -25.13 11.73
N LYS D 253 -21.32 -25.00 11.82
CA LYS D 253 -20.44 -25.45 10.75
C LYS D 253 -19.81 -26.77 11.14
N ILE D 254 -19.99 -27.80 10.31
CA ILE D 254 -19.37 -29.11 10.53
C ILE D 254 -18.20 -29.24 9.56
N TYR D 255 -16.99 -29.38 10.09
CA TYR D 255 -15.77 -29.47 9.31
C TYR D 255 -15.33 -30.91 9.12
N ALA D 256 -15.01 -31.27 7.87
CA ALA D 256 -14.60 -32.58 7.42
C ALA D 256 -13.44 -32.46 6.42
N ARG D 257 -12.46 -33.35 6.54
CA ARG D 257 -11.26 -33.33 5.71
C ARG D 257 -11.28 -34.48 4.71
N SER D 258 -10.56 -34.29 3.60
CA SER D 258 -10.47 -35.34 2.59
C SER D 258 -9.10 -35.29 1.93
N ASN D 259 -8.64 -36.48 1.52
CA ASN D 259 -7.43 -36.60 0.72
C ASN D 259 -7.63 -36.26 -0.75
N GLN D 260 -8.84 -35.91 -1.14
CA GLN D 260 -9.09 -35.66 -2.59
C GLN D 260 -8.69 -34.23 -2.98
N THR D 261 -8.22 -34.04 -4.23
CA THR D 261 -7.79 -32.71 -4.72
C THR D 261 -8.48 -32.43 -6.08
N SER D 262 -9.37 -33.30 -6.50
CA SER D 262 -10.02 -33.15 -7.82
C SER D 262 -11.04 -32.02 -7.78
N PHE D 263 -11.04 -31.17 -8.81
CA PHE D 263 -12.12 -30.17 -8.86
C PHE D 263 -13.44 -30.93 -9.02
N ARG D 264 -13.45 -32.04 -9.76
CA ARG D 264 -14.70 -32.79 -9.84
C ARG D 264 -15.22 -33.13 -8.45
N PHE D 265 -14.32 -33.61 -7.58
CA PHE D 265 -14.74 -34.00 -6.23
C PHE D 265 -15.16 -32.79 -5.41
N VAL D 266 -14.38 -31.71 -5.48
CA VAL D 266 -14.74 -30.49 -4.76
C VAL D 266 -16.09 -29.98 -5.24
N ARG D 267 -16.33 -30.05 -6.55
CA ARG D 267 -17.61 -29.64 -7.12
C ARG D 267 -18.76 -30.52 -6.61
N ASP D 268 -18.51 -31.84 -6.53
CA ASP D 268 -19.56 -32.75 -6.07
C ASP D 268 -19.90 -32.47 -4.62
N VAL D 269 -18.90 -32.19 -3.79
CA VAL D 269 -19.21 -31.84 -2.40
C VAL D 269 -19.93 -30.50 -2.34
N MET D 270 -19.54 -29.55 -3.21
CA MET D 270 -20.20 -28.25 -3.25
C MET D 270 -21.68 -28.37 -3.60
N THR D 271 -22.04 -29.35 -4.43
CA THR D 271 -23.45 -29.60 -4.76
C THR D 271 -24.11 -30.58 -3.81
N ILE D 272 -23.37 -31.16 -2.88
CA ILE D 272 -23.84 -32.21 -1.97
C ILE D 272 -24.47 -33.35 -2.75
N GLY D 273 -23.73 -33.86 -3.74
CA GLY D 273 -24.18 -34.94 -4.60
C GLY D 273 -25.32 -34.60 -5.54
N GLY D 274 -25.66 -33.32 -5.68
CA GLY D 274 -26.76 -32.90 -6.53
C GLY D 274 -27.98 -32.42 -5.77
N LEU D 275 -27.99 -32.51 -4.44
CA LEU D 275 -29.12 -32.00 -3.65
C LEU D 275 -29.31 -30.51 -3.88
N ARG D 276 -28.24 -29.78 -4.14
CA ARG D 276 -28.27 -28.36 -4.43
C ARG D 276 -28.21 -28.13 -5.93
N THR D 277 -29.11 -27.30 -6.44
CA THR D 277 -29.10 -26.78 -7.80
C THR D 277 -28.95 -25.26 -7.73
N ASP D 278 -29.12 -24.60 -8.88
CA ASP D 278 -28.90 -23.15 -8.99
C ASP D 278 -27.52 -22.77 -8.48
N LEU D 279 -26.54 -23.62 -8.81
CA LEU D 279 -25.15 -23.36 -8.47
C LEU D 279 -24.25 -23.44 -9.70
N ASP D 280 -24.83 -23.44 -10.90
CA ASP D 280 -24.05 -23.71 -12.10
C ASP D 280 -23.13 -22.55 -12.43
N ARG D 281 -23.66 -21.34 -12.32
CA ARG D 281 -22.87 -20.14 -12.66
C ARG D 281 -21.76 -19.98 -11.62
N SER D 282 -22.09 -20.25 -10.36
CA SER D 282 -21.07 -20.19 -9.28
C SER D 282 -19.99 -21.23 -9.53
N ILE D 283 -20.37 -22.45 -9.90
CA ILE D 283 -19.38 -23.54 -10.13
C ILE D 283 -18.53 -23.23 -11.37
N GLU D 284 -19.09 -22.60 -12.40
CA GLU D 284 -18.24 -22.18 -13.51
C GLU D 284 -17.20 -21.16 -13.04
N LYS D 285 -17.65 -20.14 -12.29
CA LYS D 285 -16.70 -19.19 -11.71
C LYS D 285 -15.68 -19.89 -10.82
N PHE D 286 -16.12 -20.92 -10.11
CA PHE D 286 -15.22 -21.69 -9.25
C PHE D 286 -14.13 -22.37 -10.08
N SER D 287 -14.52 -23.00 -11.20
CA SER D 287 -13.52 -23.65 -12.04
C SER D 287 -12.53 -22.63 -12.59
N ASP D 288 -13.03 -21.45 -12.99
CA ASP D 288 -12.15 -20.39 -13.47
C ASP D 288 -11.13 -20.00 -12.41
N LEU D 289 -11.59 -19.70 -11.20
CA LEU D 289 -10.67 -19.34 -10.13
C LEU D 289 -9.69 -20.47 -9.86
N TRP D 290 -10.18 -21.71 -9.90
CA TRP D 290 -9.35 -22.88 -9.63
C TRP D 290 -8.18 -22.94 -10.60
N LYS D 291 -8.47 -22.82 -11.90
CA LYS D 291 -7.42 -22.91 -12.90
C LYS D 291 -6.50 -21.69 -12.84
N ARG D 292 -7.03 -20.55 -12.43
CA ARG D 292 -6.20 -19.31 -12.47
C ARG D 292 -5.16 -19.28 -11.35
N ALA D 293 -5.47 -19.83 -10.18
CA ALA D 293 -4.54 -19.69 -9.04
C ALA D 293 -4.03 -21.03 -8.51
N LEU D 294 -4.47 -22.16 -9.06
CA LEU D 294 -3.96 -23.48 -8.61
C LEU D 294 -3.21 -24.14 -9.78
N SER D 314 -2.62 -34.24 3.95
CA SER D 314 -3.31 -33.03 3.47
C SER D 314 -4.44 -33.42 2.53
N GLY D 315 -5.01 -32.40 1.88
CA GLY D 315 -6.17 -32.57 1.05
C GLY D 315 -7.14 -31.43 1.29
N ALA D 316 -8.27 -31.50 0.59
CA ALA D 316 -9.23 -30.42 0.65
C ALA D 316 -10.15 -30.58 1.86
N VAL D 317 -10.48 -29.45 2.49
CA VAL D 317 -11.33 -29.44 3.67
C VAL D 317 -12.65 -28.79 3.32
N PHE D 318 -13.72 -29.21 4.00
CA PHE D 318 -15.07 -28.69 3.68
C PHE D 318 -15.86 -28.44 4.97
N ASN D 319 -16.71 -27.41 4.97
CA ASN D 319 -17.59 -27.15 6.14
C ASN D 319 -19.04 -27.14 5.65
N PHE D 320 -19.95 -27.71 6.43
CA PHE D 320 -21.38 -27.74 6.08
C PHE D 320 -22.14 -26.95 7.14
N ASP D 321 -22.81 -25.87 6.76
CA ASP D 321 -23.62 -25.11 7.73
C ASP D 321 -24.95 -25.83 7.84
N VAL D 322 -25.22 -26.44 9.00
CA VAL D 322 -26.43 -27.27 9.18
C VAL D 322 -27.41 -26.53 10.09
N ALA D 323 -27.71 -25.28 9.79
CA ALA D 323 -28.66 -24.49 10.59
C ALA D 323 -30.04 -24.51 9.92
N GLN D 327 -32.46 -24.67 5.68
CA GLN D 327 -33.31 -25.67 5.02
C GLN D 327 -32.46 -26.67 4.25
N ILE D 328 -31.68 -26.16 3.30
CA ILE D 328 -30.66 -26.94 2.60
C ILE D 328 -29.30 -26.47 3.14
N PRO D 329 -28.37 -27.38 3.45
CA PRO D 329 -27.11 -26.96 4.05
C PRO D 329 -26.20 -26.25 3.06
N GLU D 330 -25.34 -25.37 3.58
CA GLU D 330 -24.41 -24.65 2.72
C GLU D 330 -23.00 -25.18 2.91
N VAL D 331 -22.19 -25.13 1.85
CA VAL D 331 -20.89 -25.78 1.87
C VAL D 331 -19.81 -24.75 1.56
N LYS D 332 -18.71 -24.82 2.30
CA LYS D 332 -17.53 -24.02 2.03
C LYS D 332 -16.36 -24.96 1.86
N ALA D 333 -15.63 -24.81 0.76
CA ALA D 333 -14.46 -25.65 0.48
C ALA D 333 -13.18 -24.86 0.70
N TYR D 334 -12.22 -25.49 1.36
CA TYR D 334 -10.92 -24.91 1.69
C TYR D 334 -9.92 -25.66 0.83
N ILE D 335 -9.43 -25.00 -0.22
CA ILE D 335 -8.45 -25.56 -1.13
C ILE D 335 -7.06 -25.28 -0.58
N PRO D 336 -6.23 -26.31 -0.35
CA PRO D 336 -4.92 -26.09 0.26
C PRO D 336 -3.85 -25.66 -0.73
N VAL D 337 -3.67 -24.36 -0.89
CA VAL D 337 -2.76 -23.82 -1.94
C VAL D 337 -1.34 -24.38 -1.78
N ARG D 338 -0.93 -24.65 -0.56
CA ARG D 338 0.44 -25.15 -0.28
C ARG D 338 0.84 -26.26 -1.25
N HIS D 339 -0.11 -27.11 -1.66
CA HIS D 339 0.22 -28.29 -2.49
C HIS D 339 0.01 -28.03 -3.99
N TYR D 340 -1.14 -27.49 -4.37
CA TYR D 340 -1.49 -27.30 -5.81
C TYR D 340 -0.75 -26.14 -6.48
N ALA D 341 0.24 -25.53 -5.82
CA ALA D 341 0.89 -24.34 -6.43
C ALA D 341 2.40 -24.37 -6.25
N ASN D 342 3.08 -23.50 -6.97
CA ASN D 342 4.54 -23.51 -6.93
C ASN D 342 5.07 -22.46 -5.95
N ASN D 343 4.41 -21.30 -5.87
CA ASN D 343 4.84 -20.28 -4.93
C ASN D 343 3.67 -19.36 -4.61
N ASP D 344 3.77 -18.69 -3.46
CA ASP D 344 2.69 -17.85 -2.98
C ASP D 344 2.42 -16.67 -3.90
N LEU D 345 3.47 -16.10 -4.52
CA LEU D 345 3.27 -14.92 -5.35
C LEU D 345 2.44 -15.22 -6.58
N GLN D 346 2.75 -16.30 -7.29
CA GLN D 346 1.98 -16.62 -8.48
C GLN D 346 0.53 -16.93 -8.12
N ALA D 347 0.31 -17.68 -7.03
CA ALA D 347 -1.05 -17.99 -6.62
C ALA D 347 -1.81 -16.72 -6.26
N ALA D 348 -1.16 -15.79 -5.55
CA ALA D 348 -1.83 -14.54 -5.19
C ALA D 348 -2.14 -13.72 -6.43
N LEU D 349 -1.22 -13.66 -7.39
CA LEU D 349 -1.50 -12.91 -8.60
C LEU D 349 -2.66 -13.53 -9.37
N GLY D 350 -2.76 -14.86 -9.36
CA GLY D 350 -3.90 -15.50 -10.00
C GLY D 350 -5.21 -15.18 -9.31
N LEU D 351 -5.24 -15.31 -7.98
CA LEU D 351 -6.45 -14.99 -7.23
C LEU D 351 -6.86 -13.54 -7.46
N ILE D 352 -5.89 -12.62 -7.49
CA ILE D 352 -6.19 -11.21 -7.68
C ILE D 352 -6.66 -10.95 -9.10
N GLY D 353 -6.15 -11.70 -10.07
CA GLY D 353 -6.68 -11.60 -11.42
C GLY D 353 -8.13 -12.03 -11.50
N TYR D 354 -8.47 -13.13 -10.84
CA TYR D 354 -9.88 -13.52 -10.78
C TYR D 354 -10.72 -12.41 -10.18
N LEU D 355 -10.30 -11.90 -9.02
CA LEU D 355 -11.07 -10.87 -8.31
C LEU D 355 -11.25 -9.63 -9.18
N GLU D 356 -10.18 -9.17 -9.85
CA GLU D 356 -10.28 -7.97 -10.65
C GLU D 356 -11.08 -8.19 -11.93
N ASP D 357 -11.06 -9.41 -12.48
CA ASP D 357 -11.87 -9.72 -13.65
C ASP D 357 -13.36 -9.79 -13.32
N HIS D 358 -13.71 -9.92 -12.05
CA HIS D 358 -15.10 -9.95 -11.61
C HIS D 358 -15.48 -8.73 -10.79
N GLY D 359 -14.72 -7.64 -10.89
CA GLY D 359 -15.07 -6.40 -10.24
C GLY D 359 -14.85 -6.37 -8.74
N HIS D 360 -13.90 -7.15 -8.23
CA HIS D 360 -13.65 -7.23 -6.79
C HIS D 360 -12.21 -6.87 -6.45
N GLY D 361 -11.60 -5.96 -7.23
CA GLY D 361 -10.17 -5.71 -7.07
C GLY D 361 -9.74 -4.37 -6.52
N GLY D 362 -10.49 -3.83 -5.56
CA GLY D 362 -10.09 -2.58 -4.94
C GLY D 362 -8.88 -2.71 -4.03
N TYR D 363 -8.65 -3.90 -3.47
CA TYR D 363 -7.63 -4.11 -2.45
C TYR D 363 -6.55 -5.11 -2.86
N SER D 364 -6.23 -5.19 -4.15
CA SER D 364 -5.24 -6.15 -4.62
C SER D 364 -3.84 -5.83 -4.11
N GLN D 365 -3.42 -4.57 -4.27
CA GLN D 365 -2.08 -4.16 -3.85
C GLN D 365 -1.94 -4.18 -2.34
N SER D 366 -3.01 -3.87 -1.61
CA SER D 366 -2.99 -4.02 -0.16
C SER D 366 -2.80 -5.48 0.25
N TYR D 367 -3.47 -6.39 -0.45
CA TYR D 367 -3.27 -7.81 -0.18
C TYR D 367 -1.83 -8.23 -0.43
N LEU D 368 -1.24 -7.75 -1.52
CA LEU D 368 0.15 -8.11 -1.81
C LEU D 368 1.10 -7.54 -0.76
N ARG D 369 0.82 -6.33 -0.26
CA ARG D 369 1.63 -5.78 0.82
C ARG D 369 1.50 -6.60 2.09
N GLY D 370 0.28 -7.06 2.39
CA GLY D 370 0.11 -7.93 3.54
C GLY D 370 0.90 -9.22 3.39
N LEU D 371 0.88 -9.80 2.20
CA LEU D 371 1.68 -11.00 1.94
C LEU D 371 3.16 -10.73 2.15
N ASP D 372 3.66 -9.60 1.64
CA ASP D 372 5.07 -9.29 1.80
C ASP D 372 5.41 -9.09 3.27
N MET D 373 4.50 -8.52 4.03
CA MET D 373 4.72 -8.37 5.47
C MET D 373 4.79 -9.73 6.17
N LEU D 374 3.89 -10.65 5.82
CA LEU D 374 3.89 -11.95 6.47
C LEU D 374 4.96 -12.89 5.95
N ALA D 375 5.42 -12.69 4.72
CA ALA D 375 6.28 -13.68 4.08
C ALA D 375 7.69 -13.65 4.68
N PRO D 376 8.33 -14.81 4.79
CA PRO D 376 9.77 -14.82 5.07
C PRO D 376 10.53 -14.00 4.03
N SER D 377 11.62 -13.38 4.48
CA SER D 377 12.38 -12.44 3.64
C SER D 377 12.73 -13.04 2.29
N GLY D 378 12.06 -12.55 1.24
CA GLY D 378 12.35 -12.96 -0.13
C GLY D 378 12.01 -14.39 -0.45
N GLN D 379 10.81 -14.83 -0.08
CA GLN D 379 10.35 -16.18 -0.38
C GLN D 379 8.95 -16.21 -0.97
N LEU D 380 8.33 -15.05 -1.20
CA LEU D 380 7.00 -15.03 -1.79
C LEU D 380 7.00 -15.68 -3.17
N ASP D 381 8.01 -15.36 -3.98
CA ASP D 381 8.10 -15.90 -5.34
C ASP D 381 8.76 -17.28 -5.38
N GLN D 382 9.49 -17.68 -4.34
CA GLN D 382 10.31 -18.89 -4.41
C GLN D 382 9.71 -20.10 -3.69
N ALA D 383 8.76 -19.89 -2.78
CA ALA D 383 8.25 -20.99 -1.96
C ALA D 383 6.79 -20.74 -1.64
N THR D 384 6.12 -21.78 -1.16
CA THR D 384 4.79 -21.66 -0.60
C THR D 384 4.89 -21.60 0.92
N GLY D 385 3.75 -21.39 1.58
CA GLY D 385 3.73 -21.35 3.03
C GLY D 385 2.95 -20.19 3.61
N VAL D 386 3.01 -19.03 2.94
CA VAL D 386 2.28 -17.86 3.44
C VAL D 386 0.79 -18.06 3.29
N GLN D 387 0.32 -18.32 2.08
CA GLN D 387 -1.10 -18.64 1.87
C GLN D 387 -1.31 -20.12 2.12
N THR D 388 -2.11 -20.43 3.13
CA THR D 388 -2.42 -21.83 3.44
C THR D 388 -3.68 -22.29 2.73
N TYR D 389 -4.73 -21.47 2.70
CA TYR D 389 -5.97 -21.94 2.06
C TYR D 389 -6.65 -20.84 1.27
N PHE D 390 -7.27 -21.22 0.15
CA PHE D 390 -8.29 -20.38 -0.48
C PHE D 390 -9.64 -21.02 -0.20
N ALA D 391 -10.46 -20.30 0.55
CA ALA D 391 -11.79 -20.83 0.88
C ALA D 391 -12.81 -20.27 -0.09
N VAL D 392 -13.64 -21.15 -0.60
CA VAL D 392 -14.64 -20.74 -1.62
C VAL D 392 -16.00 -21.19 -1.17
N ALA D 393 -16.98 -20.31 -1.28
CA ALA D 393 -18.38 -20.68 -1.03
C ALA D 393 -19.19 -20.15 -2.20
N CYS D 394 -20.21 -20.88 -2.60
CA CYS D 394 -21.02 -20.50 -3.77
C CYS D 394 -22.24 -19.74 -3.28
N GLN D 395 -22.17 -18.41 -3.36
CA GLN D 395 -23.25 -17.53 -2.92
C GLN D 395 -24.06 -17.12 -4.14
N GLY D 396 -25.18 -17.81 -4.37
CA GLY D 396 -26.05 -17.48 -5.49
C GLY D 396 -25.42 -17.66 -6.85
N GLU D 397 -25.02 -16.57 -7.49
CA GLU D 397 -24.33 -16.60 -8.76
C GLU D 397 -22.86 -16.22 -8.64
N ASP D 398 -22.41 -15.82 -7.45
CA ASP D 398 -21.04 -15.36 -7.27
C ASP D 398 -20.31 -16.26 -6.28
N LEU D 399 -19.01 -16.02 -6.13
CA LEU D 399 -18.18 -16.72 -5.19
C LEU D 399 -17.84 -15.82 -4.01
N SER D 400 -17.71 -16.44 -2.84
CA SER D 400 -17.23 -15.76 -1.65
C SER D 400 -15.86 -16.37 -1.33
N LEU D 401 -14.84 -15.53 -1.29
CA LEU D 401 -13.45 -15.97 -1.18
C LEU D 401 -12.83 -15.48 0.11
N THR D 402 -11.98 -16.32 0.70
CA THR D 402 -11.24 -15.99 1.91
C THR D 402 -9.84 -16.58 1.79
N SER D 403 -8.81 -15.78 2.03
CA SER D 403 -7.45 -16.28 2.07
C SER D 403 -7.09 -16.57 3.53
N TYR D 404 -6.54 -17.76 3.77
CA TYR D 404 -6.07 -18.13 5.09
C TYR D 404 -4.55 -18.12 5.04
N LEU D 405 -3.95 -17.32 5.93
CA LEU D 405 -2.56 -16.91 5.91
C LEU D 405 -1.84 -17.34 7.18
N ASN D 406 -0.62 -17.84 7.00
CA ASN D 406 0.24 -18.31 8.08
C ASN D 406 1.45 -17.42 8.19
N PRO D 407 1.72 -16.80 9.34
CA PRO D 407 2.92 -15.97 9.46
C PRO D 407 4.22 -16.76 9.49
N GLN D 408 4.16 -18.07 9.72
CA GLN D 408 5.31 -18.98 9.67
C GLN D 408 6.43 -18.53 10.60
N PHE D 409 6.12 -18.51 11.91
CA PHE D 409 7.11 -18.12 12.89
C PHE D 409 8.20 -19.16 13.07
N TYR D 410 7.87 -20.43 12.91
CA TYR D 410 8.88 -21.49 13.04
C TYR D 410 9.47 -21.91 11.71
N ALA D 411 8.66 -21.92 10.65
CA ALA D 411 9.13 -22.24 9.31
C ALA D 411 10.11 -21.20 8.81
N TRP E . 3.58 -27.29 -40.72
CA TRP E . 3.85 -28.70 -40.55
C TRP E . 2.59 -29.50 -40.84
O TRP E . 2.61 -30.75 -40.69
CB TRP E . 4.30 -28.95 -39.12
CG TRP E . 3.33 -28.43 -38.06
CD1 TRP E . 3.44 -27.22 -37.39
CD2 TRP E . 2.19 -29.09 -37.58
NE1 TRP E . 2.42 -27.13 -36.54
CE2 TRP E . 1.63 -28.25 -36.64
CE3 TRP E . 1.57 -30.32 -37.89
CZ2 TRP E . 0.44 -28.62 -35.97
CZ3 TRP E . 0.39 -30.70 -37.24
CH2 TRP E . -0.16 -29.83 -36.28
OXT TRP E . 1.54 -28.91 -41.23
#